data_3BZ6
# 
_entry.id   3BZ6 
# 
_audit_conform.dict_name       mmcif_pdbx.dic 
_audit_conform.dict_version    5.397 
_audit_conform.dict_location   http://mmcif.pdb.org/dictionaries/ascii/mmcif_pdbx.dic 
# 
loop_
_database_2.database_id 
_database_2.database_code 
_database_2.pdbx_database_accession 
_database_2.pdbx_DOI 
PDB   3BZ6         pdb_00003bz6 10.2210/pdb3bz6/pdb 
RCSB  RCSB046139   ?            ?                   
WWPDB D_1000046139 ?            ?                   
# 
loop_
_pdbx_audit_revision_history.ordinal 
_pdbx_audit_revision_history.data_content_type 
_pdbx_audit_revision_history.major_revision 
_pdbx_audit_revision_history.minor_revision 
_pdbx_audit_revision_history.revision_date 
1 'Structure model' 1 0 2008-02-05 
2 'Structure model' 1 1 2011-07-13 
3 'Structure model' 1 2 2024-10-30 
# 
_pdbx_audit_revision_details.ordinal             1 
_pdbx_audit_revision_details.revision_ordinal    1 
_pdbx_audit_revision_details.data_content_type   'Structure model' 
_pdbx_audit_revision_details.provider            repository 
_pdbx_audit_revision_details.type                'Initial release' 
_pdbx_audit_revision_details.description         ? 
_pdbx_audit_revision_details.details             ? 
# 
loop_
_pdbx_audit_revision_group.ordinal 
_pdbx_audit_revision_group.revision_ordinal 
_pdbx_audit_revision_group.data_content_type 
_pdbx_audit_revision_group.group 
1 2 'Structure model' Advisory                    
2 2 'Structure model' 'Source and taxonomy'       
3 2 'Structure model' 'Version format compliance' 
4 3 'Structure model' 'Data collection'           
5 3 'Structure model' 'Database references'       
6 3 'Structure model' 'Derived calculations'      
7 3 'Structure model' 'Structure summary'         
# 
loop_
_pdbx_audit_revision_category.ordinal 
_pdbx_audit_revision_category.revision_ordinal 
_pdbx_audit_revision_category.data_content_type 
_pdbx_audit_revision_category.category 
1 3 'Structure model' chem_comp_atom            
2 3 'Structure model' chem_comp_bond            
3 3 'Structure model' database_2                
4 3 'Structure model' pdbx_entry_details        
5 3 'Structure model' pdbx_modification_feature 
6 3 'Structure model' struct_conn               
7 3 'Structure model' struct_ref_seq_dif        
# 
loop_
_pdbx_audit_revision_item.ordinal 
_pdbx_audit_revision_item.revision_ordinal 
_pdbx_audit_revision_item.data_content_type 
_pdbx_audit_revision_item.item 
1 3 'Structure model' '_database_2.pdbx_DOI'                
2 3 'Structure model' '_database_2.pdbx_database_accession' 
3 3 'Structure model' '_struct_conn.pdbx_leaving_atom_flag' 
4 3 'Structure model' '_struct_ref_seq_dif.details'         
# 
_pdbx_database_PDB_obs_spr.id               SPRSDE 
_pdbx_database_PDB_obs_spr.date             2008-02-05 
_pdbx_database_PDB_obs_spr.pdb_id           3BZ6 
_pdbx_database_PDB_obs_spr.replace_pdb_id   2NR3 
_pdbx_database_PDB_obs_spr.details          ? 
# 
_pdbx_database_status.status_code                     REL 
_pdbx_database_status.entry_id                        3BZ6 
_pdbx_database_status.recvd_initial_deposition_date   2008-01-17 
_pdbx_database_status.deposit_site                    RCSB 
_pdbx_database_status.process_site                    RCSB 
_pdbx_database_status.status_code_sf                  REL 
_pdbx_database_status.status_code_mr                  ? 
_pdbx_database_status.SG_entry                        Y 
_pdbx_database_status.pdb_format_compatible           Y 
_pdbx_database_status.status_code_cs                  ? 
_pdbx_database_status.status_code_nmr_data            ? 
_pdbx_database_status.methods_development_category    ? 
# 
_pdbx_database_related.db_name        TargetDB 
_pdbx_database_related.db_id          APC84902 
_pdbx_database_related.details        . 
_pdbx_database_related.content_type   unspecified 
# 
loop_
_audit_author.name 
_audit_author.pdbx_ordinal 
'Tan, K.'                                       1 
'Duggan, E.'                                    2 
'Clancy, S.'                                    3 
'Joachimiak, A.'                                4 
'Midwest Center for Structural Genomics (MCSG)' 5 
# 
_citation.id                        primary 
_citation.title                     
'The crystal structure of a conserved protein of unknown function from Pseudomonas syringae pv. tomato str. DC3000.' 
_citation.journal_abbrev            'To be Published' 
_citation.journal_volume            ? 
_citation.page_first                ? 
_citation.page_last                 ? 
_citation.year                      ? 
_citation.journal_id_ASTM           ? 
_citation.country                   ? 
_citation.journal_id_ISSN           ? 
_citation.journal_id_CSD            0353 
_citation.book_publisher            ? 
_citation.pdbx_database_id_PubMed   ? 
_citation.pdbx_database_id_DOI      ? 
# 
loop_
_citation_author.citation_id 
_citation_author.name 
_citation_author.ordinal 
_citation_author.identifier_ORCID 
primary 'Tan, K.'        1 ? 
primary 'Duggan, E.'     2 ? 
primary 'Clancy, S.'     3 ? 
primary 'Joachimiak, A.' 4 ? 
# 
loop_
_entity.id 
_entity.type 
_entity.src_method 
_entity.pdbx_description 
_entity.formula_weight 
_entity.pdbx_number_of_molecules 
_entity.pdbx_ec 
_entity.pdbx_mutation 
_entity.pdbx_fragment 
_entity.details 
1 polymer man 'UPF0502 protein PSPTO_2686' 20532.506 1  ? ? 'Residues 1-180' ? 
2 water   nat water                        18.015    26 ? ? ?                ? 
# 
_entity_poly.entity_id                      1 
_entity_poly.type                           'polypeptide(L)' 
_entity_poly.nstd_linkage                   no 
_entity_poly.nstd_monomer                   yes 
_entity_poly.pdbx_seq_one_letter_code       
;SNA(MSE)SIESSATPTTPNAEALQLNSTEVRILGCLIEKQATNPETYPLTLNALVIACNQKTSRDPV(MSE)NLTQGQV
GQSLRALEGRGLTRLV(MSE)GSRADRWEHKVDKGLELVPAQVILTGLLLLRGPQTVSELLTRSNR(MSE)HDFEDSEQV
VHQLERLIARGLATLVPRQSGQREDRY(MSE)HLIGDPEDLQD
;
_entity_poly.pdbx_seq_one_letter_code_can   
;SNAMSIESSATPTTPNAEALQLNSTEVRILGCLIEKQATNPETYPLTLNALVIACNQKTSRDPVMNLTQGQVGQSLRALE
GRGLTRLVMGSRADRWEHKVDKGLELVPAQVILTGLLLLRGPQTVSELLTRSNRMHDFEDSEQVVHQLERLIARGLATLV
PRQSGQREDRYMHLIGDPEDLQD
;
_entity_poly.pdbx_strand_id                 A 
_entity_poly.pdbx_target_identifier         APC84902 
# 
_pdbx_entity_nonpoly.entity_id   2 
_pdbx_entity_nonpoly.name        water 
_pdbx_entity_nonpoly.comp_id     HOH 
# 
loop_
_entity_poly_seq.entity_id 
_entity_poly_seq.num 
_entity_poly_seq.mon_id 
_entity_poly_seq.hetero 
1 1   SER n 
1 2   ASN n 
1 3   ALA n 
1 4   MSE n 
1 5   SER n 
1 6   ILE n 
1 7   GLU n 
1 8   SER n 
1 9   SER n 
1 10  ALA n 
1 11  THR n 
1 12  PRO n 
1 13  THR n 
1 14  THR n 
1 15  PRO n 
1 16  ASN n 
1 17  ALA n 
1 18  GLU n 
1 19  ALA n 
1 20  LEU n 
1 21  GLN n 
1 22  LEU n 
1 23  ASN n 
1 24  SER n 
1 25  THR n 
1 26  GLU n 
1 27  VAL n 
1 28  ARG n 
1 29  ILE n 
1 30  LEU n 
1 31  GLY n 
1 32  CYS n 
1 33  LEU n 
1 34  ILE n 
1 35  GLU n 
1 36  LYS n 
1 37  GLN n 
1 38  ALA n 
1 39  THR n 
1 40  ASN n 
1 41  PRO n 
1 42  GLU n 
1 43  THR n 
1 44  TYR n 
1 45  PRO n 
1 46  LEU n 
1 47  THR n 
1 48  LEU n 
1 49  ASN n 
1 50  ALA n 
1 51  LEU n 
1 52  VAL n 
1 53  ILE n 
1 54  ALA n 
1 55  CYS n 
1 56  ASN n 
1 57  GLN n 
1 58  LYS n 
1 59  THR n 
1 60  SER n 
1 61  ARG n 
1 62  ASP n 
1 63  PRO n 
1 64  VAL n 
1 65  MSE n 
1 66  ASN n 
1 67  LEU n 
1 68  THR n 
1 69  GLN n 
1 70  GLY n 
1 71  GLN n 
1 72  VAL n 
1 73  GLY n 
1 74  GLN n 
1 75  SER n 
1 76  LEU n 
1 77  ARG n 
1 78  ALA n 
1 79  LEU n 
1 80  GLU n 
1 81  GLY n 
1 82  ARG n 
1 83  GLY n 
1 84  LEU n 
1 85  THR n 
1 86  ARG n 
1 87  LEU n 
1 88  VAL n 
1 89  MSE n 
1 90  GLY n 
1 91  SER n 
1 92  ARG n 
1 93  ALA n 
1 94  ASP n 
1 95  ARG n 
1 96  TRP n 
1 97  GLU n 
1 98  HIS n 
1 99  LYS n 
1 100 VAL n 
1 101 ASP n 
1 102 LYS n 
1 103 GLY n 
1 104 LEU n 
1 105 GLU n 
1 106 LEU n 
1 107 VAL n 
1 108 PRO n 
1 109 ALA n 
1 110 GLN n 
1 111 VAL n 
1 112 ILE n 
1 113 LEU n 
1 114 THR n 
1 115 GLY n 
1 116 LEU n 
1 117 LEU n 
1 118 LEU n 
1 119 LEU n 
1 120 ARG n 
1 121 GLY n 
1 122 PRO n 
1 123 GLN n 
1 124 THR n 
1 125 VAL n 
1 126 SER n 
1 127 GLU n 
1 128 LEU n 
1 129 LEU n 
1 130 THR n 
1 131 ARG n 
1 132 SER n 
1 133 ASN n 
1 134 ARG n 
1 135 MSE n 
1 136 HIS n 
1 137 ASP n 
1 138 PHE n 
1 139 GLU n 
1 140 ASP n 
1 141 SER n 
1 142 GLU n 
1 143 GLN n 
1 144 VAL n 
1 145 VAL n 
1 146 HIS n 
1 147 GLN n 
1 148 LEU n 
1 149 GLU n 
1 150 ARG n 
1 151 LEU n 
1 152 ILE n 
1 153 ALA n 
1 154 ARG n 
1 155 GLY n 
1 156 LEU n 
1 157 ALA n 
1 158 THR n 
1 159 LEU n 
1 160 VAL n 
1 161 PRO n 
1 162 ARG n 
1 163 GLN n 
1 164 SER n 
1 165 GLY n 
1 166 GLN n 
1 167 ARG n 
1 168 GLU n 
1 169 ASP n 
1 170 ARG n 
1 171 TYR n 
1 172 MSE n 
1 173 HIS n 
1 174 LEU n 
1 175 ILE n 
1 176 GLY n 
1 177 ASP n 
1 178 PRO n 
1 179 GLU n 
1 180 ASP n 
1 181 LEU n 
1 182 GLN n 
1 183 ASP n 
# 
_entity_src_gen.entity_id                          1 
_entity_src_gen.pdbx_src_id                        1 
_entity_src_gen.pdbx_alt_source_flag               sample 
_entity_src_gen.pdbx_seq_type                      ? 
_entity_src_gen.pdbx_beg_seq_num                   ? 
_entity_src_gen.pdbx_end_seq_num                   ? 
_entity_src_gen.gene_src_common_name               ? 
_entity_src_gen.gene_src_genus                     Pseudomonas 
_entity_src_gen.pdbx_gene_src_gene                 PSPTO_2686 
_entity_src_gen.gene_src_species                   'Pseudomonas syringae group genomosp. 3' 
_entity_src_gen.gene_src_strain                    DC3000 
_entity_src_gen.gene_src_tissue                    ? 
_entity_src_gen.gene_src_tissue_fraction           ? 
_entity_src_gen.gene_src_details                   ? 
_entity_src_gen.pdbx_gene_src_fragment             ? 
_entity_src_gen.pdbx_gene_src_scientific_name      'Pseudomonas syringae pv. tomato' 
_entity_src_gen.pdbx_gene_src_ncbi_taxonomy_id     223283 
_entity_src_gen.pdbx_gene_src_variant              ? 
_entity_src_gen.pdbx_gene_src_cell_line            ? 
_entity_src_gen.pdbx_gene_src_atcc                 ? 
_entity_src_gen.pdbx_gene_src_organ                ? 
_entity_src_gen.pdbx_gene_src_organelle            ? 
_entity_src_gen.pdbx_gene_src_cell                 ? 
_entity_src_gen.pdbx_gene_src_cellular_location    ? 
_entity_src_gen.host_org_common_name               ? 
_entity_src_gen.pdbx_host_org_scientific_name      'Escherichia coli BL21' 
_entity_src_gen.pdbx_host_org_ncbi_taxonomy_id     511693 
_entity_src_gen.host_org_genus                     Escherichia 
_entity_src_gen.pdbx_host_org_gene                 ? 
_entity_src_gen.pdbx_host_org_organ                ? 
_entity_src_gen.host_org_species                   'Escherichia coli' 
_entity_src_gen.pdbx_host_org_tissue               ? 
_entity_src_gen.pdbx_host_org_tissue_fraction      ? 
_entity_src_gen.pdbx_host_org_strain               BL21 
_entity_src_gen.pdbx_host_org_variant              ? 
_entity_src_gen.pdbx_host_org_cell_line            ? 
_entity_src_gen.pdbx_host_org_atcc                 ? 
_entity_src_gen.pdbx_host_org_culture_collection   ? 
_entity_src_gen.pdbx_host_org_cell                 ? 
_entity_src_gen.pdbx_host_org_organelle            ? 
_entity_src_gen.pdbx_host_org_cellular_location    ? 
_entity_src_gen.pdbx_host_org_vector_type          Plasmid 
_entity_src_gen.pdbx_host_org_vector               ? 
_entity_src_gen.host_org_details                   ? 
_entity_src_gen.expression_system_id               ? 
_entity_src_gen.plasmid_name                       pMCSG7 
_entity_src_gen.plasmid_details                    ? 
_entity_src_gen.pdbx_description                   ? 
# 
loop_
_chem_comp.id 
_chem_comp.type 
_chem_comp.mon_nstd_flag 
_chem_comp.name 
_chem_comp.pdbx_synonyms 
_chem_comp.formula 
_chem_comp.formula_weight 
ALA 'L-peptide linking' y ALANINE          ? 'C3 H7 N O2'     89.093  
ARG 'L-peptide linking' y ARGININE         ? 'C6 H15 N4 O2 1' 175.209 
ASN 'L-peptide linking' y ASPARAGINE       ? 'C4 H8 N2 O3'    132.118 
ASP 'L-peptide linking' y 'ASPARTIC ACID'  ? 'C4 H7 N O4'     133.103 
CYS 'L-peptide linking' y CYSTEINE         ? 'C3 H7 N O2 S'   121.158 
GLN 'L-peptide linking' y GLUTAMINE        ? 'C5 H10 N2 O3'   146.144 
GLU 'L-peptide linking' y 'GLUTAMIC ACID'  ? 'C5 H9 N O4'     147.129 
GLY 'peptide linking'   y GLYCINE          ? 'C2 H5 N O2'     75.067  
HIS 'L-peptide linking' y HISTIDINE        ? 'C6 H10 N3 O2 1' 156.162 
HOH non-polymer         . WATER            ? 'H2 O'           18.015  
ILE 'L-peptide linking' y ISOLEUCINE       ? 'C6 H13 N O2'    131.173 
LEU 'L-peptide linking' y LEUCINE          ? 'C6 H13 N O2'    131.173 
LYS 'L-peptide linking' y LYSINE           ? 'C6 H15 N2 O2 1' 147.195 
MSE 'L-peptide linking' n SELENOMETHIONINE ? 'C5 H11 N O2 Se' 196.106 
PHE 'L-peptide linking' y PHENYLALANINE    ? 'C9 H11 N O2'    165.189 
PRO 'L-peptide linking' y PROLINE          ? 'C5 H9 N O2'     115.130 
SER 'L-peptide linking' y SERINE           ? 'C3 H7 N O3'     105.093 
THR 'L-peptide linking' y THREONINE        ? 'C4 H9 N O3'     119.119 
TRP 'L-peptide linking' y TRYPTOPHAN       ? 'C11 H12 N2 O2'  204.225 
TYR 'L-peptide linking' y TYROSINE         ? 'C9 H11 N O3'    181.189 
VAL 'L-peptide linking' y VALINE           ? 'C5 H11 N O2'    117.146 
# 
loop_
_pdbx_poly_seq_scheme.asym_id 
_pdbx_poly_seq_scheme.entity_id 
_pdbx_poly_seq_scheme.seq_id 
_pdbx_poly_seq_scheme.mon_id 
_pdbx_poly_seq_scheme.ndb_seq_num 
_pdbx_poly_seq_scheme.pdb_seq_num 
_pdbx_poly_seq_scheme.auth_seq_num 
_pdbx_poly_seq_scheme.pdb_mon_id 
_pdbx_poly_seq_scheme.auth_mon_id 
_pdbx_poly_seq_scheme.pdb_strand_id 
_pdbx_poly_seq_scheme.pdb_ins_code 
_pdbx_poly_seq_scheme.hetero 
A 1 1   SER 1   -2  ?   ?   ?   A . n 
A 1 2   ASN 2   -1  ?   ?   ?   A . n 
A 1 3   ALA 3   0   ?   ?   ?   A . n 
A 1 4   MSE 4   1   ?   ?   ?   A . n 
A 1 5   SER 5   2   ?   ?   ?   A . n 
A 1 6   ILE 6   3   ?   ?   ?   A . n 
A 1 7   GLU 7   4   ?   ?   ?   A . n 
A 1 8   SER 8   5   ?   ?   ?   A . n 
A 1 9   SER 9   6   ?   ?   ?   A . n 
A 1 10  ALA 10  7   ?   ?   ?   A . n 
A 1 11  THR 11  8   ?   ?   ?   A . n 
A 1 12  PRO 12  9   ?   ?   ?   A . n 
A 1 13  THR 13  10  ?   ?   ?   A . n 
A 1 14  THR 14  11  ?   ?   ?   A . n 
A 1 15  PRO 15  12  ?   ?   ?   A . n 
A 1 16  ASN 16  13  13  ASN ASN A . n 
A 1 17  ALA 17  14  14  ALA ALA A . n 
A 1 18  GLU 18  15  15  GLU GLU A . n 
A 1 19  ALA 19  16  16  ALA ALA A . n 
A 1 20  LEU 20  17  17  LEU LEU A . n 
A 1 21  GLN 21  18  18  GLN GLN A . n 
A 1 22  LEU 22  19  19  LEU LEU A . n 
A 1 23  ASN 23  20  20  ASN ASN A . n 
A 1 24  SER 24  21  21  SER SER A . n 
A 1 25  THR 25  22  22  THR THR A . n 
A 1 26  GLU 26  23  23  GLU GLU A . n 
A 1 27  VAL 27  24  24  VAL VAL A . n 
A 1 28  ARG 28  25  25  ARG ARG A . n 
A 1 29  ILE 29  26  26  ILE ILE A . n 
A 1 30  LEU 30  27  27  LEU LEU A . n 
A 1 31  GLY 31  28  28  GLY GLY A . n 
A 1 32  CYS 32  29  29  CYS CYS A . n 
A 1 33  LEU 33  30  30  LEU LEU A . n 
A 1 34  ILE 34  31  31  ILE ILE A . n 
A 1 35  GLU 35  32  32  GLU GLU A . n 
A 1 36  LYS 36  33  33  LYS LYS A . n 
A 1 37  GLN 37  34  34  GLN GLN A . n 
A 1 38  ALA 38  35  35  ALA ALA A . n 
A 1 39  THR 39  36  36  THR THR A . n 
A 1 40  ASN 40  37  37  ASN ASN A . n 
A 1 41  PRO 41  38  38  PRO PRO A . n 
A 1 42  GLU 42  39  39  GLU GLU A . n 
A 1 43  THR 43  40  40  THR THR A . n 
A 1 44  TYR 44  41  41  TYR TYR A . n 
A 1 45  PRO 45  42  42  PRO PRO A . n 
A 1 46  LEU 46  43  43  LEU LEU A . n 
A 1 47  THR 47  44  44  THR THR A . n 
A 1 48  LEU 48  45  45  LEU LEU A . n 
A 1 49  ASN 49  46  46  ASN ASN A . n 
A 1 50  ALA 50  47  47  ALA ALA A . n 
A 1 51  LEU 51  48  48  LEU LEU A . n 
A 1 52  VAL 52  49  49  VAL VAL A . n 
A 1 53  ILE 53  50  50  ILE ILE A . n 
A 1 54  ALA 54  51  51  ALA ALA A . n 
A 1 55  CYS 55  52  52  CYS CYS A . n 
A 1 56  ASN 56  53  53  ASN ASN A . n 
A 1 57  GLN 57  54  54  GLN GLN A . n 
A 1 58  LYS 58  55  55  LYS LYS A . n 
A 1 59  THR 59  56  56  THR THR A . n 
A 1 60  SER 60  57  57  SER SER A . n 
A 1 61  ARG 61  58  58  ARG ARG A . n 
A 1 62  ASP 62  59  59  ASP ASP A . n 
A 1 63  PRO 63  60  60  PRO PRO A . n 
A 1 64  VAL 64  61  61  VAL VAL A . n 
A 1 65  MSE 65  62  62  MSE MSE A . n 
A 1 66  ASN 66  63  63  ASN ASN A . n 
A 1 67  LEU 67  64  64  LEU LEU A . n 
A 1 68  THR 68  65  65  THR THR A . n 
A 1 69  GLN 69  66  66  GLN GLN A . n 
A 1 70  GLY 70  67  67  GLY GLY A . n 
A 1 71  GLN 71  68  68  GLN GLN A . n 
A 1 72  VAL 72  69  69  VAL VAL A . n 
A 1 73  GLY 73  70  70  GLY GLY A . n 
A 1 74  GLN 74  71  71  GLN GLN A . n 
A 1 75  SER 75  72  72  SER SER A . n 
A 1 76  LEU 76  73  73  LEU LEU A . n 
A 1 77  ARG 77  74  74  ARG ARG A . n 
A 1 78  ALA 78  75  75  ALA ALA A . n 
A 1 79  LEU 79  76  76  LEU LEU A . n 
A 1 80  GLU 80  77  77  GLU GLU A . n 
A 1 81  GLY 81  78  78  GLY GLY A . n 
A 1 82  ARG 82  79  79  ARG ARG A . n 
A 1 83  GLY 83  80  80  GLY GLY A . n 
A 1 84  LEU 84  81  81  LEU LEU A . n 
A 1 85  THR 85  82  82  THR THR A . n 
A 1 86  ARG 86  83  83  ARG ARG A . n 
A 1 87  LEU 87  84  84  LEU LEU A . n 
A 1 88  VAL 88  85  85  VAL VAL A . n 
A 1 89  MSE 89  86  86  MSE MSE A . n 
A 1 90  GLY 90  87  87  GLY GLY A . n 
A 1 91  SER 91  88  88  SER SER A . n 
A 1 92  ARG 92  89  89  ARG ARG A . n 
A 1 93  ALA 93  90  90  ALA ALA A . n 
A 1 94  ASP 94  91  91  ASP ASP A . n 
A 1 95  ARG 95  92  92  ARG ARG A . n 
A 1 96  TRP 96  93  93  TRP TRP A . n 
A 1 97  GLU 97  94  94  GLU GLU A . n 
A 1 98  HIS 98  95  95  HIS HIS A . n 
A 1 99  LYS 99  96  96  LYS LYS A . n 
A 1 100 VAL 100 97  97  VAL VAL A . n 
A 1 101 ASP 101 98  98  ASP ASP A . n 
A 1 102 LYS 102 99  99  LYS LYS A . n 
A 1 103 GLY 103 100 100 GLY GLY A . n 
A 1 104 LEU 104 101 101 LEU LEU A . n 
A 1 105 GLU 105 102 102 GLU GLU A . n 
A 1 106 LEU 106 103 103 LEU LEU A . n 
A 1 107 VAL 107 104 104 VAL VAL A . n 
A 1 108 PRO 108 105 105 PRO PRO A . n 
A 1 109 ALA 109 106 106 ALA ALA A . n 
A 1 110 GLN 110 107 107 GLN GLN A . n 
A 1 111 VAL 111 108 108 VAL VAL A . n 
A 1 112 ILE 112 109 109 ILE ILE A . n 
A 1 113 LEU 113 110 110 LEU LEU A . n 
A 1 114 THR 114 111 111 THR THR A . n 
A 1 115 GLY 115 112 112 GLY GLY A . n 
A 1 116 LEU 116 113 113 LEU LEU A . n 
A 1 117 LEU 117 114 114 LEU LEU A . n 
A 1 118 LEU 118 115 115 LEU LEU A . n 
A 1 119 LEU 119 116 116 LEU LEU A . n 
A 1 120 ARG 120 117 117 ARG ARG A . n 
A 1 121 GLY 121 118 118 GLY GLY A . n 
A 1 122 PRO 122 119 119 PRO PRO A . n 
A 1 123 GLN 123 120 120 GLN GLN A . n 
A 1 124 THR 124 121 121 THR THR A . n 
A 1 125 VAL 125 122 122 VAL VAL A . n 
A 1 126 SER 126 123 123 SER SER A . n 
A 1 127 GLU 127 124 124 GLU GLU A . n 
A 1 128 LEU 128 125 125 LEU LEU A . n 
A 1 129 LEU 129 126 126 LEU LEU A . n 
A 1 130 THR 130 127 127 THR THR A . n 
A 1 131 ARG 131 128 128 ARG ARG A . n 
A 1 132 SER 132 129 129 SER SER A . n 
A 1 133 ASN 133 130 130 ASN ASN A . n 
A 1 134 ARG 134 131 131 ARG ARG A . n 
A 1 135 MSE 135 132 132 MSE MSE A . n 
A 1 136 HIS 136 133 133 HIS HIS A . n 
A 1 137 ASP 137 134 134 ASP ASP A . n 
A 1 138 PHE 138 135 135 PHE PHE A . n 
A 1 139 GLU 139 136 136 GLU GLU A . n 
A 1 140 ASP 140 137 137 ASP ASP A . n 
A 1 141 SER 141 138 138 SER SER A . n 
A 1 142 GLU 142 139 139 GLU GLU A . n 
A 1 143 GLN 143 140 140 GLN GLN A . n 
A 1 144 VAL 144 141 141 VAL VAL A . n 
A 1 145 VAL 145 142 142 VAL VAL A . n 
A 1 146 HIS 146 143 143 HIS HIS A . n 
A 1 147 GLN 147 144 144 GLN GLN A . n 
A 1 148 LEU 148 145 145 LEU LEU A . n 
A 1 149 GLU 149 146 146 GLU GLU A . n 
A 1 150 ARG 150 147 147 ARG ARG A . n 
A 1 151 LEU 151 148 148 LEU LEU A . n 
A 1 152 ILE 152 149 149 ILE ILE A . n 
A 1 153 ALA 153 150 150 ALA ALA A . n 
A 1 154 ARG 154 151 151 ARG ARG A . n 
A 1 155 GLY 155 152 152 GLY GLY A . n 
A 1 156 LEU 156 153 153 LEU LEU A . n 
A 1 157 ALA 157 154 154 ALA ALA A . n 
A 1 158 THR 158 155 155 THR THR A . n 
A 1 159 LEU 159 156 156 LEU LEU A . n 
A 1 160 VAL 160 157 157 VAL VAL A . n 
A 1 161 PRO 161 158 158 PRO PRO A . n 
A 1 162 ARG 162 159 159 ARG ARG A . n 
A 1 163 GLN 163 160 160 GLN GLN A . n 
A 1 164 SER 164 161 161 SER SER A . n 
A 1 165 GLY 165 162 162 GLY GLY A . n 
A 1 166 GLN 166 163 163 GLN GLN A . n 
A 1 167 ARG 167 164 164 ARG ARG A . n 
A 1 168 GLU 168 165 165 GLU GLU A . n 
A 1 169 ASP 169 166 166 ASP ASP A . n 
A 1 170 ARG 170 167 167 ARG ARG A . n 
A 1 171 TYR 171 168 168 TYR TYR A . n 
A 1 172 MSE 172 169 169 MSE MSE A . n 
A 1 173 HIS 173 170 170 HIS HIS A . n 
A 1 174 LEU 174 171 171 LEU LEU A . n 
A 1 175 ILE 175 172 172 ILE ILE A . n 
A 1 176 GLY 176 173 173 GLY GLY A . n 
A 1 177 ASP 177 174 174 ASP ASP A . n 
A 1 178 PRO 178 175 175 PRO PRO A . n 
A 1 179 GLU 179 176 176 GLU GLU A . n 
A 1 180 ASP 180 177 177 ASP ASP A . n 
A 1 181 LEU 181 178 178 LEU LEU A . n 
A 1 182 GLN 182 179 179 GLN GLN A . n 
A 1 183 ASP 183 180 180 ASP ASP A . n 
# 
loop_
_pdbx_nonpoly_scheme.asym_id 
_pdbx_nonpoly_scheme.entity_id 
_pdbx_nonpoly_scheme.mon_id 
_pdbx_nonpoly_scheme.ndb_seq_num 
_pdbx_nonpoly_scheme.pdb_seq_num 
_pdbx_nonpoly_scheme.auth_seq_num 
_pdbx_nonpoly_scheme.pdb_mon_id 
_pdbx_nonpoly_scheme.auth_mon_id 
_pdbx_nonpoly_scheme.pdb_strand_id 
_pdbx_nonpoly_scheme.pdb_ins_code 
B 2 HOH 1  181 1  HOH HOH A . 
B 2 HOH 2  182 2  HOH HOH A . 
B 2 HOH 3  183 3  HOH HOH A . 
B 2 HOH 4  184 4  HOH HOH A . 
B 2 HOH 5  185 5  HOH HOH A . 
B 2 HOH 6  186 6  HOH HOH A . 
B 2 HOH 7  187 7  HOH HOH A . 
B 2 HOH 8  188 8  HOH HOH A . 
B 2 HOH 9  189 9  HOH HOH A . 
B 2 HOH 10 190 10 HOH HOH A . 
B 2 HOH 11 191 11 HOH HOH A . 
B 2 HOH 12 192 12 HOH HOH A . 
B 2 HOH 13 193 13 HOH HOH A . 
B 2 HOH 14 194 14 HOH HOH A . 
B 2 HOH 15 195 15 HOH HOH A . 
B 2 HOH 16 196 16 HOH HOH A . 
B 2 HOH 17 197 17 HOH HOH A . 
B 2 HOH 18 198 18 HOH HOH A . 
B 2 HOH 19 199 19 HOH HOH A . 
B 2 HOH 20 200 20 HOH HOH A . 
B 2 HOH 21 201 21 HOH HOH A . 
B 2 HOH 22 202 22 HOH HOH A . 
B 2 HOH 23 203 23 HOH HOH A . 
B 2 HOH 24 204 24 HOH HOH A . 
B 2 HOH 25 205 25 HOH HOH A . 
B 2 HOH 26 206 26 HOH HOH A . 
# 
loop_
_software.name 
_software.classification 
_software.version 
_software.citation_id 
_software.pdbx_ordinal 
REFMAC      refinement        5.2.0019 ? 1 
SBC-Collect 'data collection' .        ? 2 
HKL-3000    'data reduction'  .        ? 3 
HKL-3000    'data scaling'    .        ? 4 
SHELXD      phasing           .        ? 5 
MLPHARE     phasing           .        ? 6 
DM          phasing           .        ? 7 
RESOLVE     phasing           .        ? 8 
HKL-3000    phasing           .        ? 9 
# 
_cell.entry_id           3BZ6 
_cell.length_a           72.025 
_cell.length_b           72.025 
_cell.length_c           73.119 
_cell.angle_alpha        90.00 
_cell.angle_beta         90.00 
_cell.angle_gamma        120.00 
_cell.Z_PDB              6 
_cell.pdbx_unique_axis   ? 
_cell.length_a_esd       ? 
_cell.length_b_esd       ? 
_cell.length_c_esd       ? 
_cell.angle_alpha_esd    ? 
_cell.angle_beta_esd     ? 
_cell.angle_gamma_esd    ? 
# 
_symmetry.entry_id                         3BZ6 
_symmetry.space_group_name_H-M             'P 65' 
_symmetry.pdbx_full_space_group_name_H-M   ? 
_symmetry.cell_setting                     ? 
_symmetry.Int_Tables_number                170 
_symmetry.space_group_name_Hall            ? 
# 
_exptl.entry_id          3BZ6 
_exptl.method            'X-RAY DIFFRACTION' 
_exptl.crystals_number   1 
# 
_exptl_crystal.id                    1 
_exptl_crystal.density_meas          ? 
_exptl_crystal.density_Matthews      2.67 
_exptl_crystal.density_percent_sol   53.87 
_exptl_crystal.description           ? 
_exptl_crystal.F_000                 ? 
_exptl_crystal.preparation           ? 
# 
_exptl_crystal_grow.crystal_id      1 
_exptl_crystal_grow.method          'VAPOR DIFFUSION, SITTING DROP' 
_exptl_crystal_grow.temp            277 
_exptl_crystal_grow.temp_details    ? 
_exptl_crystal_grow.pH              ? 
_exptl_crystal_grow.pdbx_details    
'0.1M Sodium acetate, 20% Isopropanol, 20% PEG 4000, VAPOR DIFFUSION, SITTING DROP, temperature 277K' 
_exptl_crystal_grow.pdbx_pH_range   . 
# 
_diffrn.id                     1 
_diffrn.ambient_temp           100 
_diffrn.ambient_temp_details   ? 
_diffrn.crystal_id             1 
# 
_diffrn_detector.diffrn_id              1 
_diffrn_detector.detector               CCD 
_diffrn_detector.type                   'ADSC QUANTUM 315' 
_diffrn_detector.pdbx_collection_date   2006-08-13 
_diffrn_detector.details                Mirrors 
# 
_diffrn_radiation.diffrn_id                        1 
_diffrn_radiation.wavelength_id                    1 
_diffrn_radiation.pdbx_monochromatic_or_laue_m_l   M 
_diffrn_radiation.monochromator                    'Si 111 Crystal' 
_diffrn_radiation.pdbx_diffrn_protocol             MAD 
_diffrn_radiation.pdbx_scattering_type             x-ray 
# 
loop_
_diffrn_radiation_wavelength.id 
_diffrn_radiation_wavelength.wavelength 
_diffrn_radiation_wavelength.wt 
1 0.97929 1.0 
2 0.97943 1.0 
# 
_diffrn_source.diffrn_id                   1 
_diffrn_source.source                      SYNCHROTRON 
_diffrn_source.type                        'APS BEAMLINE 19-ID' 
_diffrn_source.pdbx_synchrotron_site       APS 
_diffrn_source.pdbx_synchrotron_beamline   19-ID 
_diffrn_source.pdbx_wavelength             ? 
_diffrn_source.pdbx_wavelength_list        '0.97929, 0.97943' 
# 
_reflns.entry_id                     3BZ6 
_reflns.observed_criterion_sigma_F   0 
_reflns.observed_criterion_sigma_I   0 
_reflns.d_resolution_high            2.20 
_reflns.d_resolution_low             31.54 
_reflns.number_all                   10229 
_reflns.number_obs                   10229 
_reflns.percent_possible_obs         93.1 
_reflns.pdbx_Rmerge_I_obs            0.091 
_reflns.pdbx_Rsym_value              ? 
_reflns.pdbx_netI_over_sigmaI        46.0 
_reflns.B_iso_Wilson_estimate        ? 
_reflns.pdbx_redundancy              13.2 
_reflns.R_free_details               ? 
_reflns.limit_h_max                  ? 
_reflns.limit_h_min                  ? 
_reflns.limit_k_max                  ? 
_reflns.limit_k_min                  ? 
_reflns.limit_l_max                  ? 
_reflns.limit_l_min                  ? 
_reflns.observed_criterion_F_max     ? 
_reflns.observed_criterion_F_min     ? 
_reflns.pdbx_chi_squared             ? 
_reflns.pdbx_scaling_rejects         ? 
_reflns.pdbx_ordinal                 1 
_reflns.pdbx_diffrn_id               1 
# 
_reflns_shell.d_res_high             2.20 
_reflns_shell.d_res_low              2.25 
_reflns_shell.percent_possible_all   58.5 
_reflns_shell.Rmerge_I_obs           0.391 
_reflns_shell.pdbx_Rsym_value        ? 
_reflns_shell.meanI_over_sigI_obs    2.59 
_reflns_shell.pdbx_redundancy        9.5 
_reflns_shell.percent_possible_obs   ? 
_reflns_shell.number_unique_all      426 
_reflns_shell.number_measured_all    ? 
_reflns_shell.number_measured_obs    ? 
_reflns_shell.number_unique_obs      ? 
_reflns_shell.pdbx_chi_squared       ? 
_reflns_shell.pdbx_ordinal           1 
_reflns_shell.pdbx_diffrn_id         1 
# 
_refine.entry_id                                 3BZ6 
_refine.ls_number_reflns_obs                     9680 
_refine.ls_number_reflns_all                     9680 
_refine.pdbx_ls_sigma_I                          0 
_refine.pdbx_ls_sigma_F                          0 
_refine.pdbx_data_cutoff_high_absF               ? 
_refine.pdbx_data_cutoff_low_absF                ? 
_refine.pdbx_data_cutoff_high_rms_absF           ? 
_refine.ls_d_res_low                             31.54 
_refine.ls_d_res_high                            2.21 
_refine.ls_percent_reflns_obs                    92.94 
_refine.ls_R_factor_obs                          0.19788 
_refine.ls_R_factor_all                          0.19788 
_refine.ls_R_factor_R_work                       0.19574 
_refine.ls_R_factor_R_free                       0.24085 
_refine.ls_R_factor_R_free_error                 ? 
_refine.ls_R_factor_R_free_error_details         ? 
_refine.ls_percent_reflns_R_free                 4.8 
_refine.ls_number_reflns_R_free                  492 
_refine.ls_number_parameters                     ? 
_refine.ls_number_restraints                     ? 
_refine.occupancy_min                            ? 
_refine.occupancy_max                            ? 
_refine.correlation_coeff_Fo_to_Fc               0.963 
_refine.correlation_coeff_Fo_to_Fc_free          0.955 
_refine.B_iso_mean                               58.166 
_refine.aniso_B[1][1]                            0.64 
_refine.aniso_B[2][2]                            0.64 
_refine.aniso_B[3][3]                            -0.96 
_refine.aniso_B[1][2]                            0.32 
_refine.aniso_B[1][3]                            0.00 
_refine.aniso_B[2][3]                            0.00 
_refine.solvent_model_details                    MASK 
_refine.solvent_model_param_ksol                 ? 
_refine.solvent_model_param_bsol                 ? 
_refine.pdbx_solvent_vdw_probe_radii             1.20 
_refine.pdbx_solvent_ion_probe_radii             0.80 
_refine.pdbx_solvent_shrinkage_radii             0.80 
_refine.pdbx_ls_cross_valid_method               THROUGHOUT 
_refine.details                                  'HYDROGENS HAVE BEEN ADDED IN THE RIDING POSITIONS' 
_refine.pdbx_starting_model                      ? 
_refine.pdbx_method_to_determine_struct          MAD 
_refine.pdbx_isotropic_thermal_model             ? 
_refine.pdbx_stereochemistry_target_values       'MAXIMUM LIKELIHOOD' 
_refine.pdbx_stereochem_target_val_spec_case     ? 
_refine.pdbx_R_Free_selection_details            RANDOM 
_refine.pdbx_overall_ESU_R                       0.252 
_refine.pdbx_overall_ESU_R_Free                  0.207 
_refine.overall_SU_ML                            0.195 
_refine.overall_SU_B                             17.474 
_refine.ls_redundancy_reflns_obs                 ? 
_refine.B_iso_min                                ? 
_refine.B_iso_max                                ? 
_refine.overall_SU_R_Cruickshank_DPI             ? 
_refine.overall_SU_R_free                        ? 
_refine.ls_wR_factor_R_free                      ? 
_refine.ls_wR_factor_R_work                      ? 
_refine.overall_FOM_free_R_set                   ? 
_refine.overall_FOM_work_R_set                   ? 
_refine.pdbx_overall_phase_error                 ? 
_refine.pdbx_refine_id                           'X-RAY DIFFRACTION' 
_refine.pdbx_TLS_residual_ADP_flag               'LIKELY RESIDUAL' 
_refine.pdbx_diffrn_id                           1 
_refine.pdbx_overall_SU_R_free_Cruickshank_DPI   ? 
_refine.pdbx_overall_SU_R_Blow_DPI               ? 
_refine.pdbx_overall_SU_R_free_Blow_DPI          ? 
# 
_refine_hist.pdbx_refine_id                   'X-RAY DIFFRACTION' 
_refine_hist.cycle_id                         LAST 
_refine_hist.pdbx_number_atoms_protein        1316 
_refine_hist.pdbx_number_atoms_nucleic_acid   0 
_refine_hist.pdbx_number_atoms_ligand         0 
_refine_hist.number_atoms_solvent             26 
_refine_hist.number_atoms_total               1342 
_refine_hist.d_res_high                       2.21 
_refine_hist.d_res_low                        31.54 
# 
loop_
_refine_ls_restr.type 
_refine_ls_restr.dev_ideal 
_refine_ls_restr.dev_ideal_target 
_refine_ls_restr.weight 
_refine_ls_restr.number 
_refine_ls_restr.pdbx_refine_id 
_refine_ls_restr.pdbx_restraint_function 
r_bond_refined_d             0.015  0.021  ? 1331 'X-RAY DIFFRACTION' ? 
r_bond_other_d               ?      ?      ? ?    'X-RAY DIFFRACTION' ? 
r_angle_refined_deg          1.630  1.986  ? 1801 'X-RAY DIFFRACTION' ? 
r_angle_other_deg            ?      ?      ? ?    'X-RAY DIFFRACTION' ? 
r_dihedral_angle_1_deg       6.078  5.000  ? 167  'X-RAY DIFFRACTION' ? 
r_dihedral_angle_2_deg       36.297 24.154 ? 65   'X-RAY DIFFRACTION' ? 
r_dihedral_angle_3_deg       18.962 15.000 ? 248  'X-RAY DIFFRACTION' ? 
r_dihedral_angle_4_deg       19.255 15.000 ? 15   'X-RAY DIFFRACTION' ? 
r_chiral_restr               0.114  0.200  ? 212  'X-RAY DIFFRACTION' ? 
r_gen_planes_refined         0.005  0.020  ? 996  'X-RAY DIFFRACTION' ? 
r_gen_planes_other           ?      ?      ? ?    'X-RAY DIFFRACTION' ? 
r_nbd_refined                0.223  0.200  ? 574  'X-RAY DIFFRACTION' ? 
r_nbd_other                  ?      ?      ? ?    'X-RAY DIFFRACTION' ? 
r_nbtor_refined              0.306  0.200  ? 905  'X-RAY DIFFRACTION' ? 
r_nbtor_other                ?      ?      ? ?    'X-RAY DIFFRACTION' ? 
r_xyhbond_nbd_refined        0.135  0.200  ? 59   'X-RAY DIFFRACTION' ? 
r_xyhbond_nbd_other          ?      ?      ? ?    'X-RAY DIFFRACTION' ? 
r_metal_ion_refined          ?      ?      ? ?    'X-RAY DIFFRACTION' ? 
r_metal_ion_other            ?      ?      ? ?    'X-RAY DIFFRACTION' ? 
r_symmetry_vdw_refined       0.262  0.200  ? 19   'X-RAY DIFFRACTION' ? 
r_symmetry_vdw_other         ?      ?      ? ?    'X-RAY DIFFRACTION' ? 
r_symmetry_hbond_refined     0.194  0.200  ? 3    'X-RAY DIFFRACTION' ? 
r_symmetry_hbond_other       ?      ?      ? ?    'X-RAY DIFFRACTION' ? 
r_symmetry_metal_ion_refined ?      ?      ? ?    'X-RAY DIFFRACTION' ? 
r_symmetry_metal_ion_other   ?      ?      ? ?    'X-RAY DIFFRACTION' ? 
r_mcbond_it                  1.416  2.000  ? 862  'X-RAY DIFFRACTION' ? 
r_mcbond_other               ?      ?      ? ?    'X-RAY DIFFRACTION' ? 
r_mcangle_it                 2.247  3.000  ? 1345 'X-RAY DIFFRACTION' ? 
r_scbond_it                  1.293  2.000  ? 515  'X-RAY DIFFRACTION' ? 
r_scangle_it                 1.865  3.000  ? 456  'X-RAY DIFFRACTION' ? 
r_rigid_bond_restr           ?      ?      ? ?    'X-RAY DIFFRACTION' ? 
r_sphericity_free            ?      ?      ? ?    'X-RAY DIFFRACTION' ? 
r_sphericity_bonded          ?      ?      ? ?    'X-RAY DIFFRACTION' ? 
# 
_refine_ls_shell.pdbx_total_number_of_bins_used   20 
_refine_ls_shell.d_res_high                       2.21 
_refine_ls_shell.d_res_low                        2.26 
_refine_ls_shell.number_reflns_R_work             454 
_refine_ls_shell.R_factor_R_work                  0.318 
_refine_ls_shell.percent_reflns_obs               58.96 
_refine_ls_shell.R_factor_R_free                  0.466 
_refine_ls_shell.R_factor_R_free_error            ? 
_refine_ls_shell.percent_reflns_R_free            ? 
_refine_ls_shell.number_reflns_R_free             23 
_refine_ls_shell.number_reflns_all                ? 
_refine_ls_shell.R_factor_all                     ? 
_refine_ls_shell.number_reflns_obs                477 
_refine_ls_shell.redundancy_reflns_obs            ? 
_refine_ls_shell.pdbx_refine_id                   'X-RAY DIFFRACTION' 
# 
_struct.entry_id                  3BZ6 
_struct.title                     
'Crystal structure of a conserved protein of unknown function from Pseudomonas syringae pv. tomato str. DC3000' 
_struct.pdbx_model_details        ? 
_struct.pdbx_CASP_flag            ? 
_struct.pdbx_model_type_details   ? 
# 
_struct_keywords.entry_id        3BZ6 
_struct_keywords.pdbx_keywords   'STRUCTURAL GENOMICS, UNKNOWN FUNCTION' 
_struct_keywords.text            
;APC84902, conserved domain, Pseudomonas syringae pv. tomato str. DC3000, structural genomics, PSI-2, Protein Structure Initiative, Midwest Center for Structural Genomics, MCSG, UNKNOWN FUNCTION
;
# 
loop_
_struct_asym.id 
_struct_asym.pdbx_blank_PDB_chainid_flag 
_struct_asym.pdbx_modified 
_struct_asym.entity_id 
_struct_asym.details 
A N N 1 ? 
B N N 2 ? 
# 
_struct_ref.id                         1 
_struct_ref.db_name                    UNP 
_struct_ref.db_code                    Y2686_PSESM 
_struct_ref.pdbx_db_accession          Q882E2 
_struct_ref.entity_id                  1 
_struct_ref.pdbx_seq_one_letter_code   
;MSIESSATPTTPNAEALQLNSTEVRILGCLIEKQATNPETYPLTLNALVIACNQKTSRDPVMNLTQGQVGQSLRALEGRG
LTRLVMGSRADRWEHKVDKGLELVPAQVILTGLLLLRGPQTVSELLTRSNRMHDFEDSEQVVHQLERLIARGLATLVPRQ
SGQREDRYMHLIGDPEDLQD
;
_struct_ref.pdbx_align_begin           1 
_struct_ref.pdbx_db_isoform            ? 
# 
_struct_ref_seq.align_id                      1 
_struct_ref_seq.ref_id                        1 
_struct_ref_seq.pdbx_PDB_id_code              3BZ6 
_struct_ref_seq.pdbx_strand_id                A 
_struct_ref_seq.seq_align_beg                 4 
_struct_ref_seq.pdbx_seq_align_beg_ins_code   ? 
_struct_ref_seq.seq_align_end                 183 
_struct_ref_seq.pdbx_seq_align_end_ins_code   ? 
_struct_ref_seq.pdbx_db_accession             Q882E2 
_struct_ref_seq.db_align_beg                  1 
_struct_ref_seq.pdbx_db_align_beg_ins_code    ? 
_struct_ref_seq.db_align_end                  180 
_struct_ref_seq.pdbx_db_align_end_ins_code    ? 
_struct_ref_seq.pdbx_auth_seq_align_beg       1 
_struct_ref_seq.pdbx_auth_seq_align_end       180 
# 
loop_
_struct_ref_seq_dif.align_id 
_struct_ref_seq_dif.pdbx_pdb_id_code 
_struct_ref_seq_dif.mon_id 
_struct_ref_seq_dif.pdbx_pdb_strand_id 
_struct_ref_seq_dif.seq_num 
_struct_ref_seq_dif.pdbx_pdb_ins_code 
_struct_ref_seq_dif.pdbx_seq_db_name 
_struct_ref_seq_dif.pdbx_seq_db_accession_code 
_struct_ref_seq_dif.db_mon_id 
_struct_ref_seq_dif.pdbx_seq_db_seq_num 
_struct_ref_seq_dif.details 
_struct_ref_seq_dif.pdbx_auth_seq_num 
_struct_ref_seq_dif.pdbx_ordinal 
1 3BZ6 SER A 1 ? UNP Q882E2 ? ? 'expression tag' -2 1 
1 3BZ6 ASN A 2 ? UNP Q882E2 ? ? 'expression tag' -1 2 
1 3BZ6 ALA A 3 ? UNP Q882E2 ? ? 'expression tag' 0  3 
# 
_pdbx_struct_assembly.id                   1 
_pdbx_struct_assembly.details              author_and_software_defined_assembly 
_pdbx_struct_assembly.method_details       PISA 
_pdbx_struct_assembly.oligomeric_details   monomeric 
_pdbx_struct_assembly.oligomeric_count     1 
# 
_pdbx_struct_assembly_gen.assembly_id       1 
_pdbx_struct_assembly_gen.oper_expression   1 
_pdbx_struct_assembly_gen.asym_id_list      A,B 
# 
_pdbx_struct_oper_list.id                   1 
_pdbx_struct_oper_list.type                 'identity operation' 
_pdbx_struct_oper_list.name                 1_555 
_pdbx_struct_oper_list.symmetry_operation   x,y,z 
_pdbx_struct_oper_list.matrix[1][1]         1.0000000000 
_pdbx_struct_oper_list.matrix[1][2]         0.0000000000 
_pdbx_struct_oper_list.matrix[1][3]         0.0000000000 
_pdbx_struct_oper_list.vector[1]            0.0000000000 
_pdbx_struct_oper_list.matrix[2][1]         0.0000000000 
_pdbx_struct_oper_list.matrix[2][2]         1.0000000000 
_pdbx_struct_oper_list.matrix[2][3]         0.0000000000 
_pdbx_struct_oper_list.vector[2]            0.0000000000 
_pdbx_struct_oper_list.matrix[3][1]         0.0000000000 
_pdbx_struct_oper_list.matrix[3][2]         0.0000000000 
_pdbx_struct_oper_list.matrix[3][3]         1.0000000000 
_pdbx_struct_oper_list.vector[3]            0.0000000000 
# 
_struct_biol.id        1 
_struct_biol.details   'AUTHORS STATE THAT THE BIOLOGICAL UNIT OF THIS PROTEIN IS EXPERIMENTALLY UNKNOWN. IT IS LIKELY A MONOMER.' 
# 
loop_
_struct_conf.conf_type_id 
_struct_conf.id 
_struct_conf.pdbx_PDB_helix_id 
_struct_conf.beg_label_comp_id 
_struct_conf.beg_label_asym_id 
_struct_conf.beg_label_seq_id 
_struct_conf.pdbx_beg_PDB_ins_code 
_struct_conf.end_label_comp_id 
_struct_conf.end_label_asym_id 
_struct_conf.end_label_seq_id 
_struct_conf.pdbx_end_PDB_ins_code 
_struct_conf.beg_auth_comp_id 
_struct_conf.beg_auth_asym_id 
_struct_conf.beg_auth_seq_id 
_struct_conf.end_auth_comp_id 
_struct_conf.end_auth_asym_id 
_struct_conf.end_auth_seq_id 
_struct_conf.pdbx_PDB_helix_class 
_struct_conf.details 
_struct_conf.pdbx_PDB_helix_length 
HELX_P HELX_P1 1 ASN A 23  ? ASN A 40  ? ASN A 20  ASN A 37  1 ? 18 
HELX_P HELX_P2 2 PRO A 41  ? TYR A 44  ? PRO A 38  TYR A 41  5 ? 4  
HELX_P HELX_P3 3 LEU A 48  ? ASN A 56  ? LEU A 45  ASN A 53  1 ? 9  
HELX_P HELX_P4 4 THR A 68  ? ARG A 82  ? THR A 65  ARG A 79  1 ? 15 
HELX_P HELX_P5 5 LYS A 99  ? GLU A 105 ? LYS A 96  GLU A 102 1 ? 7  
HELX_P HELX_P6 6 VAL A 107 ? GLY A 121 ? VAL A 104 GLY A 118 1 ? 15 
HELX_P HELX_P7 7 THR A 124 ? ASN A 133 ? THR A 121 ASN A 130 1 ? 10 
HELX_P HELX_P8 8 ASP A 140 ? ARG A 154 ? ASP A 137 ARG A 151 1 ? 15 
HELX_P HELX_P9 9 ASP A 177 ? GLN A 182 ? ASP A 174 GLN A 179 5 ? 6  
# 
_struct_conf_type.id          HELX_P 
_struct_conf_type.criteria    ? 
_struct_conf_type.reference   ? 
# 
loop_
_struct_conn.id 
_struct_conn.conn_type_id 
_struct_conn.pdbx_leaving_atom_flag 
_struct_conn.pdbx_PDB_id 
_struct_conn.ptnr1_label_asym_id 
_struct_conn.ptnr1_label_comp_id 
_struct_conn.ptnr1_label_seq_id 
_struct_conn.ptnr1_label_atom_id 
_struct_conn.pdbx_ptnr1_label_alt_id 
_struct_conn.pdbx_ptnr1_PDB_ins_code 
_struct_conn.pdbx_ptnr1_standard_comp_id 
_struct_conn.ptnr1_symmetry 
_struct_conn.ptnr2_label_asym_id 
_struct_conn.ptnr2_label_comp_id 
_struct_conn.ptnr2_label_seq_id 
_struct_conn.ptnr2_label_atom_id 
_struct_conn.pdbx_ptnr2_label_alt_id 
_struct_conn.pdbx_ptnr2_PDB_ins_code 
_struct_conn.ptnr1_auth_asym_id 
_struct_conn.ptnr1_auth_comp_id 
_struct_conn.ptnr1_auth_seq_id 
_struct_conn.ptnr2_auth_asym_id 
_struct_conn.ptnr2_auth_comp_id 
_struct_conn.ptnr2_auth_seq_id 
_struct_conn.ptnr2_symmetry 
_struct_conn.pdbx_ptnr3_label_atom_id 
_struct_conn.pdbx_ptnr3_label_seq_id 
_struct_conn.pdbx_ptnr3_label_comp_id 
_struct_conn.pdbx_ptnr3_label_asym_id 
_struct_conn.pdbx_ptnr3_label_alt_id 
_struct_conn.pdbx_ptnr3_PDB_ins_code 
_struct_conn.details 
_struct_conn.pdbx_dist_value 
_struct_conn.pdbx_value_order 
_struct_conn.pdbx_role 
covale1 covale both ? A VAL 64  C ? ? ? 1_555 A MSE 65  N ? ? A VAL 61  A MSE 62  1_555 ? ? ? ? ? ? ? 1.328 ? ? 
covale2 covale both ? A MSE 65  C ? ? ? 1_555 A ASN 66  N ? ? A MSE 62  A ASN 63  1_555 ? ? ? ? ? ? ? 1.329 ? ? 
covale3 covale both ? A VAL 88  C ? ? ? 1_555 A MSE 89  N ? ? A VAL 85  A MSE 86  1_555 ? ? ? ? ? ? ? 1.328 ? ? 
covale4 covale both ? A MSE 89  C ? ? ? 1_555 A GLY 90  N ? ? A MSE 86  A GLY 87  1_555 ? ? ? ? ? ? ? 1.320 ? ? 
covale5 covale both ? A ARG 134 C ? ? ? 1_555 A MSE 135 N ? ? A ARG 131 A MSE 132 1_555 ? ? ? ? ? ? ? 1.336 ? ? 
covale6 covale both ? A MSE 135 C ? ? ? 1_555 A HIS 136 N ? ? A MSE 132 A HIS 133 1_555 ? ? ? ? ? ? ? 1.327 ? ? 
covale7 covale both ? A TYR 171 C ? ? ? 1_555 A MSE 172 N ? ? A TYR 168 A MSE 169 1_555 ? ? ? ? ? ? ? 1.326 ? ? 
covale8 covale both ? A MSE 172 C ? ? ? 1_555 A HIS 173 N ? ? A MSE 169 A HIS 170 1_555 ? ? ? ? ? ? ? 1.330 ? ? 
# 
_struct_conn_type.id          covale 
_struct_conn_type.criteria    ? 
_struct_conn_type.reference   ? 
# 
loop_
_pdbx_modification_feature.ordinal 
_pdbx_modification_feature.label_comp_id 
_pdbx_modification_feature.label_asym_id 
_pdbx_modification_feature.label_seq_id 
_pdbx_modification_feature.label_alt_id 
_pdbx_modification_feature.modified_residue_label_comp_id 
_pdbx_modification_feature.modified_residue_label_asym_id 
_pdbx_modification_feature.modified_residue_label_seq_id 
_pdbx_modification_feature.modified_residue_label_alt_id 
_pdbx_modification_feature.auth_comp_id 
_pdbx_modification_feature.auth_asym_id 
_pdbx_modification_feature.auth_seq_id 
_pdbx_modification_feature.PDB_ins_code 
_pdbx_modification_feature.symmetry 
_pdbx_modification_feature.modified_residue_auth_comp_id 
_pdbx_modification_feature.modified_residue_auth_asym_id 
_pdbx_modification_feature.modified_residue_auth_seq_id 
_pdbx_modification_feature.modified_residue_PDB_ins_code 
_pdbx_modification_feature.modified_residue_symmetry 
_pdbx_modification_feature.comp_id_linking_atom 
_pdbx_modification_feature.modified_residue_id_linking_atom 
_pdbx_modification_feature.modified_residue_id 
_pdbx_modification_feature.ref_pcm_id 
_pdbx_modification_feature.ref_comp_id 
_pdbx_modification_feature.type 
_pdbx_modification_feature.category 
1 MSE A 65  ? . . . . MSE A 62  ? 1_555 . . . . . . . MET 1 MSE Selenomethionine 'Named protein modification' 
2 MSE A 89  ? . . . . MSE A 86  ? 1_555 . . . . . . . MET 1 MSE Selenomethionine 'Named protein modification' 
3 MSE A 135 ? . . . . MSE A 132 ? 1_555 . . . . . . . MET 1 MSE Selenomethionine 'Named protein modification' 
4 MSE A 172 ? . . . . MSE A 169 ? 1_555 . . . . . . . MET 1 MSE Selenomethionine 'Named protein modification' 
# 
loop_
_struct_mon_prot_cis.pdbx_id 
_struct_mon_prot_cis.label_comp_id 
_struct_mon_prot_cis.label_seq_id 
_struct_mon_prot_cis.label_asym_id 
_struct_mon_prot_cis.label_alt_id 
_struct_mon_prot_cis.pdbx_PDB_ins_code 
_struct_mon_prot_cis.auth_comp_id 
_struct_mon_prot_cis.auth_seq_id 
_struct_mon_prot_cis.auth_asym_id 
_struct_mon_prot_cis.pdbx_label_comp_id_2 
_struct_mon_prot_cis.pdbx_label_seq_id_2 
_struct_mon_prot_cis.pdbx_label_asym_id_2 
_struct_mon_prot_cis.pdbx_PDB_ins_code_2 
_struct_mon_prot_cis.pdbx_auth_comp_id_2 
_struct_mon_prot_cis.pdbx_auth_seq_id_2 
_struct_mon_prot_cis.pdbx_auth_asym_id_2 
_struct_mon_prot_cis.pdbx_PDB_model_num 
_struct_mon_prot_cis.pdbx_omega_angle 
1 TYR 44 A . ? TYR 41 A PRO 45 A ? PRO 42 A 1 4.02 
2 ASP 62 A . ? ASP 59 A PRO 63 A ? PRO 60 A 1 6.17 
# 
loop_
_struct_sheet.id 
_struct_sheet.type 
_struct_sheet.number_strands 
_struct_sheet.details 
A ? 3 ? 
B ? 2 ? 
# 
loop_
_struct_sheet_order.sheet_id 
_struct_sheet_order.range_id_1 
_struct_sheet_order.range_id_2 
_struct_sheet_order.offset 
_struct_sheet_order.sense 
A 1 2 ? anti-parallel 
A 2 3 ? anti-parallel 
B 1 2 ? anti-parallel 
# 
loop_
_struct_sheet_range.sheet_id 
_struct_sheet_range.id 
_struct_sheet_range.beg_label_comp_id 
_struct_sheet_range.beg_label_asym_id 
_struct_sheet_range.beg_label_seq_id 
_struct_sheet_range.pdbx_beg_PDB_ins_code 
_struct_sheet_range.end_label_comp_id 
_struct_sheet_range.end_label_asym_id 
_struct_sheet_range.end_label_seq_id 
_struct_sheet_range.pdbx_end_PDB_ins_code 
_struct_sheet_range.beg_auth_comp_id 
_struct_sheet_range.beg_auth_asym_id 
_struct_sheet_range.beg_auth_seq_id 
_struct_sheet_range.end_auth_comp_id 
_struct_sheet_range.end_auth_asym_id 
_struct_sheet_range.end_auth_seq_id 
A 1 LEU A 46  ? THR A 47  ? LEU A 43  THR A 44  
A 2 ARG A 95  ? HIS A 98  ? ARG A 92  HIS A 95  
A 3 THR A 85  ? VAL A 88  ? THR A 82  VAL A 85  
B 1 ALA A 157 ? VAL A 160 ? ALA A 154 VAL A 157 
B 2 ARG A 170 ? HIS A 173 ? ARG A 167 HIS A 170 
# 
loop_
_pdbx_struct_sheet_hbond.sheet_id 
_pdbx_struct_sheet_hbond.range_id_1 
_pdbx_struct_sheet_hbond.range_id_2 
_pdbx_struct_sheet_hbond.range_1_label_atom_id 
_pdbx_struct_sheet_hbond.range_1_label_comp_id 
_pdbx_struct_sheet_hbond.range_1_label_asym_id 
_pdbx_struct_sheet_hbond.range_1_label_seq_id 
_pdbx_struct_sheet_hbond.range_1_PDB_ins_code 
_pdbx_struct_sheet_hbond.range_1_auth_atom_id 
_pdbx_struct_sheet_hbond.range_1_auth_comp_id 
_pdbx_struct_sheet_hbond.range_1_auth_asym_id 
_pdbx_struct_sheet_hbond.range_1_auth_seq_id 
_pdbx_struct_sheet_hbond.range_2_label_atom_id 
_pdbx_struct_sheet_hbond.range_2_label_comp_id 
_pdbx_struct_sheet_hbond.range_2_label_asym_id 
_pdbx_struct_sheet_hbond.range_2_label_seq_id 
_pdbx_struct_sheet_hbond.range_2_PDB_ins_code 
_pdbx_struct_sheet_hbond.range_2_auth_atom_id 
_pdbx_struct_sheet_hbond.range_2_auth_comp_id 
_pdbx_struct_sheet_hbond.range_2_auth_asym_id 
_pdbx_struct_sheet_hbond.range_2_auth_seq_id 
A 1 2 N LEU A 46  ? N LEU A 43  O TRP A 96  ? O TRP A 93  
A 2 3 O ARG A 95  ? O ARG A 92  N VAL A 88  ? N VAL A 85  
B 1 2 N VAL A 160 ? N VAL A 157 O ARG A 170 ? O ARG A 167 
# 
_pdbx_entry_details.entry_id                   3BZ6 
_pdbx_entry_details.compound_details           ? 
_pdbx_entry_details.source_details             ? 
_pdbx_entry_details.nonpolymer_details         ? 
_pdbx_entry_details.sequence_details           ? 
_pdbx_entry_details.has_ligand_of_interest     ? 
_pdbx_entry_details.has_protein_modification   Y 
# 
loop_
_pdbx_validate_torsion.id 
_pdbx_validate_torsion.PDB_model_num 
_pdbx_validate_torsion.auth_comp_id 
_pdbx_validate_torsion.auth_asym_id 
_pdbx_validate_torsion.auth_seq_id 
_pdbx_validate_torsion.PDB_ins_code 
_pdbx_validate_torsion.label_alt_id 
_pdbx_validate_torsion.phi 
_pdbx_validate_torsion.psi 
1 1 GLU A 102 ? ? 45.73   71.13  
2 1 SER A 161 ? ? -37.32  123.19 
3 1 ARG A 164 ? ? -102.91 43.52  
# 
_pdbx_SG_project.id                    1 
_pdbx_SG_project.project_name          'PSI, Protein Structure Initiative' 
_pdbx_SG_project.full_name_of_center   'Midwest Center for Structural Genomics' 
_pdbx_SG_project.initial_of_center     MCSG 
# 
loop_
_pdbx_struct_mod_residue.id 
_pdbx_struct_mod_residue.label_asym_id 
_pdbx_struct_mod_residue.label_comp_id 
_pdbx_struct_mod_residue.label_seq_id 
_pdbx_struct_mod_residue.auth_asym_id 
_pdbx_struct_mod_residue.auth_comp_id 
_pdbx_struct_mod_residue.auth_seq_id 
_pdbx_struct_mod_residue.PDB_ins_code 
_pdbx_struct_mod_residue.parent_comp_id 
_pdbx_struct_mod_residue.details 
1 A MSE 65  A MSE 62  ? MET SELENOMETHIONINE 
2 A MSE 89  A MSE 86  ? MET SELENOMETHIONINE 
3 A MSE 135 A MSE 132 ? MET SELENOMETHIONINE 
4 A MSE 172 A MSE 169 ? MET SELENOMETHIONINE 
# 
_pdbx_refine_tls.id               1 
_pdbx_refine_tls.details          ? 
_pdbx_refine_tls.method           refined 
_pdbx_refine_tls.origin_x         -0.2637 
_pdbx_refine_tls.origin_y         -0.0161 
_pdbx_refine_tls.origin_z         0.1813 
_pdbx_refine_tls.T[1][1]          -0.2614 
_pdbx_refine_tls.T[2][2]          0.0326 
_pdbx_refine_tls.T[3][3]          -0.3108 
_pdbx_refine_tls.T[1][2]          0.0173 
_pdbx_refine_tls.T[1][3]          -0.0091 
_pdbx_refine_tls.T[2][3]          0.0322 
_pdbx_refine_tls.L[1][1]          4.8127 
_pdbx_refine_tls.L[2][2]          5.3989 
_pdbx_refine_tls.L[3][3]          3.1500 
_pdbx_refine_tls.L[1][2]          0.5527 
_pdbx_refine_tls.L[1][3]          1.2941 
_pdbx_refine_tls.L[2][3]          2.3219 
_pdbx_refine_tls.S[1][1]          0.1186 
_pdbx_refine_tls.S[1][2]          0.0190 
_pdbx_refine_tls.S[1][3]          -0.0419 
_pdbx_refine_tls.S[2][1]          0.0461 
_pdbx_refine_tls.S[2][2]          0.0160 
_pdbx_refine_tls.S[2][3]          0.2789 
_pdbx_refine_tls.S[3][1]          0.0504 
_pdbx_refine_tls.S[3][2]          0.1218 
_pdbx_refine_tls.S[3][3]          -0.1345 
_pdbx_refine_tls.pdbx_refine_id   'X-RAY DIFFRACTION' 
# 
_pdbx_refine_tls_group.id                  1 
_pdbx_refine_tls_group.refine_tls_id       1 
_pdbx_refine_tls_group.beg_auth_asym_id    A 
_pdbx_refine_tls_group.beg_auth_seq_id     13 
_pdbx_refine_tls_group.beg_label_asym_id   A 
_pdbx_refine_tls_group.beg_label_seq_id    16 
_pdbx_refine_tls_group.end_auth_asym_id    A 
_pdbx_refine_tls_group.end_auth_seq_id     180 
_pdbx_refine_tls_group.end_label_asym_id   A 
_pdbx_refine_tls_group.end_label_seq_id    183 
_pdbx_refine_tls_group.selection           ? 
_pdbx_refine_tls_group.pdbx_refine_id      'X-RAY DIFFRACTION' 
_pdbx_refine_tls_group.selection_details   ? 
# 
loop_
_pdbx_unobs_or_zero_occ_residues.id 
_pdbx_unobs_or_zero_occ_residues.PDB_model_num 
_pdbx_unobs_or_zero_occ_residues.polymer_flag 
_pdbx_unobs_or_zero_occ_residues.occupancy_flag 
_pdbx_unobs_or_zero_occ_residues.auth_asym_id 
_pdbx_unobs_or_zero_occ_residues.auth_comp_id 
_pdbx_unobs_or_zero_occ_residues.auth_seq_id 
_pdbx_unobs_or_zero_occ_residues.PDB_ins_code 
_pdbx_unobs_or_zero_occ_residues.label_asym_id 
_pdbx_unobs_or_zero_occ_residues.label_comp_id 
_pdbx_unobs_or_zero_occ_residues.label_seq_id 
1  1 Y 1 A SER -2 ? A SER 1  
2  1 Y 1 A ASN -1 ? A ASN 2  
3  1 Y 1 A ALA 0  ? A ALA 3  
4  1 Y 1 A MSE 1  ? A MSE 4  
5  1 Y 1 A SER 2  ? A SER 5  
6  1 Y 1 A ILE 3  ? A ILE 6  
7  1 Y 1 A GLU 4  ? A GLU 7  
8  1 Y 1 A SER 5  ? A SER 8  
9  1 Y 1 A SER 6  ? A SER 9  
10 1 Y 1 A ALA 7  ? A ALA 10 
11 1 Y 1 A THR 8  ? A THR 11 
12 1 Y 1 A PRO 9  ? A PRO 12 
13 1 Y 1 A THR 10 ? A THR 13 
14 1 Y 1 A THR 11 ? A THR 14 
15 1 Y 1 A PRO 12 ? A PRO 15 
# 
loop_
_chem_comp_atom.comp_id 
_chem_comp_atom.atom_id 
_chem_comp_atom.type_symbol 
_chem_comp_atom.pdbx_aromatic_flag 
_chem_comp_atom.pdbx_stereo_config 
_chem_comp_atom.pdbx_ordinal 
ALA N    N  N N 1   
ALA CA   C  N S 2   
ALA C    C  N N 3   
ALA O    O  N N 4   
ALA CB   C  N N 5   
ALA OXT  O  N N 6   
ALA H    H  N N 7   
ALA H2   H  N N 8   
ALA HA   H  N N 9   
ALA HB1  H  N N 10  
ALA HB2  H  N N 11  
ALA HB3  H  N N 12  
ALA HXT  H  N N 13  
ARG N    N  N N 14  
ARG CA   C  N S 15  
ARG C    C  N N 16  
ARG O    O  N N 17  
ARG CB   C  N N 18  
ARG CG   C  N N 19  
ARG CD   C  N N 20  
ARG NE   N  N N 21  
ARG CZ   C  N N 22  
ARG NH1  N  N N 23  
ARG NH2  N  N N 24  
ARG OXT  O  N N 25  
ARG H    H  N N 26  
ARG H2   H  N N 27  
ARG HA   H  N N 28  
ARG HB2  H  N N 29  
ARG HB3  H  N N 30  
ARG HG2  H  N N 31  
ARG HG3  H  N N 32  
ARG HD2  H  N N 33  
ARG HD3  H  N N 34  
ARG HE   H  N N 35  
ARG HH11 H  N N 36  
ARG HH12 H  N N 37  
ARG HH21 H  N N 38  
ARG HH22 H  N N 39  
ARG HXT  H  N N 40  
ASN N    N  N N 41  
ASN CA   C  N S 42  
ASN C    C  N N 43  
ASN O    O  N N 44  
ASN CB   C  N N 45  
ASN CG   C  N N 46  
ASN OD1  O  N N 47  
ASN ND2  N  N N 48  
ASN OXT  O  N N 49  
ASN H    H  N N 50  
ASN H2   H  N N 51  
ASN HA   H  N N 52  
ASN HB2  H  N N 53  
ASN HB3  H  N N 54  
ASN HD21 H  N N 55  
ASN HD22 H  N N 56  
ASN HXT  H  N N 57  
ASP N    N  N N 58  
ASP CA   C  N S 59  
ASP C    C  N N 60  
ASP O    O  N N 61  
ASP CB   C  N N 62  
ASP CG   C  N N 63  
ASP OD1  O  N N 64  
ASP OD2  O  N N 65  
ASP OXT  O  N N 66  
ASP H    H  N N 67  
ASP H2   H  N N 68  
ASP HA   H  N N 69  
ASP HB2  H  N N 70  
ASP HB3  H  N N 71  
ASP HD2  H  N N 72  
ASP HXT  H  N N 73  
CYS N    N  N N 74  
CYS CA   C  N R 75  
CYS C    C  N N 76  
CYS O    O  N N 77  
CYS CB   C  N N 78  
CYS SG   S  N N 79  
CYS OXT  O  N N 80  
CYS H    H  N N 81  
CYS H2   H  N N 82  
CYS HA   H  N N 83  
CYS HB2  H  N N 84  
CYS HB3  H  N N 85  
CYS HG   H  N N 86  
CYS HXT  H  N N 87  
GLN N    N  N N 88  
GLN CA   C  N S 89  
GLN C    C  N N 90  
GLN O    O  N N 91  
GLN CB   C  N N 92  
GLN CG   C  N N 93  
GLN CD   C  N N 94  
GLN OE1  O  N N 95  
GLN NE2  N  N N 96  
GLN OXT  O  N N 97  
GLN H    H  N N 98  
GLN H2   H  N N 99  
GLN HA   H  N N 100 
GLN HB2  H  N N 101 
GLN HB3  H  N N 102 
GLN HG2  H  N N 103 
GLN HG3  H  N N 104 
GLN HE21 H  N N 105 
GLN HE22 H  N N 106 
GLN HXT  H  N N 107 
GLU N    N  N N 108 
GLU CA   C  N S 109 
GLU C    C  N N 110 
GLU O    O  N N 111 
GLU CB   C  N N 112 
GLU CG   C  N N 113 
GLU CD   C  N N 114 
GLU OE1  O  N N 115 
GLU OE2  O  N N 116 
GLU OXT  O  N N 117 
GLU H    H  N N 118 
GLU H2   H  N N 119 
GLU HA   H  N N 120 
GLU HB2  H  N N 121 
GLU HB3  H  N N 122 
GLU HG2  H  N N 123 
GLU HG3  H  N N 124 
GLU HE2  H  N N 125 
GLU HXT  H  N N 126 
GLY N    N  N N 127 
GLY CA   C  N N 128 
GLY C    C  N N 129 
GLY O    O  N N 130 
GLY OXT  O  N N 131 
GLY H    H  N N 132 
GLY H2   H  N N 133 
GLY HA2  H  N N 134 
GLY HA3  H  N N 135 
GLY HXT  H  N N 136 
HIS N    N  N N 137 
HIS CA   C  N S 138 
HIS C    C  N N 139 
HIS O    O  N N 140 
HIS CB   C  N N 141 
HIS CG   C  Y N 142 
HIS ND1  N  Y N 143 
HIS CD2  C  Y N 144 
HIS CE1  C  Y N 145 
HIS NE2  N  Y N 146 
HIS OXT  O  N N 147 
HIS H    H  N N 148 
HIS H2   H  N N 149 
HIS HA   H  N N 150 
HIS HB2  H  N N 151 
HIS HB3  H  N N 152 
HIS HD1  H  N N 153 
HIS HD2  H  N N 154 
HIS HE1  H  N N 155 
HIS HE2  H  N N 156 
HIS HXT  H  N N 157 
HOH O    O  N N 158 
HOH H1   H  N N 159 
HOH H2   H  N N 160 
ILE N    N  N N 161 
ILE CA   C  N S 162 
ILE C    C  N N 163 
ILE O    O  N N 164 
ILE CB   C  N S 165 
ILE CG1  C  N N 166 
ILE CG2  C  N N 167 
ILE CD1  C  N N 168 
ILE OXT  O  N N 169 
ILE H    H  N N 170 
ILE H2   H  N N 171 
ILE HA   H  N N 172 
ILE HB   H  N N 173 
ILE HG12 H  N N 174 
ILE HG13 H  N N 175 
ILE HG21 H  N N 176 
ILE HG22 H  N N 177 
ILE HG23 H  N N 178 
ILE HD11 H  N N 179 
ILE HD12 H  N N 180 
ILE HD13 H  N N 181 
ILE HXT  H  N N 182 
LEU N    N  N N 183 
LEU CA   C  N S 184 
LEU C    C  N N 185 
LEU O    O  N N 186 
LEU CB   C  N N 187 
LEU CG   C  N N 188 
LEU CD1  C  N N 189 
LEU CD2  C  N N 190 
LEU OXT  O  N N 191 
LEU H    H  N N 192 
LEU H2   H  N N 193 
LEU HA   H  N N 194 
LEU HB2  H  N N 195 
LEU HB3  H  N N 196 
LEU HG   H  N N 197 
LEU HD11 H  N N 198 
LEU HD12 H  N N 199 
LEU HD13 H  N N 200 
LEU HD21 H  N N 201 
LEU HD22 H  N N 202 
LEU HD23 H  N N 203 
LEU HXT  H  N N 204 
LYS N    N  N N 205 
LYS CA   C  N S 206 
LYS C    C  N N 207 
LYS O    O  N N 208 
LYS CB   C  N N 209 
LYS CG   C  N N 210 
LYS CD   C  N N 211 
LYS CE   C  N N 212 
LYS NZ   N  N N 213 
LYS OXT  O  N N 214 
LYS H    H  N N 215 
LYS H2   H  N N 216 
LYS HA   H  N N 217 
LYS HB2  H  N N 218 
LYS HB3  H  N N 219 
LYS HG2  H  N N 220 
LYS HG3  H  N N 221 
LYS HD2  H  N N 222 
LYS HD3  H  N N 223 
LYS HE2  H  N N 224 
LYS HE3  H  N N 225 
LYS HZ1  H  N N 226 
LYS HZ2  H  N N 227 
LYS HZ3  H  N N 228 
LYS HXT  H  N N 229 
MSE N    N  N N 230 
MSE CA   C  N S 231 
MSE C    C  N N 232 
MSE O    O  N N 233 
MSE OXT  O  N N 234 
MSE CB   C  N N 235 
MSE CG   C  N N 236 
MSE SE   SE N N 237 
MSE CE   C  N N 238 
MSE H    H  N N 239 
MSE H2   H  N N 240 
MSE HA   H  N N 241 
MSE HXT  H  N N 242 
MSE HB2  H  N N 243 
MSE HB3  H  N N 244 
MSE HG2  H  N N 245 
MSE HG3  H  N N 246 
MSE HE1  H  N N 247 
MSE HE2  H  N N 248 
MSE HE3  H  N N 249 
PHE N    N  N N 250 
PHE CA   C  N S 251 
PHE C    C  N N 252 
PHE O    O  N N 253 
PHE CB   C  N N 254 
PHE CG   C  Y N 255 
PHE CD1  C  Y N 256 
PHE CD2  C  Y N 257 
PHE CE1  C  Y N 258 
PHE CE2  C  Y N 259 
PHE CZ   C  Y N 260 
PHE OXT  O  N N 261 
PHE H    H  N N 262 
PHE H2   H  N N 263 
PHE HA   H  N N 264 
PHE HB2  H  N N 265 
PHE HB3  H  N N 266 
PHE HD1  H  N N 267 
PHE HD2  H  N N 268 
PHE HE1  H  N N 269 
PHE HE2  H  N N 270 
PHE HZ   H  N N 271 
PHE HXT  H  N N 272 
PRO N    N  N N 273 
PRO CA   C  N S 274 
PRO C    C  N N 275 
PRO O    O  N N 276 
PRO CB   C  N N 277 
PRO CG   C  N N 278 
PRO CD   C  N N 279 
PRO OXT  O  N N 280 
PRO H    H  N N 281 
PRO HA   H  N N 282 
PRO HB2  H  N N 283 
PRO HB3  H  N N 284 
PRO HG2  H  N N 285 
PRO HG3  H  N N 286 
PRO HD2  H  N N 287 
PRO HD3  H  N N 288 
PRO HXT  H  N N 289 
SER N    N  N N 290 
SER CA   C  N S 291 
SER C    C  N N 292 
SER O    O  N N 293 
SER CB   C  N N 294 
SER OG   O  N N 295 
SER OXT  O  N N 296 
SER H    H  N N 297 
SER H2   H  N N 298 
SER HA   H  N N 299 
SER HB2  H  N N 300 
SER HB3  H  N N 301 
SER HG   H  N N 302 
SER HXT  H  N N 303 
THR N    N  N N 304 
THR CA   C  N S 305 
THR C    C  N N 306 
THR O    O  N N 307 
THR CB   C  N R 308 
THR OG1  O  N N 309 
THR CG2  C  N N 310 
THR OXT  O  N N 311 
THR H    H  N N 312 
THR H2   H  N N 313 
THR HA   H  N N 314 
THR HB   H  N N 315 
THR HG1  H  N N 316 
THR HG21 H  N N 317 
THR HG22 H  N N 318 
THR HG23 H  N N 319 
THR HXT  H  N N 320 
TRP N    N  N N 321 
TRP CA   C  N S 322 
TRP C    C  N N 323 
TRP O    O  N N 324 
TRP CB   C  N N 325 
TRP CG   C  Y N 326 
TRP CD1  C  Y N 327 
TRP CD2  C  Y N 328 
TRP NE1  N  Y N 329 
TRP CE2  C  Y N 330 
TRP CE3  C  Y N 331 
TRP CZ2  C  Y N 332 
TRP CZ3  C  Y N 333 
TRP CH2  C  Y N 334 
TRP OXT  O  N N 335 
TRP H    H  N N 336 
TRP H2   H  N N 337 
TRP HA   H  N N 338 
TRP HB2  H  N N 339 
TRP HB3  H  N N 340 
TRP HD1  H  N N 341 
TRP HE1  H  N N 342 
TRP HE3  H  N N 343 
TRP HZ2  H  N N 344 
TRP HZ3  H  N N 345 
TRP HH2  H  N N 346 
TRP HXT  H  N N 347 
TYR N    N  N N 348 
TYR CA   C  N S 349 
TYR C    C  N N 350 
TYR O    O  N N 351 
TYR CB   C  N N 352 
TYR CG   C  Y N 353 
TYR CD1  C  Y N 354 
TYR CD2  C  Y N 355 
TYR CE1  C  Y N 356 
TYR CE2  C  Y N 357 
TYR CZ   C  Y N 358 
TYR OH   O  N N 359 
TYR OXT  O  N N 360 
TYR H    H  N N 361 
TYR H2   H  N N 362 
TYR HA   H  N N 363 
TYR HB2  H  N N 364 
TYR HB3  H  N N 365 
TYR HD1  H  N N 366 
TYR HD2  H  N N 367 
TYR HE1  H  N N 368 
TYR HE2  H  N N 369 
TYR HH   H  N N 370 
TYR HXT  H  N N 371 
VAL N    N  N N 372 
VAL CA   C  N S 373 
VAL C    C  N N 374 
VAL O    O  N N 375 
VAL CB   C  N N 376 
VAL CG1  C  N N 377 
VAL CG2  C  N N 378 
VAL OXT  O  N N 379 
VAL H    H  N N 380 
VAL H2   H  N N 381 
VAL HA   H  N N 382 
VAL HB   H  N N 383 
VAL HG11 H  N N 384 
VAL HG12 H  N N 385 
VAL HG13 H  N N 386 
VAL HG21 H  N N 387 
VAL HG22 H  N N 388 
VAL HG23 H  N N 389 
VAL HXT  H  N N 390 
# 
loop_
_chem_comp_bond.comp_id 
_chem_comp_bond.atom_id_1 
_chem_comp_bond.atom_id_2 
_chem_comp_bond.value_order 
_chem_comp_bond.pdbx_aromatic_flag 
_chem_comp_bond.pdbx_stereo_config 
_chem_comp_bond.pdbx_ordinal 
ALA N   CA   sing N N 1   
ALA N   H    sing N N 2   
ALA N   H2   sing N N 3   
ALA CA  C    sing N N 4   
ALA CA  CB   sing N N 5   
ALA CA  HA   sing N N 6   
ALA C   O    doub N N 7   
ALA C   OXT  sing N N 8   
ALA CB  HB1  sing N N 9   
ALA CB  HB2  sing N N 10  
ALA CB  HB3  sing N N 11  
ALA OXT HXT  sing N N 12  
ARG N   CA   sing N N 13  
ARG N   H    sing N N 14  
ARG N   H2   sing N N 15  
ARG CA  C    sing N N 16  
ARG CA  CB   sing N N 17  
ARG CA  HA   sing N N 18  
ARG C   O    doub N N 19  
ARG C   OXT  sing N N 20  
ARG CB  CG   sing N N 21  
ARG CB  HB2  sing N N 22  
ARG CB  HB3  sing N N 23  
ARG CG  CD   sing N N 24  
ARG CG  HG2  sing N N 25  
ARG CG  HG3  sing N N 26  
ARG CD  NE   sing N N 27  
ARG CD  HD2  sing N N 28  
ARG CD  HD3  sing N N 29  
ARG NE  CZ   sing N N 30  
ARG NE  HE   sing N N 31  
ARG CZ  NH1  sing N N 32  
ARG CZ  NH2  doub N N 33  
ARG NH1 HH11 sing N N 34  
ARG NH1 HH12 sing N N 35  
ARG NH2 HH21 sing N N 36  
ARG NH2 HH22 sing N N 37  
ARG OXT HXT  sing N N 38  
ASN N   CA   sing N N 39  
ASN N   H    sing N N 40  
ASN N   H2   sing N N 41  
ASN CA  C    sing N N 42  
ASN CA  CB   sing N N 43  
ASN CA  HA   sing N N 44  
ASN C   O    doub N N 45  
ASN C   OXT  sing N N 46  
ASN CB  CG   sing N N 47  
ASN CB  HB2  sing N N 48  
ASN CB  HB3  sing N N 49  
ASN CG  OD1  doub N N 50  
ASN CG  ND2  sing N N 51  
ASN ND2 HD21 sing N N 52  
ASN ND2 HD22 sing N N 53  
ASN OXT HXT  sing N N 54  
ASP N   CA   sing N N 55  
ASP N   H    sing N N 56  
ASP N   H2   sing N N 57  
ASP CA  C    sing N N 58  
ASP CA  CB   sing N N 59  
ASP CA  HA   sing N N 60  
ASP C   O    doub N N 61  
ASP C   OXT  sing N N 62  
ASP CB  CG   sing N N 63  
ASP CB  HB2  sing N N 64  
ASP CB  HB3  sing N N 65  
ASP CG  OD1  doub N N 66  
ASP CG  OD2  sing N N 67  
ASP OD2 HD2  sing N N 68  
ASP OXT HXT  sing N N 69  
CYS N   CA   sing N N 70  
CYS N   H    sing N N 71  
CYS N   H2   sing N N 72  
CYS CA  C    sing N N 73  
CYS CA  CB   sing N N 74  
CYS CA  HA   sing N N 75  
CYS C   O    doub N N 76  
CYS C   OXT  sing N N 77  
CYS CB  SG   sing N N 78  
CYS CB  HB2  sing N N 79  
CYS CB  HB3  sing N N 80  
CYS SG  HG   sing N N 81  
CYS OXT HXT  sing N N 82  
GLN N   CA   sing N N 83  
GLN N   H    sing N N 84  
GLN N   H2   sing N N 85  
GLN CA  C    sing N N 86  
GLN CA  CB   sing N N 87  
GLN CA  HA   sing N N 88  
GLN C   O    doub N N 89  
GLN C   OXT  sing N N 90  
GLN CB  CG   sing N N 91  
GLN CB  HB2  sing N N 92  
GLN CB  HB3  sing N N 93  
GLN CG  CD   sing N N 94  
GLN CG  HG2  sing N N 95  
GLN CG  HG3  sing N N 96  
GLN CD  OE1  doub N N 97  
GLN CD  NE2  sing N N 98  
GLN NE2 HE21 sing N N 99  
GLN NE2 HE22 sing N N 100 
GLN OXT HXT  sing N N 101 
GLU N   CA   sing N N 102 
GLU N   H    sing N N 103 
GLU N   H2   sing N N 104 
GLU CA  C    sing N N 105 
GLU CA  CB   sing N N 106 
GLU CA  HA   sing N N 107 
GLU C   O    doub N N 108 
GLU C   OXT  sing N N 109 
GLU CB  CG   sing N N 110 
GLU CB  HB2  sing N N 111 
GLU CB  HB3  sing N N 112 
GLU CG  CD   sing N N 113 
GLU CG  HG2  sing N N 114 
GLU CG  HG3  sing N N 115 
GLU CD  OE1  doub N N 116 
GLU CD  OE2  sing N N 117 
GLU OE2 HE2  sing N N 118 
GLU OXT HXT  sing N N 119 
GLY N   CA   sing N N 120 
GLY N   H    sing N N 121 
GLY N   H2   sing N N 122 
GLY CA  C    sing N N 123 
GLY CA  HA2  sing N N 124 
GLY CA  HA3  sing N N 125 
GLY C   O    doub N N 126 
GLY C   OXT  sing N N 127 
GLY OXT HXT  sing N N 128 
HIS N   CA   sing N N 129 
HIS N   H    sing N N 130 
HIS N   H2   sing N N 131 
HIS CA  C    sing N N 132 
HIS CA  CB   sing N N 133 
HIS CA  HA   sing N N 134 
HIS C   O    doub N N 135 
HIS C   OXT  sing N N 136 
HIS CB  CG   sing N N 137 
HIS CB  HB2  sing N N 138 
HIS CB  HB3  sing N N 139 
HIS CG  ND1  sing Y N 140 
HIS CG  CD2  doub Y N 141 
HIS ND1 CE1  doub Y N 142 
HIS ND1 HD1  sing N N 143 
HIS CD2 NE2  sing Y N 144 
HIS CD2 HD2  sing N N 145 
HIS CE1 NE2  sing Y N 146 
HIS CE1 HE1  sing N N 147 
HIS NE2 HE2  sing N N 148 
HIS OXT HXT  sing N N 149 
HOH O   H1   sing N N 150 
HOH O   H2   sing N N 151 
ILE N   CA   sing N N 152 
ILE N   H    sing N N 153 
ILE N   H2   sing N N 154 
ILE CA  C    sing N N 155 
ILE CA  CB   sing N N 156 
ILE CA  HA   sing N N 157 
ILE C   O    doub N N 158 
ILE C   OXT  sing N N 159 
ILE CB  CG1  sing N N 160 
ILE CB  CG2  sing N N 161 
ILE CB  HB   sing N N 162 
ILE CG1 CD1  sing N N 163 
ILE CG1 HG12 sing N N 164 
ILE CG1 HG13 sing N N 165 
ILE CG2 HG21 sing N N 166 
ILE CG2 HG22 sing N N 167 
ILE CG2 HG23 sing N N 168 
ILE CD1 HD11 sing N N 169 
ILE CD1 HD12 sing N N 170 
ILE CD1 HD13 sing N N 171 
ILE OXT HXT  sing N N 172 
LEU N   CA   sing N N 173 
LEU N   H    sing N N 174 
LEU N   H2   sing N N 175 
LEU CA  C    sing N N 176 
LEU CA  CB   sing N N 177 
LEU CA  HA   sing N N 178 
LEU C   O    doub N N 179 
LEU C   OXT  sing N N 180 
LEU CB  CG   sing N N 181 
LEU CB  HB2  sing N N 182 
LEU CB  HB3  sing N N 183 
LEU CG  CD1  sing N N 184 
LEU CG  CD2  sing N N 185 
LEU CG  HG   sing N N 186 
LEU CD1 HD11 sing N N 187 
LEU CD1 HD12 sing N N 188 
LEU CD1 HD13 sing N N 189 
LEU CD2 HD21 sing N N 190 
LEU CD2 HD22 sing N N 191 
LEU CD2 HD23 sing N N 192 
LEU OXT HXT  sing N N 193 
LYS N   CA   sing N N 194 
LYS N   H    sing N N 195 
LYS N   H2   sing N N 196 
LYS CA  C    sing N N 197 
LYS CA  CB   sing N N 198 
LYS CA  HA   sing N N 199 
LYS C   O    doub N N 200 
LYS C   OXT  sing N N 201 
LYS CB  CG   sing N N 202 
LYS CB  HB2  sing N N 203 
LYS CB  HB3  sing N N 204 
LYS CG  CD   sing N N 205 
LYS CG  HG2  sing N N 206 
LYS CG  HG3  sing N N 207 
LYS CD  CE   sing N N 208 
LYS CD  HD2  sing N N 209 
LYS CD  HD3  sing N N 210 
LYS CE  NZ   sing N N 211 
LYS CE  HE2  sing N N 212 
LYS CE  HE3  sing N N 213 
LYS NZ  HZ1  sing N N 214 
LYS NZ  HZ2  sing N N 215 
LYS NZ  HZ3  sing N N 216 
LYS OXT HXT  sing N N 217 
MSE N   CA   sing N N 218 
MSE N   H    sing N N 219 
MSE N   H2   sing N N 220 
MSE CA  C    sing N N 221 
MSE CA  CB   sing N N 222 
MSE CA  HA   sing N N 223 
MSE C   O    doub N N 224 
MSE C   OXT  sing N N 225 
MSE OXT HXT  sing N N 226 
MSE CB  CG   sing N N 227 
MSE CB  HB2  sing N N 228 
MSE CB  HB3  sing N N 229 
MSE CG  SE   sing N N 230 
MSE CG  HG2  sing N N 231 
MSE CG  HG3  sing N N 232 
MSE SE  CE   sing N N 233 
MSE CE  HE1  sing N N 234 
MSE CE  HE2  sing N N 235 
MSE CE  HE3  sing N N 236 
PHE N   CA   sing N N 237 
PHE N   H    sing N N 238 
PHE N   H2   sing N N 239 
PHE CA  C    sing N N 240 
PHE CA  CB   sing N N 241 
PHE CA  HA   sing N N 242 
PHE C   O    doub N N 243 
PHE C   OXT  sing N N 244 
PHE CB  CG   sing N N 245 
PHE CB  HB2  sing N N 246 
PHE CB  HB3  sing N N 247 
PHE CG  CD1  doub Y N 248 
PHE CG  CD2  sing Y N 249 
PHE CD1 CE1  sing Y N 250 
PHE CD1 HD1  sing N N 251 
PHE CD2 CE2  doub Y N 252 
PHE CD2 HD2  sing N N 253 
PHE CE1 CZ   doub Y N 254 
PHE CE1 HE1  sing N N 255 
PHE CE2 CZ   sing Y N 256 
PHE CE2 HE2  sing N N 257 
PHE CZ  HZ   sing N N 258 
PHE OXT HXT  sing N N 259 
PRO N   CA   sing N N 260 
PRO N   CD   sing N N 261 
PRO N   H    sing N N 262 
PRO CA  C    sing N N 263 
PRO CA  CB   sing N N 264 
PRO CA  HA   sing N N 265 
PRO C   O    doub N N 266 
PRO C   OXT  sing N N 267 
PRO CB  CG   sing N N 268 
PRO CB  HB2  sing N N 269 
PRO CB  HB3  sing N N 270 
PRO CG  CD   sing N N 271 
PRO CG  HG2  sing N N 272 
PRO CG  HG3  sing N N 273 
PRO CD  HD2  sing N N 274 
PRO CD  HD3  sing N N 275 
PRO OXT HXT  sing N N 276 
SER N   CA   sing N N 277 
SER N   H    sing N N 278 
SER N   H2   sing N N 279 
SER CA  C    sing N N 280 
SER CA  CB   sing N N 281 
SER CA  HA   sing N N 282 
SER C   O    doub N N 283 
SER C   OXT  sing N N 284 
SER CB  OG   sing N N 285 
SER CB  HB2  sing N N 286 
SER CB  HB3  sing N N 287 
SER OG  HG   sing N N 288 
SER OXT HXT  sing N N 289 
THR N   CA   sing N N 290 
THR N   H    sing N N 291 
THR N   H2   sing N N 292 
THR CA  C    sing N N 293 
THR CA  CB   sing N N 294 
THR CA  HA   sing N N 295 
THR C   O    doub N N 296 
THR C   OXT  sing N N 297 
THR CB  OG1  sing N N 298 
THR CB  CG2  sing N N 299 
THR CB  HB   sing N N 300 
THR OG1 HG1  sing N N 301 
THR CG2 HG21 sing N N 302 
THR CG2 HG22 sing N N 303 
THR CG2 HG23 sing N N 304 
THR OXT HXT  sing N N 305 
TRP N   CA   sing N N 306 
TRP N   H    sing N N 307 
TRP N   H2   sing N N 308 
TRP CA  C    sing N N 309 
TRP CA  CB   sing N N 310 
TRP CA  HA   sing N N 311 
TRP C   O    doub N N 312 
TRP C   OXT  sing N N 313 
TRP CB  CG   sing N N 314 
TRP CB  HB2  sing N N 315 
TRP CB  HB3  sing N N 316 
TRP CG  CD1  doub Y N 317 
TRP CG  CD2  sing Y N 318 
TRP CD1 NE1  sing Y N 319 
TRP CD1 HD1  sing N N 320 
TRP CD2 CE2  doub Y N 321 
TRP CD2 CE3  sing Y N 322 
TRP NE1 CE2  sing Y N 323 
TRP NE1 HE1  sing N N 324 
TRP CE2 CZ2  sing Y N 325 
TRP CE3 CZ3  doub Y N 326 
TRP CE3 HE3  sing N N 327 
TRP CZ2 CH2  doub Y N 328 
TRP CZ2 HZ2  sing N N 329 
TRP CZ3 CH2  sing Y N 330 
TRP CZ3 HZ3  sing N N 331 
TRP CH2 HH2  sing N N 332 
TRP OXT HXT  sing N N 333 
TYR N   CA   sing N N 334 
TYR N   H    sing N N 335 
TYR N   H2   sing N N 336 
TYR CA  C    sing N N 337 
TYR CA  CB   sing N N 338 
TYR CA  HA   sing N N 339 
TYR C   O    doub N N 340 
TYR C   OXT  sing N N 341 
TYR CB  CG   sing N N 342 
TYR CB  HB2  sing N N 343 
TYR CB  HB3  sing N N 344 
TYR CG  CD1  doub Y N 345 
TYR CG  CD2  sing Y N 346 
TYR CD1 CE1  sing Y N 347 
TYR CD1 HD1  sing N N 348 
TYR CD2 CE2  doub Y N 349 
TYR CD2 HD2  sing N N 350 
TYR CE1 CZ   doub Y N 351 
TYR CE1 HE1  sing N N 352 
TYR CE2 CZ   sing Y N 353 
TYR CE2 HE2  sing N N 354 
TYR CZ  OH   sing N N 355 
TYR OH  HH   sing N N 356 
TYR OXT HXT  sing N N 357 
VAL N   CA   sing N N 358 
VAL N   H    sing N N 359 
VAL N   H2   sing N N 360 
VAL CA  C    sing N N 361 
VAL CA  CB   sing N N 362 
VAL CA  HA   sing N N 363 
VAL C   O    doub N N 364 
VAL C   OXT  sing N N 365 
VAL CB  CG1  sing N N 366 
VAL CB  CG2  sing N N 367 
VAL CB  HB   sing N N 368 
VAL CG1 HG11 sing N N 369 
VAL CG1 HG12 sing N N 370 
VAL CG1 HG13 sing N N 371 
VAL CG2 HG21 sing N N 372 
VAL CG2 HG22 sing N N 373 
VAL CG2 HG23 sing N N 374 
VAL OXT HXT  sing N N 375 
# 
_atom_sites.entry_id                    3BZ6 
_atom_sites.fract_transf_matrix[1][1]   -0.01047795 
_atom_sites.fract_transf_matrix[1][2]   0.00105863 
_atom_sites.fract_transf_matrix[1][3]   -0.01208774 
_atom_sites.fract_transf_matrix[2][1]   0.00524279 
_atom_sites.fract_transf_matrix[2][2]   0.00033591 
_atom_sites.fract_transf_matrix[2][3]   -0.01514679 
_atom_sites.fract_transf_matrix[3][1]   -0.00073572 
_atom_sites.fract_transf_matrix[3][2]   -0.01364482 
_atom_sites.fract_transf_matrix[3][3]   -0.00055726 
_atom_sites.fract_transf_vector[1]      0.126546 
_atom_sites.fract_transf_vector[2]      0.518938 
_atom_sites.fract_transf_vector[3]      0.086188 
# 
loop_
_atom_type.symbol 
C  
N  
O  
S  
SE 
# 
loop_
_atom_site.group_PDB 
_atom_site.id 
_atom_site.type_symbol 
_atom_site.label_atom_id 
_atom_site.label_alt_id 
_atom_site.label_comp_id 
_atom_site.label_asym_id 
_atom_site.label_entity_id 
_atom_site.label_seq_id 
_atom_site.pdbx_PDB_ins_code 
_atom_site.Cartn_x 
_atom_site.Cartn_y 
_atom_site.Cartn_z 
_atom_site.occupancy 
_atom_site.B_iso_or_equiv 
_atom_site.pdbx_formal_charge 
_atom_site.auth_seq_id 
_atom_site.auth_comp_id 
_atom_site.auth_asym_id 
_atom_site.auth_atom_id 
_atom_site.pdbx_PDB_model_num 
ATOM   1    N  N   . ASN A 1 16  ? -6.634  -6.153  -21.244 1.00 94.12 ? 13  ASN A N   1 
ATOM   2    C  CA  . ASN A 1 16  ? -5.845  -4.952  -21.636 1.00 93.94 ? 13  ASN A CA  1 
ATOM   3    C  C   . ASN A 1 16  ? -4.757  -4.615  -20.606 1.00 94.42 ? 13  ASN A C   1 
ATOM   4    O  O   . ASN A 1 16  ? -3.632  -4.251  -20.975 1.00 95.10 ? 13  ASN A O   1 
ATOM   5    C  CB  . ASN A 1 16  ? -6.774  -3.747  -21.867 1.00 93.39 ? 13  ASN A CB  1 
ATOM   6    C  CG  . ASN A 1 16  ? -7.045  -3.471  -23.350 1.00 92.85 ? 13  ASN A CG  1 
ATOM   7    O  OD1 . ASN A 1 16  ? -6.157  -3.612  -24.192 1.00 92.32 ? 13  ASN A OD1 1 
ATOM   8    N  ND2 . ASN A 1 16  ? -8.269  -3.043  -23.662 1.00 92.51 ? 13  ASN A ND2 1 
ATOM   9    N  N   . ALA A 1 17  ? -5.088  -4.754  -19.322 1.00 93.88 ? 14  ALA A N   1 
ATOM   10   C  CA  . ALA A 1 17  ? -4.204  -4.319  -18.248 1.00 93.38 ? 14  ALA A CA  1 
ATOM   11   C  C   . ALA A 1 17  ? -3.620  -5.515  -17.481 1.00 92.77 ? 14  ALA A C   1 
ATOM   12   O  O   . ALA A 1 17  ? -4.362  -6.258  -16.833 1.00 93.22 ? 14  ALA A O   1 
ATOM   13   C  CB  . ALA A 1 17  ? -4.967  -3.374  -17.305 1.00 93.69 ? 14  ALA A CB  1 
ATOM   14   N  N   . GLU A 1 18  ? -2.302  -5.705  -17.548 1.00 91.21 ? 15  GLU A N   1 
ATOM   15   C  CA  . GLU A 1 18  ? -1.667  -6.876  -16.918 1.00 90.01 ? 15  GLU A CA  1 
ATOM   16   C  C   . GLU A 1 18  ? -1.316  -6.703  -15.419 1.00 88.02 ? 15  GLU A C   1 
ATOM   17   O  O   . GLU A 1 18  ? -1.574  -5.650  -14.819 1.00 88.47 ? 15  GLU A O   1 
ATOM   18   C  CB  . GLU A 1 18  ? -0.447  -7.326  -17.725 1.00 90.68 ? 15  GLU A CB  1 
ATOM   19   C  CG  . GLU A 1 18  ? 0.816   -6.482  -17.524 1.00 91.83 ? 15  GLU A CG  1 
ATOM   20   C  CD  . GLU A 1 18  ? 1.864   -6.735  -18.604 1.00 92.14 ? 15  GLU A CD  1 
ATOM   21   O  OE1 . GLU A 1 18  ? 2.254   -5.761  -19.291 1.00 92.81 ? 15  GLU A OE1 1 
ATOM   22   O  OE2 . GLU A 1 18  ? 2.289   -7.906  -18.783 1.00 93.12 ? 15  GLU A OE2 1 
ATOM   23   N  N   . ALA A 1 19  ? -0.746  -7.741  -14.811 1.00 84.11 ? 16  ALA A N   1 
ATOM   24   C  CA  . ALA A 1 19  ? -0.395  -7.666  -13.407 1.00 80.84 ? 16  ALA A CA  1 
ATOM   25   C  C   . ALA A 1 19  ? 0.980   -7.007  -13.171 1.00 78.02 ? 16  ALA A C   1 
ATOM   26   O  O   . ALA A 1 19  ? 1.912   -7.127  -13.979 1.00 76.77 ? 16  ALA A O   1 
ATOM   27   C  CB  . ALA A 1 19  ? -0.487  -9.047  -12.748 1.00 81.46 ? 16  ALA A CB  1 
ATOM   28   N  N   . LEU A 1 20  ? 1.070   -6.311  -12.042 1.00 74.71 ? 17  LEU A N   1 
ATOM   29   C  CA  . LEU A 1 20  ? 2.242   -5.538  -11.680 1.00 71.33 ? 17  LEU A CA  1 
ATOM   30   C  C   . LEU A 1 20  ? 3.358   -6.397  -11.114 1.00 68.68 ? 17  LEU A C   1 
ATOM   31   O  O   . LEU A 1 20  ? 4.526   -6.174  -11.408 1.00 67.97 ? 17  LEU A O   1 
ATOM   32   C  CB  . LEU A 1 20  ? 1.872   -4.454  -10.660 1.00 71.13 ? 17  LEU A CB  1 
ATOM   33   C  CG  . LEU A 1 20  ? 0.988   -3.308  -11.135 1.00 71.51 ? 17  LEU A CG  1 
ATOM   34   C  CD1 . LEU A 1 20  ? 0.650   -2.370  -9.971  1.00 71.11 ? 17  LEU A CD1 1 
ATOM   35   C  CD2 . LEU A 1 20  ? 1.657   -2.559  -12.300 1.00 71.53 ? 17  LEU A CD2 1 
ATOM   36   N  N   . GLN A 1 21  ? 3.006   -7.360  -10.280 1.00 65.90 ? 18  GLN A N   1 
ATOM   37   C  CA  . GLN A 1 21  ? 4.009   -8.197  -9.670  1.00 63.62 ? 18  GLN A CA  1 
ATOM   38   C  C   . GLN A 1 21  ? 5.152   -7.319  -9.214  1.00 62.09 ? 18  GLN A C   1 
ATOM   39   O  O   . GLN A 1 21  ? 6.258   -7.405  -9.750  1.00 62.19 ? 18  GLN A O   1 
ATOM   40   C  CB  . GLN A 1 21  ? 4.523   -9.242  -10.659 1.00 63.10 ? 18  GLN A CB  1 
ATOM   41   C  CG  . GLN A 1 21  ? 3.446   -9.854  -11.527 1.00 63.29 ? 18  GLN A CG  1 
ATOM   42   C  CD  . GLN A 1 21  ? 4.003   -10.846 -12.513 1.00 64.41 ? 18  GLN A CD  1 
ATOM   43   O  OE1 . GLN A 1 21  ? 4.967   -11.562 -12.222 1.00 64.54 ? 18  GLN A OE1 1 
ATOM   44   N  NE2 . GLN A 1 21  ? 3.410   -10.891 -13.703 1.00 64.73 ? 18  GLN A NE2 1 
ATOM   45   N  N   . LEU A 1 22  ? 4.860   -6.430  -8.272  1.00 59.23 ? 19  LEU A N   1 
ATOM   46   C  CA  . LEU A 1 22  ? 5.888   -5.661  -7.554  1.00 57.04 ? 19  LEU A CA  1 
ATOM   47   C  C   . LEU A 1 22  ? 6.598   -6.507  -6.492  1.00 55.68 ? 19  LEU A C   1 
ATOM   48   O  O   . LEU A 1 22  ? 5.946   -7.328  -5.832  1.00 54.41 ? 19  LEU A O   1 
ATOM   49   C  CB  . LEU A 1 22  ? 5.219   -4.468  -6.862  1.00 56.58 ? 19  LEU A CB  1 
ATOM   50   C  CG  . LEU A 1 22  ? 4.460   -3.495  -7.781  1.00 55.18 ? 19  LEU A CG  1 
ATOM   51   C  CD1 . LEU A 1 22  ? 3.961   -2.384  -6.843  1.00 52.86 ? 19  LEU A CD1 1 
ATOM   52   C  CD2 . LEU A 1 22  ? 5.371   -2.950  -8.862  1.00 52.37 ? 19  LEU A CD2 1 
ATOM   53   N  N   . ASN A 1 23  ? 7.907   -6.288  -6.287  1.00 55.09 ? 20  ASN A N   1 
ATOM   54   C  CA  . ASN A 1 23  ? 8.651   -7.043  -5.284  1.00 53.31 ? 20  ASN A CA  1 
ATOM   55   C  C   . ASN A 1 23  ? 8.340   -6.614  -3.853  1.00 53.67 ? 20  ASN A C   1 
ATOM   56   O  O   . ASN A 1 23  ? 7.548   -5.714  -3.629  1.00 54.70 ? 20  ASN A O   1 
ATOM   57   C  CB  . ASN A 1 23  ? 10.162  -7.098  -5.589  1.00 54.32 ? 20  ASN A CB  1 
ATOM   58   C  CG  . ASN A 1 23  ? 10.827  -5.749  -5.567  1.00 54.54 ? 20  ASN A CG  1 
ATOM   59   O  OD1 . ASN A 1 23  ? 10.819  -5.047  -4.562  1.00 55.98 ? 20  ASN A OD1 1 
ATOM   60   N  ND2 . ASN A 1 23  ? 11.471  -5.406  -6.658  1.00 55.19 ? 20  ASN A ND2 1 
ATOM   61   N  N   . SER A 1 24  ? 8.947   -7.242  -2.861  1.00 53.88 ? 21  SER A N   1 
ATOM   62   C  CA  . SER A 1 24  ? 8.525   -6.930  -1.519  1.00 52.91 ? 21  SER A CA  1 
ATOM   63   C  C   . SER A 1 24  ? 8.891   -5.485  -1.152  1.00 53.56 ? 21  SER A C   1 
ATOM   64   O  O   . SER A 1 24  ? 8.163   -4.812  -0.396  1.00 57.44 ? 21  SER A O   1 
ATOM   65   C  CB  . SER A 1 24  ? 9.022   -7.961  -0.527  1.00 52.74 ? 21  SER A CB  1 
ATOM   66   O  OG  . SER A 1 24  ? 10.450  -8.021  -0.483  1.00 55.45 ? 21  SER A OG  1 
ATOM   67   N  N   . THR A 1 25  ? 9.961   -4.965  -1.742  1.00 50.30 ? 22  THR A N   1 
ATOM   68   C  CA  . THR A 1 25  ? 10.412  -3.600  -1.440  1.00 47.68 ? 22  THR A CA  1 
ATOM   69   C  C   . THR A 1 25  ? 9.568   -2.515  -2.062  1.00 48.12 ? 22  THR A C   1 
ATOM   70   O  O   . THR A 1 25  ? 9.228   -1.542  -1.423  1.00 48.92 ? 22  THR A O   1 
ATOM   71   C  CB  . THR A 1 25  ? 11.837  -3.413  -1.942  1.00 46.71 ? 22  THR A CB  1 
ATOM   72   O  OG1 . THR A 1 25  ? 12.674  -4.336  -1.258  1.00 45.99 ? 22  THR A OG1 1 
ATOM   73   C  CG2 . THR A 1 25  ? 12.289  -2.013  -1.673  1.00 45.06 ? 22  THR A CG2 1 
ATOM   74   N  N   . GLU A 1 26  ? 9.275   -2.675  -3.345  1.00 48.96 ? 23  GLU A N   1 
ATOM   75   C  CA  . GLU A 1 26  ? 8.372   -1.811  -4.048  1.00 49.58 ? 23  GLU A CA  1 
ATOM   76   C  C   . GLU A 1 26  ? 7.032   -1.824  -3.364  1.00 51.78 ? 23  GLU A C   1 
ATOM   77   O  O   . GLU A 1 26  ? 6.403   -0.780  -3.204  1.00 55.80 ? 23  GLU A O   1 
ATOM   78   C  CB  . GLU A 1 26  ? 8.267   -2.259  -5.542  1.00 49.75 ? 23  GLU A CB  1 
ATOM   79   C  CG  . GLU A 1 26  ? 9.633   -2.487  -6.187  1.00 47.05 ? 23  GLU A CG  1 
ATOM   80   C  CD  . GLU A 1 26  ? 9.558   -2.787  -7.694  1.00 48.88 ? 23  GLU A CD  1 
ATOM   81   O  OE1 . GLU A 1 26  ? 8.606   -3.463  -8.136  1.00 47.13 ? 23  GLU A OE1 1 
ATOM   82   O  OE2 . GLU A 1 26  ? 10.486  -2.371  -8.441  1.00 49.35 ? 23  GLU A OE2 1 
ATOM   83   N  N   . VAL A 1 27  ? 6.565   -2.998  -2.955  1.00 52.34 ? 24  VAL A N   1 
ATOM   84   C  CA  . VAL A 1 27  ? 5.276   -3.060  -2.234  1.00 50.37 ? 24  VAL A CA  1 
ATOM   85   C  C   . VAL A 1 27  ? 5.297   -2.205  -0.947  1.00 51.61 ? 24  VAL A C   1 
ATOM   86   O  O   . VAL A 1 27  ? 4.372   -1.437  -0.702  1.00 51.25 ? 24  VAL A O   1 
ATOM   87   C  CB  . VAL A 1 27  ? 4.805   -4.543  -2.014  1.00 49.75 ? 24  VAL A CB  1 
ATOM   88   C  CG1 . VAL A 1 27  ? 3.846   -4.668  -0.805  1.00 50.09 ? 24  VAL A CG1 1 
ATOM   89   C  CG2 . VAL A 1 27  ? 4.170   -5.146  -3.382  1.00 49.09 ? 24  VAL A CG2 1 
ATOM   90   N  N   . ARG A 1 28  ? 6.393   -2.310  -0.172  1.00 53.20 ? 25  ARG A N   1 
ATOM   91   C  CA  . ARG A 1 28  ? 6.563   -1.632  1.140   1.00 53.07 ? 25  ARG A CA  1 
ATOM   92   C  C   . ARG A 1 28  ? 6.568   -0.125  0.949   1.00 53.46 ? 25  ARG A C   1 
ATOM   93   O  O   . ARG A 1 28  ? 5.847   0.607   1.658   1.00 54.82 ? 25  ARG A O   1 
ATOM   94   C  CB  . ARG A 1 28  ? 7.921   -2.039  1.763   1.00 53.21 ? 25  ARG A CB  1 
ATOM   95   C  CG  . ARG A 1 28  ? 8.224   -1.483  3.210   1.00 53.14 ? 25  ARG A CG  1 
ATOM   96   C  CD  . ARG A 1 28  ? 7.002   -1.461  4.123   1.00 51.36 ? 25  ARG A CD  1 
ATOM   97   N  NE  . ARG A 1 28  ? 6.407   -2.781  4.371   1.00 50.88 ? 25  ARG A NE  1 
ATOM   98   C  CZ  . ARG A 1 28  ? 6.699   -3.552  5.421   1.00 49.28 ? 25  ARG A CZ  1 
ATOM   99   N  NH1 . ARG A 1 28  ? 7.605   -3.140  6.295   1.00 48.20 ? 25  ARG A NH1 1 
ATOM   100  N  NH2 . ARG A 1 28  ? 6.118   -4.740  5.574   1.00 46.26 ? 25  ARG A NH2 1 
ATOM   101  N  N   . ILE A 1 29  ? 7.393   0.319   -0.015  1.00 48.66 ? 26  ILE A N   1 
ATOM   102  C  CA  . ILE A 1 29  ? 7.524   1.709   -0.390  1.00 47.02 ? 26  ILE A CA  1 
ATOM   103  C  C   . ILE A 1 29  ? 6.117   2.353   -0.664  1.00 49.04 ? 26  ILE A C   1 
ATOM   104  O  O   . ILE A 1 29  ? 5.659   3.231   0.106   1.00 49.00 ? 26  ILE A O   1 
ATOM   105  C  CB  . ILE A 1 29  ? 8.568   1.791   -1.548  1.00 47.89 ? 26  ILE A CB  1 
ATOM   106  C  CG1 . ILE A 1 29  ? 10.007  1.724   -0.957  1.00 46.15 ? 26  ILE A CG1 1 
ATOM   107  C  CG2 . ILE A 1 29  ? 8.387   3.017   -2.434  1.00 46.89 ? 26  ILE A CG2 1 
ATOM   108  C  CD1 . ILE A 1 29  ? 11.015  1.520   -2.069  1.00 46.85 ? 26  ILE A CD1 1 
ATOM   109  N  N   . LEU A 1 30  ? 5.416   1.905   -1.714  1.00 48.23 ? 27  LEU A N   1 
ATOM   110  C  CA  . LEU A 1 30  ? 4.085   2.437   -2.009  1.00 49.27 ? 27  LEU A CA  1 
ATOM   111  C  C   . LEU A 1 30  ? 3.146   2.486   -0.785  1.00 51.09 ? 27  LEU A C   1 
ATOM   112  O  O   . LEU A 1 30  ? 2.490   3.492   -0.537  1.00 53.05 ? 27  LEU A O   1 
ATOM   113  C  CB  . LEU A 1 30  ? 3.440   1.608   -3.101  1.00 49.21 ? 27  LEU A CB  1 
ATOM   114  C  CG  . LEU A 1 30  ? 4.166   1.688   -4.442  1.00 46.26 ? 27  LEU A CG  1 
ATOM   115  C  CD1 . LEU A 1 30  ? 3.342   0.913   -5.460  1.00 48.40 ? 27  LEU A CD1 1 
ATOM   116  C  CD2 . LEU A 1 30  ? 4.231   3.114   -4.900  1.00 45.68 ? 27  LEU A CD2 1 
ATOM   117  N  N   . GLY A 1 31  ? 3.065   1.396   -0.040  1.00 51.38 ? 28  GLY A N   1 
ATOM   118  C  CA  . GLY A 1 31  ? 2.356   1.410   1.228   1.00 53.80 ? 28  GLY A CA  1 
ATOM   119  C  C   . GLY A 1 31  ? 2.649   2.626   2.107   1.00 54.95 ? 28  GLY A C   1 
ATOM   120  O  O   . GLY A 1 31  ? 1.718   3.342   2.548   1.00 56.39 ? 28  GLY A O   1 
ATOM   121  N  N   . CYS A 1 32  ? 3.940   2.844   2.347   1.00 54.32 ? 29  CYS A N   1 
ATOM   122  C  CA  . CYS A 1 32  ? 4.430   3.913   3.196   1.00 53.96 ? 29  CYS A CA  1 
ATOM   123  C  C   . CYS A 1 32  ? 4.120   5.319   2.618   1.00 53.44 ? 29  CYS A C   1 
ATOM   124  O  O   . CYS A 1 32  ? 3.750   6.247   3.358   1.00 53.08 ? 29  CYS A O   1 
ATOM   125  C  CB  . CYS A 1 32  ? 5.920   3.719   3.392   1.00 52.28 ? 29  CYS A CB  1 
ATOM   126  S  SG  . CYS A 1 32  ? 6.343   2.305   4.450   1.00 55.61 ? 29  CYS A SG  1 
ATOM   127  N  N   . LEU A 1 33  ? 4.261   5.467   1.303   1.00 51.00 ? 30  LEU A N   1 
ATOM   128  C  CA  . LEU A 1 33  ? 3.933   6.728   0.671   1.00 50.75 ? 30  LEU A CA  1 
ATOM   129  C  C   . LEU A 1 33  ? 2.443   7.023   0.909   1.00 51.27 ? 30  LEU A C   1 
ATOM   130  O  O   . LEU A 1 33  ? 2.084   8.129   1.263   1.00 52.15 ? 30  LEU A O   1 
ATOM   131  C  CB  . LEU A 1 33  ? 4.294   6.713   -0.826  1.00 48.85 ? 30  LEU A CB  1 
ATOM   132  C  CG  . LEU A 1 33  ? 5.797   6.610   -1.177  1.00 48.76 ? 30  LEU A CG  1 
ATOM   133  C  CD1 . LEU A 1 33  ? 6.068   6.315   -2.685  1.00 47.51 ? 30  LEU A CD1 1 
ATOM   134  C  CD2 . LEU A 1 33  ? 6.577   7.831   -0.744  1.00 48.08 ? 30  LEU A CD2 1 
ATOM   135  N  N   . ILE A 1 34  ? 1.582   6.031   0.725   1.00 52.84 ? 31  ILE A N   1 
ATOM   136  C  CA  . ILE A 1 34  ? 0.162   6.217   0.954   1.00 54.18 ? 31  ILE A CA  1 
ATOM   137  C  C   . ILE A 1 34  ? -0.077  6.506   2.436   1.00 54.22 ? 31  ILE A C   1 
ATOM   138  O  O   . ILE A 1 34  ? -0.772  7.448   2.806   1.00 54.24 ? 31  ILE A O   1 
ATOM   139  C  CB  . ILE A 1 34  ? -0.620  4.978   0.545   1.00 55.10 ? 31  ILE A CB  1 
ATOM   140  C  CG1 . ILE A 1 34  ? -0.547  4.802   -0.971  1.00 54.89 ? 31  ILE A CG1 1 
ATOM   141  C  CG2 . ILE A 1 34  ? -2.064  5.039   1.112   1.00 55.10 ? 31  ILE A CG2 1 
ATOM   142  C  CD1 . ILE A 1 34  ? -1.113  3.476   -1.484  1.00 56.48 ? 31  ILE A CD1 1 
ATOM   143  N  N   . GLU A 1 35  ? 0.541   5.720   3.297   1.00 54.53 ? 32  GLU A N   1 
ATOM   144  C  CA  . GLU A 1 35  ? 0.289   5.894   4.727   1.00 55.11 ? 32  GLU A CA  1 
ATOM   145  C  C   . GLU A 1 35  ? 0.647   7.311   5.199   1.00 54.70 ? 32  GLU A C   1 
ATOM   146  O  O   . GLU A 1 35  ? -0.168  7.987   5.815   1.00 55.76 ? 32  GLU A O   1 
ATOM   147  C  CB  . GLU A 1 35  ? 1.067   4.855   5.529   1.00 54.42 ? 32  GLU A CB  1 
ATOM   148  C  CG  . GLU A 1 35  ? 0.799   4.906   6.976   1.00 55.38 ? 32  GLU A CG  1 
ATOM   149  C  CD  . GLU A 1 35  ? 1.819   4.134   7.770   1.00 55.56 ? 32  GLU A CD  1 
ATOM   150  O  OE1 . GLU A 1 35  ? 2.992   4.501   7.709   1.00 55.31 ? 32  GLU A OE1 1 
ATOM   151  O  OE2 . GLU A 1 35  ? 1.444   3.172   8.471   1.00 56.10 ? 32  GLU A OE2 1 
ATOM   152  N  N   . LYS A 1 36  ? 1.873   7.746   4.912   1.00 54.91 ? 33  LYS A N   1 
ATOM   153  C  CA  . LYS A 1 36  ? 2.390   9.001   5.454   1.00 53.04 ? 33  LYS A CA  1 
ATOM   154  C  C   . LYS A 1 36  ? 1.744   10.212  4.799   1.00 53.91 ? 33  LYS A C   1 
ATOM   155  O  O   . LYS A 1 36  ? 1.557   11.217  5.467   1.00 52.57 ? 33  LYS A O   1 
ATOM   156  C  CB  . LYS A 1 36  ? 3.909   9.064   5.365   1.00 53.35 ? 33  LYS A CB  1 
ATOM   157  C  CG  . LYS A 1 36  ? 4.647   7.957   6.124   1.00 51.42 ? 33  LYS A CG  1 
ATOM   158  C  CD  . LYS A 1 36  ? 4.148   7.945   7.567   1.00 51.25 ? 33  LYS A CD  1 
ATOM   159  C  CE  . LYS A 1 36  ? 4.914   6.930   8.357   1.00 50.84 ? 33  LYS A CE  1 
ATOM   160  N  NZ  . LYS A 1 36  ? 4.075   6.342   9.396   1.00 52.62 ? 33  LYS A NZ  1 
ATOM   161  N  N   . GLN A 1 37  ? 1.402   10.116  3.503   1.00 54.66 ? 34  GLN A N   1 
ATOM   162  C  CA  . GLN A 1 37  ? 0.539   11.129  2.878   1.00 56.22 ? 34  GLN A CA  1 
ATOM   163  C  C   . GLN A 1 37  ? -0.763  11.342  3.643   1.00 57.09 ? 34  GLN A C   1 
ATOM   164  O  O   . GLN A 1 37  ? -1.229  12.466  3.770   1.00 58.53 ? 34  GLN A O   1 
ATOM   165  C  CB  . GLN A 1 37  ? 0.208   10.815  1.401   1.00 56.97 ? 34  GLN A CB  1 
ATOM   166  C  CG  . GLN A 1 37  ? -0.954  11.655  0.842   1.00 56.56 ? 34  GLN A CG  1 
ATOM   167  C  CD  . GLN A 1 37  ? -1.317  11.263  -0.540  1.00 56.74 ? 34  GLN A CD  1 
ATOM   168  O  OE1 . GLN A 1 37  ? -1.733  10.121  -0.798  1.00 57.21 ? 34  GLN A OE1 1 
ATOM   169  N  NE2 . GLN A 1 37  ? -1.142  12.188  -1.462  1.00 55.95 ? 34  GLN A NE2 1 
ATOM   170  N  N   . ALA A 1 38  ? -1.359  10.279  4.146   1.00 58.23 ? 35  ALA A N   1 
ATOM   171  C  CA  . ALA A 1 38  ? -2.607  10.429  4.903   1.00 58.77 ? 35  ALA A CA  1 
ATOM   172  C  C   . ALA A 1 38  ? -2.404  10.804  6.377   1.00 59.05 ? 35  ALA A C   1 
ATOM   173  O  O   . ALA A 1 38  ? -3.237  11.490  6.958   1.00 56.95 ? 35  ALA A O   1 
ATOM   174  C  CB  . ALA A 1 38  ? -3.465  9.164   4.796   1.00 58.50 ? 35  ALA A CB  1 
ATOM   175  N  N   . THR A 1 39  ? -1.309  10.344  6.974   1.00 59.89 ? 36  THR A N   1 
ATOM   176  C  CA  . THR A 1 39  ? -1.185  10.378  8.425   1.00 60.95 ? 36  THR A CA  1 
ATOM   177  C  C   . THR A 1 39  ? -0.304  11.500  8.918   1.00 61.48 ? 36  THR A C   1 
ATOM   178  O  O   . THR A 1 39  ? -0.440  11.941  10.076  1.00 59.21 ? 36  THR A O   1 
ATOM   179  C  CB  . THR A 1 39  ? -0.620  9.074   8.982   1.00 61.97 ? 36  THR A CB  1 
ATOM   180  O  OG1 . THR A 1 39  ? 0.621   8.783   8.325   1.00 64.20 ? 36  THR A OG1 1 
ATOM   181  C  CG2 . THR A 1 39  ? -1.593  7.942   8.768   1.00 62.66 ? 36  THR A CG2 1 
ATOM   182  N  N   . ASN A 1 40  ? 0.666   11.891  8.085   1.00 62.48 ? 37  ASN A N   1 
ATOM   183  C  CA  . ASN A 1 40  ? 1.316   13.193  8.264   1.00 63.80 ? 37  ASN A CA  1 
ATOM   184  C  C   . ASN A 1 40  ? 1.724   13.912  6.987   1.00 63.11 ? 37  ASN A C   1 
ATOM   185  O  O   . ASN A 1 40  ? 2.898   13.882  6.587   1.00 62.36 ? 37  ASN A O   1 
ATOM   186  C  CB  . ASN A 1 40  ? 2.413   13.215  9.342   1.00 67.08 ? 37  ASN A CB  1 
ATOM   187  C  CG  . ASN A 1 40  ? 3.143   11.943  9.454   1.00 68.66 ? 37  ASN A CG  1 
ATOM   188  O  OD1 . ASN A 1 40  ? 4.245   11.818  8.940   1.00 71.67 ? 37  ASN A OD1 1 
ATOM   189  N  ND2 . ASN A 1 40  ? 2.553   10.973  10.135  1.00 69.15 ? 37  ASN A ND2 1 
ATOM   190  N  N   . PRO A 1 41  ? 0.733   14.581  6.353   1.00 62.64 ? 38  PRO A N   1 
ATOM   191  C  CA  . PRO A 1 41  ? 0.876   15.326  5.104   1.00 62.45 ? 38  PRO A CA  1 
ATOM   192  C  C   . PRO A 1 41  ? 2.056   16.299  5.120   1.00 63.62 ? 38  PRO A C   1 
ATOM   193  O  O   . PRO A 1 41  ? 2.609   16.604  4.060   1.00 63.61 ? 38  PRO A O   1 
ATOM   194  C  CB  . PRO A 1 41  ? -0.417  16.123  5.026   1.00 61.59 ? 38  PRO A CB  1 
ATOM   195  C  CG  . PRO A 1 41  ? -1.082  15.961  6.389   1.00 61.77 ? 38  PRO A CG  1 
ATOM   196  C  CD  . PRO A 1 41  ? -0.643  14.655  6.872   1.00 61.61 ? 38  PRO A CD  1 
ATOM   197  N  N   . GLU A 1 42  ? 2.424   16.757  6.320   1.00 64.32 ? 39  GLU A N   1 
ATOM   198  C  CA  . GLU A 1 42  ? 3.405   17.815  6.534   1.00 65.01 ? 39  GLU A CA  1 
ATOM   199  C  C   . GLU A 1 42  ? 4.783   17.277  6.242   1.00 64.28 ? 39  GLU A C   1 
ATOM   200  O  O   . GLU A 1 42  ? 5.749   18.036  6.102   1.00 64.50 ? 39  GLU A O   1 
ATOM   201  C  CB  . GLU A 1 42  ? 3.367   18.311  7.992   1.00 67.43 ? 39  GLU A CB  1 
ATOM   202  C  CG  . GLU A 1 42  ? 2.043   18.058  8.762   1.00 70.29 ? 39  GLU A CG  1 
ATOM   203  C  CD  . GLU A 1 42  ? 1.990   16.685  9.499   1.00 71.48 ? 39  GLU A CD  1 
ATOM   204  O  OE1 . GLU A 1 42  ? 3.062   16.055  9.711   1.00 71.91 ? 39  GLU A OE1 1 
ATOM   205  O  OE2 . GLU A 1 42  ? 0.873   16.252  9.891   1.00 71.61 ? 39  GLU A OE2 1 
ATOM   206  N  N   . THR A 1 43  ? 4.862   15.950  6.153   1.00 62.89 ? 40  THR A N   1 
ATOM   207  C  CA  . THR A 1 43  ? 6.133   15.223  5.974   1.00 62.04 ? 40  THR A CA  1 
ATOM   208  C  C   . THR A 1 43  ? 6.212   14.697  4.522   1.00 58.57 ? 40  THR A C   1 
ATOM   209  O  O   . THR A 1 43  ? 7.233   14.192  4.096   1.00 55.91 ? 40  THR A O   1 
ATOM   210  C  CB  . THR A 1 43  ? 6.269   14.087  7.086   1.00 63.11 ? 40  THR A CB  1 
ATOM   211  O  OG1 . THR A 1 43  ? 6.347   14.698  8.386   1.00 63.52 ? 40  THR A OG1 1 
ATOM   212  C  CG2 . THR A 1 43  ? 7.493   13.199  6.906   1.00 63.70 ? 40  THR A CG2 1 
ATOM   213  N  N   . TYR A 1 44  ? 5.119   14.890  3.783   1.00 56.45 ? 41  TYR A N   1 
ATOM   214  C  CA  . TYR A 1 44  ? 4.914   14.303  2.467   1.00 54.77 ? 41  TYR A CA  1 
ATOM   215  C  C   . TYR A 1 44  ? 4.976   15.382  1.362   1.00 54.26 ? 41  TYR A C   1 
ATOM   216  O  O   . TYR A 1 44  ? 4.377   16.448  1.517   1.00 54.19 ? 41  TYR A O   1 
ATOM   217  C  CB  . TYR A 1 44  ? 3.555   13.580  2.444   1.00 53.93 ? 41  TYR A CB  1 
ATOM   218  C  CG  . TYR A 1 44  ? 3.252   12.881  1.148   1.00 53.09 ? 41  TYR A CG  1 
ATOM   219  C  CD1 . TYR A 1 44  ? 3.688   11.581  0.922   1.00 52.77 ? 41  TYR A CD1 1 
ATOM   220  C  CD2 . TYR A 1 44  ? 2.560   13.535  0.126   1.00 52.87 ? 41  TYR A CD2 1 
ATOM   221  C  CE1 . TYR A 1 44  ? 3.431   10.940  -0.278  1.00 53.55 ? 41  TYR A CE1 1 
ATOM   222  C  CE2 . TYR A 1 44  ? 2.291   12.907  -1.081  1.00 52.54 ? 41  TYR A CE2 1 
ATOM   223  C  CZ  . TYR A 1 44  ? 2.714   11.607  -1.274  1.00 53.75 ? 41  TYR A CZ  1 
ATOM   224  O  OH  . TYR A 1 44  ? 2.462   10.972  -2.475  1.00 54.86 ? 41  TYR A OH  1 
ATOM   225  N  N   . PRO A 1 45  ? 5.639   15.095  0.209   1.00 53.66 ? 42  PRO A N   1 
ATOM   226  C  CA  . PRO A 1 45  ? 6.279   13.856  -0.233  1.00 52.74 ? 42  PRO A CA  1 
ATOM   227  C  C   . PRO A 1 45  ? 7.457   13.489  0.658   1.00 52.18 ? 42  PRO A C   1 
ATOM   228  O  O   . PRO A 1 45  ? 8.053   14.360  1.261   1.00 51.31 ? 42  PRO A O   1 
ATOM   229  C  CB  . PRO A 1 45  ? 6.745   14.196  -1.657  1.00 52.02 ? 42  PRO A CB  1 
ATOM   230  C  CG  . PRO A 1 45  ? 6.876   15.648  -1.686  1.00 52.35 ? 42  PRO A CG  1 
ATOM   231  C  CD  . PRO A 1 45  ? 5.762   16.146  -0.824  1.00 53.36 ? 42  PRO A CD  1 
ATOM   232  N  N   . LEU A 1 46  ? 7.767   12.204  0.754   1.00 52.04 ? 43  LEU A N   1 
ATOM   233  C  CA  . LEU A 1 46  ? 8.770   11.769  1.706   1.00 51.98 ? 43  LEU A CA  1 
ATOM   234  C  C   . LEU A 1 46  ? 10.160  11.951  1.103   1.00 52.38 ? 43  LEU A C   1 
ATOM   235  O  O   . LEU A 1 46  ? 10.337  11.779  -0.099  1.00 53.18 ? 43  LEU A O   1 
ATOM   236  C  CB  . LEU A 1 46  ? 8.519   10.306  2.107   1.00 51.51 ? 43  LEU A CB  1 
ATOM   237  C  CG  . LEU A 1 46  ? 7.189   9.958   2.809   1.00 51.55 ? 43  LEU A CG  1 
ATOM   238  C  CD1 . LEU A 1 46  ? 7.120   8.488   3.147   1.00 50.31 ? 43  LEU A CD1 1 
ATOM   239  C  CD2 . LEU A 1 46  ? 7.014   10.789  4.066   1.00 50.70 ? 43  LEU A CD2 1 
ATOM   240  N  N   . THR A 1 47  ? 11.129  12.328  1.932   1.00 51.75 ? 44  THR A N   1 
ATOM   241  C  CA  . THR A 1 47  ? 12.547  12.283  1.566   1.00 51.29 ? 44  THR A CA  1 
ATOM   242  C  C   . THR A 1 47  ? 12.919  10.820  1.612   1.00 51.83 ? 44  THR A C   1 
ATOM   243  O  O   . THR A 1 47  ? 12.172  10.004  2.184   1.00 53.25 ? 44  THR A O   1 
ATOM   244  C  CB  . THR A 1 47  ? 13.481  12.963  2.617   1.00 51.20 ? 44  THR A CB  1 
ATOM   245  O  OG1 . THR A 1 47  ? 13.276  12.341  3.880   1.00 51.49 ? 44  THR A OG1 1 
ATOM   246  C  CG2 . THR A 1 47  ? 13.264  14.487  2.747   1.00 50.28 ? 44  THR A CG2 1 
ATOM   247  N  N   . LEU A 1 48  ? 14.066  10.489  1.025   1.00 50.15 ? 45  LEU A N   1 
ATOM   248  C  CA  . LEU A 1 48  ? 14.584  9.126   1.021   1.00 50.49 ? 45  LEU A CA  1 
ATOM   249  C  C   . LEU A 1 48  ? 14.689  8.570   2.463   1.00 49.77 ? 45  LEU A C   1 
ATOM   250  O  O   . LEU A 1 48  ? 14.127  7.517   2.746   1.00 51.90 ? 45  LEU A O   1 
ATOM   251  C  CB  . LEU A 1 48  ? 15.969  9.089   0.367   1.00 50.14 ? 45  LEU A CB  1 
ATOM   252  C  CG  . LEU A 1 48  ? 16.426  7.831   -0.367  1.00 50.61 ? 45  LEU A CG  1 
ATOM   253  C  CD1 . LEU A 1 48  ? 17.964  7.730   -0.357  1.00 49.30 ? 45  LEU A CD1 1 
ATOM   254  C  CD2 . LEU A 1 48  ? 15.808  6.533   0.100   1.00 50.52 ? 45  LEU A CD2 1 
ATOM   255  N  N   . ASN A 1 49  ? 15.393  9.272   3.348   1.00 46.45 ? 46  ASN A N   1 
ATOM   256  C  CA  . ASN A 1 49  ? 15.540  8.842   4.732   1.00 46.32 ? 46  ASN A CA  1 
ATOM   257  C  C   . ASN A 1 49  ? 14.233  8.685   5.528   1.00 47.49 ? 46  ASN A C   1 
ATOM   258  O  O   . ASN A 1 49  ? 14.055  7.698   6.233   1.00 47.59 ? 46  ASN A O   1 
ATOM   259  C  CB  . ASN A 1 49  ? 16.510  9.742   5.460   1.00 43.94 ? 46  ASN A CB  1 
ATOM   260  C  CG  . ASN A 1 49  ? 17.919  9.639   4.878   1.00 43.57 ? 46  ASN A CG  1 
ATOM   261  O  OD1 . ASN A 1 49  ? 18.176  8.794   4.044   1.00 42.19 ? 46  ASN A OD1 1 
ATOM   262  N  ND2 . ASN A 1 49  ? 18.826  10.469  5.347   1.00 42.77 ? 46  ASN A ND2 1 
ATOM   263  N  N   . ALA A 1 50  ? 13.318  9.637   5.386   1.00 48.14 ? 47  ALA A N   1 
ATOM   264  C  CA  . ALA A 1 50  ? 12.009  9.514   6.009   1.00 48.18 ? 47  ALA A CA  1 
ATOM   265  C  C   . ALA A 1 50  ? 11.372  8.239   5.511   1.00 48.80 ? 47  ALA A C   1 
ATOM   266  O  O   . ALA A 1 50  ? 10.742  7.526   6.306   1.00 50.32 ? 47  ALA A O   1 
ATOM   267  C  CB  . ALA A 1 50  ? 11.141  10.703  5.678   1.00 47.82 ? 47  ALA A CB  1 
ATOM   268  N  N   . LEU A 1 51  ? 11.538  7.947   4.205   1.00 49.38 ? 48  LEU A N   1 
ATOM   269  C  CA  . LEU A 1 51  ? 10.930  6.770   3.577   1.00 48.35 ? 48  LEU A CA  1 
ATOM   270  C  C   . LEU A 1 51  ? 11.534  5.461   4.097   1.00 49.07 ? 48  LEU A C   1 
ATOM   271  O  O   . LEU A 1 51  ? 10.804  4.499   4.357   1.00 51.47 ? 48  LEU A O   1 
ATOM   272  C  CB  . LEU A 1 51  ? 11.033  6.816   2.040   1.00 48.08 ? 48  LEU A CB  1 
ATOM   273  C  CG  . LEU A 1 51  ? 10.422  5.632   1.252   1.00 48.87 ? 48  LEU A CG  1 
ATOM   274  C  CD1 . LEU A 1 51  ? 8.919   5.367   1.614   1.00 49.06 ? 48  LEU A CD1 1 
ATOM   275  C  CD2 . LEU A 1 51  ? 10.614  5.833   -0.267  1.00 47.96 ? 48  LEU A CD2 1 
ATOM   276  N  N   . VAL A 1 52  ? 12.855  5.381   4.237   1.00 47.50 ? 49  VAL A N   1 
ATOM   277  C  CA  . VAL A 1 52  ? 13.390  4.161   4.823   1.00 46.76 ? 49  VAL A CA  1 
ATOM   278  C  C   . VAL A 1 52  ? 12.976  3.970   6.291   1.00 47.09 ? 49  VAL A C   1 
ATOM   279  O  O   . VAL A 1 52  ? 12.741  2.849   6.733   1.00 46.46 ? 49  VAL A O   1 
ATOM   280  C  CB  . VAL A 1 52  ? 14.927  3.931   4.606   1.00 47.01 ? 49  VAL A CB  1 
ATOM   281  C  CG1 . VAL A 1 52  ? 15.552  4.950   3.675   1.00 45.75 ? 49  VAL A CG1 1 
ATOM   282  C  CG2 . VAL A 1 52  ? 15.641  3.827   5.920   1.00 45.30 ? 49  VAL A CG2 1 
ATOM   283  N  N   . ILE A 1 53  ? 12.910  5.045   7.065   1.00 48.00 ? 50  ILE A N   1 
ATOM   284  C  CA  . ILE A 1 53  ? 12.377  4.932   8.423   1.00 46.91 ? 50  ILE A CA  1 
ATOM   285  C  C   . ILE A 1 53  ? 10.943  4.360   8.320   1.00 49.61 ? 50  ILE A C   1 
ATOM   286  O  O   . ILE A 1 53  ? 10.603  3.409   9.028   1.00 49.39 ? 50  ILE A O   1 
ATOM   287  C  CB  . ILE A 1 53  ? 12.425  6.253   9.194   1.00 45.07 ? 50  ILE A CB  1 
ATOM   288  C  CG1 . ILE A 1 53  ? 13.877  6.603   9.575   1.00 45.88 ? 50  ILE A CG1 1 
ATOM   289  C  CG2 . ILE A 1 53  ? 11.610  6.151   10.493  1.00 42.92 ? 50  ILE A CG2 1 
ATOM   290  C  CD1 . ILE A 1 53  ? 14.045  8.028   10.145  1.00 44.56 ? 50  ILE A CD1 1 
ATOM   291  N  N   . ALA A 1 54  ? 10.124  4.876   7.397   1.00 51.58 ? 51  ALA A N   1 
ATOM   292  C  CA  . ALA A 1 54  ? 8.725   4.428   7.364   1.00 52.33 ? 51  ALA A CA  1 
ATOM   293  C  C   . ALA A 1 54  ? 8.683   2.942   6.962   1.00 53.45 ? 51  ALA A C   1 
ATOM   294  O  O   . ALA A 1 54  ? 7.755   2.213   7.347   1.00 53.25 ? 51  ALA A O   1 
ATOM   295  C  CB  . ALA A 1 54  ? 7.890   5.281   6.414   1.00 52.31 ? 51  ALA A CB  1 
ATOM   296  N  N   . CYS A 1 55  ? 9.705   2.486   6.233   1.00 52.56 ? 52  CYS A N   1 
ATOM   297  C  CA  . CYS A 1 55  ? 9.701   1.115   5.656   1.00 53.13 ? 52  CYS A CA  1 
ATOM   298  C  C   . CYS A 1 55  ? 10.079  0.074   6.712   1.00 52.73 ? 52  CYS A C   1 
ATOM   299  O  O   . CYS A 1 55  ? 9.593   -1.060  6.667   1.00 53.63 ? 52  CYS A O   1 
ATOM   300  C  CB  . CYS A 1 55  ? 10.715  1.003   4.515   1.00 53.60 ? 52  CYS A CB  1 
ATOM   301  S  SG  . CYS A 1 55  ? 10.260  1.663   2.922   1.00 55.71 ? 52  CYS A SG  1 
ATOM   302  N  N   . ASN A 1 56  ? 10.966  0.472   7.635   1.00 50.83 ? 53  ASN A N   1 
ATOM   303  C  CA  . ASN A 1 56  ? 11.565  -0.389  8.657   1.00 48.42 ? 53  ASN A CA  1 
ATOM   304  C  C   . ASN A 1 56  ? 10.899  -0.313  10.024  1.00 47.73 ? 53  ASN A C   1 
ATOM   305  O  O   . ASN A 1 56  ? 11.446  -0.788  11.037  1.00 48.21 ? 53  ASN A O   1 
ATOM   306  C  CB  . ASN A 1 56  ? 13.067  -0.060  8.767   1.00 48.02 ? 53  ASN A CB  1 
ATOM   307  C  CG  . ASN A 1 56  ? 13.768  -0.198  7.427   1.00 48.18 ? 53  ASN A CG  1 
ATOM   308  O  OD1 . ASN A 1 56  ? 13.286  -0.920  6.568   1.00 47.99 ? 53  ASN A OD1 1 
ATOM   309  N  ND2 . ASN A 1 56  ? 14.895  0.495   7.239   1.00 48.06 ? 53  ASN A ND2 1 
ATOM   310  N  N   . GLN A 1 57  ? 9.734   0.306   10.060  1.00 46.83 ? 54  GLN A N   1 
ATOM   311  C  CA  . GLN A 1 57  ? 9.012   0.509   11.308  1.00 46.45 ? 54  GLN A CA  1 
ATOM   312  C  C   . GLN A 1 57  ? 8.671   -0.799  11.999  1.00 46.25 ? 54  GLN A C   1 
ATOM   313  O  O   . GLN A 1 57  ? 8.358   -1.801  11.326  1.00 45.21 ? 54  GLN A O   1 
ATOM   314  C  CB  . GLN A 1 57  ? 7.707   1.232   11.051  1.00 47.84 ? 54  GLN A CB  1 
ATOM   315  C  CG  . GLN A 1 57  ? 7.726   2.725   11.217  1.00 48.73 ? 54  GLN A CG  1 
ATOM   316  C  CD  . GLN A 1 57  ? 6.363   3.341   10.875  1.00 49.18 ? 54  GLN A CD  1 
ATOM   317  O  OE1 . GLN A 1 57  ? 6.299   4.460   10.407  1.00 50.82 ? 54  GLN A OE1 1 
ATOM   318  N  NE2 . GLN A 1 57  ? 5.277   2.603   11.097  1.00 50.96 ? 54  GLN A NE2 1 
ATOM   319  N  N   . LYS A 1 58  ? 8.752   -0.793  13.338  1.00 44.01 ? 55  LYS A N   1 
ATOM   320  C  CA  . LYS A 1 58  ? 8.262   -1.909  14.119  1.00 44.41 ? 55  LYS A CA  1 
ATOM   321  C  C   . LYS A 1 58  ? 6.719   -2.055  14.109  1.00 46.62 ? 55  LYS A C   1 
ATOM   322  O  O   . LYS A 1 58  ? 6.205   -3.191  14.192  1.00 46.23 ? 55  LYS A O   1 
ATOM   323  C  CB  . LYS A 1 58  ? 8.730   -1.780  15.556  1.00 43.16 ? 55  LYS A CB  1 
ATOM   324  C  CG  . LYS A 1 58  ? 10.223  -1.641  15.670  1.00 42.50 ? 55  LYS A CG  1 
ATOM   325  C  CD  . LYS A 1 58  ? 10.945  -2.898  15.201  1.00 42.42 ? 55  LYS A CD  1 
ATOM   326  C  CE  . LYS A 1 58  ? 12.207  -2.546  14.425  1.00 41.79 ? 55  LYS A CE  1 
ATOM   327  N  NZ  . LYS A 1 58  ? 13.295  -3.534  14.637  1.00 40.64 ? 55  LYS A NZ  1 
ATOM   328  N  N   . THR A 1 59  ? 5.977   -0.936  14.050  1.00 47.70 ? 56  THR A N   1 
ATOM   329  C  CA  . THR A 1 59  ? 4.508   -0.994  14.260  1.00 48.99 ? 56  THR A CA  1 
ATOM   330  C  C   . THR A 1 59  ? 3.808   -0.711  12.966  1.00 48.64 ? 56  THR A C   1 
ATOM   331  O  O   . THR A 1 59  ? 4.404   -0.103  12.099  1.00 52.50 ? 56  THR A O   1 
ATOM   332  C  CB  . THR A 1 59  ? 3.986   -0.102  15.442  1.00 48.00 ? 56  THR A CB  1 
ATOM   333  O  OG1 . THR A 1 59  ? 3.930   1.269   15.047  1.00 47.89 ? 56  THR A OG1 1 
ATOM   334  C  CG2 . THR A 1 59  ? 4.879   -0.240  16.712  1.00 48.70 ? 56  THR A CG2 1 
ATOM   335  N  N   . SER A 1 60  ? 2.581   -1.188  12.791  1.00 50.29 ? 57  SER A N   1 
ATOM   336  C  CA  . SER A 1 60  ? 1.835   -1.024  11.498  1.00 50.14 ? 57  SER A CA  1 
ATOM   337  C  C   . SER A 1 60  ? 2.452   -1.677  10.248  1.00 50.95 ? 57  SER A C   1 
ATOM   338  O  O   . SER A 1 60  ? 2.048   -1.381  9.095   1.00 50.92 ? 57  SER A O   1 
ATOM   339  C  CB  . SER A 1 60  ? 1.509   0.458   11.215  1.00 50.25 ? 57  SER A CB  1 
ATOM   340  O  OG  . SER A 1 60  ? 0.480   0.938   12.094  1.00 52.71 ? 57  SER A OG  1 
ATOM   341  N  N   . ARG A 1 61  ? 3.378   -2.614  10.479  1.00 51.77 ? 58  ARG A N   1 
ATOM   342  C  CA  . ARG A 1 61  ? 4.166   -3.293  9.440   1.00 51.70 ? 58  ARG A CA  1 
ATOM   343  C  C   . ARG A 1 61  ? 4.067   -4.828  9.573   1.00 52.15 ? 58  ARG A C   1 
ATOM   344  O  O   . ARG A 1 61  ? 4.320   -5.359  10.629  1.00 51.65 ? 58  ARG A O   1 
ATOM   345  C  CB  . ARG A 1 61  ? 5.671   -2.900  9.542   1.00 51.59 ? 58  ARG A CB  1 
ATOM   346  C  CG  . ARG A 1 61  ? 6.022   -1.439  9.268   1.00 51.31 ? 58  ARG A CG  1 
ATOM   347  C  CD  . ARG A 1 61  ? 5.384   -0.910  7.944   1.00 51.39 ? 58  ARG A CD  1 
ATOM   348  N  NE  . ARG A 1 61  ? 5.568   0.539   7.835   1.00 52.80 ? 58  ARG A NE  1 
ATOM   349  C  CZ  . ARG A 1 61  ? 4.616   1.479   7.954   1.00 55.22 ? 58  ARG A CZ  1 
ATOM   350  N  NH1 . ARG A 1 61  ? 3.328   1.178   8.141   1.00 54.67 ? 58  ARG A NH1 1 
ATOM   351  N  NH2 . ARG A 1 61  ? 4.954   2.766   7.859   1.00 56.48 ? 58  ARG A NH2 1 
ATOM   352  N  N   . ASP A 1 62  ? 3.720   -5.529  8.489   1.00 53.41 ? 59  ASP A N   1 
ATOM   353  C  CA  . ASP A 1 62  ? 3.848   -6.991  8.447   1.00 53.34 ? 59  ASP A CA  1 
ATOM   354  C  C   . ASP A 1 62  ? 4.341   -7.477  7.084   1.00 53.26 ? 59  ASP A C   1 
ATOM   355  O  O   . ASP A 1 62  ? 3.588   -7.480  6.113   1.00 52.22 ? 59  ASP A O   1 
ATOM   356  C  CB  . ASP A 1 62  ? 2.518   -7.653  8.742   1.00 54.88 ? 59  ASP A CB  1 
ATOM   357  C  CG  . ASP A 1 62  ? 2.661   -9.110  9.131   1.00 56.80 ? 59  ASP A CG  1 
ATOM   358  O  OD1 . ASP A 1 62  ? 3.666   -9.763  8.762   1.00 57.76 ? 59  ASP A OD1 1 
ATOM   359  O  OD2 . ASP A 1 62  ? 1.745   -9.605  9.821   1.00 57.39 ? 59  ASP A OD2 1 
ATOM   360  N  N   . PRO A 1 63  ? 5.600   -7.916  7.021   1.00 52.63 ? 60  PRO A N   1 
ATOM   361  C  CA  . PRO A 1 63  ? 6.465   -8.076  8.186   1.00 52.59 ? 60  PRO A CA  1 
ATOM   362  C  C   . PRO A 1 63  ? 7.353   -6.859  8.433   1.00 52.45 ? 60  PRO A C   1 
ATOM   363  O  O   . PRO A 1 63  ? 7.446   -5.940  7.564   1.00 51.93 ? 60  PRO A O   1 
ATOM   364  C  CB  . PRO A 1 63  ? 7.358   -9.242  7.768   1.00 52.93 ? 60  PRO A CB  1 
ATOM   365  C  CG  . PRO A 1 63  ? 7.419   -9.120  6.225   1.00 51.91 ? 60  PRO A CG  1 
ATOM   366  C  CD  . PRO A 1 63  ? 6.290   -8.274  5.770   1.00 52.46 ? 60  PRO A CD  1 
ATOM   367  N  N   . VAL A 1 64  ? 8.000   -6.865  9.599   1.00 50.88 ? 61  VAL A N   1 
ATOM   368  C  CA  . VAL A 1 64  ? 9.055   -5.923  9.913   1.00 51.22 ? 61  VAL A CA  1 
ATOM   369  C  C   . VAL A 1 64  ? 10.194  -6.061  8.908   1.00 52.74 ? 61  VAL A C   1 
ATOM   370  O  O   . VAL A 1 64  ? 10.668  -7.153  8.668   1.00 51.87 ? 61  VAL A O   1 
ATOM   371  C  CB  . VAL A 1 64  ? 9.615   -6.135  11.351  1.00 50.19 ? 61  VAL A CB  1 
ATOM   372  C  CG1 . VAL A 1 64  ? 10.884  -5.365  11.522  1.00 48.24 ? 61  VAL A CG1 1 
ATOM   373  C  CG2 . VAL A 1 64  ? 8.598   -5.673  12.359  1.00 49.67 ? 61  VAL A CG2 1 
HETATM 374  N  N   . MSE A 1 65  ? 10.624  -4.951  8.321   1.00 55.30 ? 62  MSE A N   1 
HETATM 375  C  CA  . MSE A 1 65  ? 11.755  -4.996  7.407   1.00 58.61 ? 62  MSE A CA  1 
HETATM 376  C  C   . MSE A 1 65  ? 13.017  -4.274  7.922   1.00 57.99 ? 62  MSE A C   1 
HETATM 377  O  O   . MSE A 1 65  ? 13.026  -3.674  9.006   1.00 58.69 ? 62  MSE A O   1 
HETATM 378  C  CB  . MSE A 1 65  ? 11.332  -4.515  6.014   1.00 59.38 ? 62  MSE A CB  1 
HETATM 379  C  CG  . MSE A 1 65  ? 10.253  -5.362  5.429   1.00 60.41 ? 62  MSE A CG  1 
HETATM 380  SE SE  . MSE A 1 65  ? 9.858   -4.861  3.567   0.80 63.85 ? 62  MSE A SE  1 
HETATM 381  C  CE  . MSE A 1 65  ? 8.876   -6.449  2.996   1.00 62.64 ? 62  MSE A CE  1 
ATOM   382  N  N   . ASN A 1 66  ? 14.099  -4.410  7.163   1.00 57.93 ? 63  ASN A N   1 
ATOM   383  C  CA  . ASN A 1 66  ? 15.348  -3.709  7.409   1.00 57.39 ? 63  ASN A CA  1 
ATOM   384  C  C   . ASN A 1 66  ? 16.038  -3.452  6.088   1.00 56.77 ? 63  ASN A C   1 
ATOM   385  O  O   . ASN A 1 66  ? 17.137  -3.964  5.817   1.00 55.63 ? 63  ASN A O   1 
ATOM   386  C  CB  . ASN A 1 66  ? 16.242  -4.474  8.366   1.00 59.06 ? 63  ASN A CB  1 
ATOM   387  C  CG  . ASN A 1 66  ? 15.719  -4.437  9.757   1.00 60.48 ? 63  ASN A CG  1 
ATOM   388  O  OD1 . ASN A 1 66  ? 15.902  -3.443  10.476  1.00 61.00 ? 63  ASN A OD1 1 
ATOM   389  N  ND2 . ASN A 1 66  ? 15.011  -5.497  10.146  1.00 60.48 ? 63  ASN A ND2 1 
ATOM   390  N  N   . LEU A 1 67  ? 15.346  -2.670  5.264   1.00 55.42 ? 64  LEU A N   1 
ATOM   391  C  CA  . LEU A 1 67  ? 15.846  -2.206  3.987   1.00 54.47 ? 64  LEU A CA  1 
ATOM   392  C  C   . LEU A 1 67  ? 16.813  -1.057  4.237   1.00 54.72 ? 64  LEU A C   1 
ATOM   393  O  O   . LEU A 1 67  ? 16.638  -0.251  5.153   1.00 53.77 ? 64  LEU A O   1 
ATOM   394  C  CB  . LEU A 1 67  ? 14.684  -1.730  3.116   1.00 53.66 ? 64  LEU A CB  1 
ATOM   395  C  CG  . LEU A 1 67  ? 13.550  -2.743  2.944   1.00 53.58 ? 64  LEU A CG  1 
ATOM   396  C  CD1 . LEU A 1 67  ? 12.246  -2.080  2.483   1.00 55.02 ? 64  LEU A CD1 1 
ATOM   397  C  CD2 . LEU A 1 67  ? 13.930  -3.852  2.021   1.00 54.03 ? 64  LEU A CD2 1 
ATOM   398  N  N   . THR A 1 68  ? 17.853  -1.005  3.419   1.00 56.23 ? 65  THR A N   1 
ATOM   399  C  CA  . THR A 1 68  ? 18.887  0.017   3.522   1.00 55.75 ? 65  THR A CA  1 
ATOM   400  C  C   . THR A 1 68  ? 18.470  1.158   2.581   1.00 57.47 ? 65  THR A C   1 
ATOM   401  O  O   . THR A 1 68  ? 17.399  1.119   1.956   1.00 54.71 ? 65  THR A O   1 
ATOM   402  C  CB  . THR A 1 68  ? 20.291  -0.530  3.067   1.00 54.93 ? 65  THR A CB  1 
ATOM   403  O  OG1 . THR A 1 68  ? 20.369  -0.499  1.646   1.00 53.56 ? 65  THR A OG1 1 
ATOM   404  C  CG2 . THR A 1 68  ? 20.548  -1.962  3.545   1.00 53.46 ? 65  THR A CG2 1 
ATOM   405  N  N   . GLN A 1 69  ? 19.340  2.158   2.464   1.00 59.83 ? 66  GLN A N   1 
ATOM   406  C  CA  . GLN A 1 69  ? 19.067  3.344   1.657   1.00 61.13 ? 66  GLN A CA  1 
ATOM   407  C  C   . GLN A 1 69  ? 19.099  3.025   0.149   1.00 60.65 ? 66  GLN A C   1 
ATOM   408  O  O   . GLN A 1 69  ? 18.214  3.440   -0.595  1.00 60.09 ? 66  GLN A O   1 
ATOM   409  C  CB  . GLN A 1 69  ? 20.119  4.384   1.994   1.00 63.13 ? 66  GLN A CB  1 
ATOM   410  C  CG  . GLN A 1 69  ? 19.599  5.753   2.281   1.00 65.02 ? 66  GLN A CG  1 
ATOM   411  C  CD  . GLN A 1 69  ? 20.699  6.642   2.792   1.00 66.64 ? 66  GLN A CD  1 
ATOM   412  O  OE1 . GLN A 1 69  ? 21.847  6.566   2.316   1.00 67.94 ? 66  GLN A OE1 1 
ATOM   413  N  NE2 . GLN A 1 69  ? 20.379  7.481   3.777   1.00 66.68 ? 66  GLN A NE2 1 
ATOM   414  N  N   . GLY A 1 70  ? 20.102  2.263   -0.276  1.00 59.53 ? 67  GLY A N   1 
ATOM   415  C  CA  . GLY A 1 70  ? 20.279  1.895   -1.683  1.00 60.02 ? 67  GLY A CA  1 
ATOM   416  C  C   . GLY A 1 70  ? 19.185  1.001   -2.224  1.00 60.59 ? 67  GLY A C   1 
ATOM   417  O  O   . GLY A 1 70  ? 18.768  1.139   -3.379  1.00 61.89 ? 67  GLY A O   1 
ATOM   418  N  N   . GLN A 1 71  ? 18.714  0.076   -1.396  1.00 60.30 ? 68  GLN A N   1 
ATOM   419  C  CA  . GLN A 1 71  ? 17.567  -0.745  -1.777  1.00 59.73 ? 68  GLN A CA  1 
ATOM   420  C  C   . GLN A 1 71  ? 16.355  0.143   -1.979  1.00 60.15 ? 68  GLN A C   1 
ATOM   421  O  O   . GLN A 1 71  ? 15.701  0.052   -3.022  1.00 61.90 ? 68  GLN A O   1 
ATOM   422  C  CB  . GLN A 1 71  ? 17.282  -1.838  -0.741  1.00 59.92 ? 68  GLN A CB  1 
ATOM   423  C  CG  . GLN A 1 71  ? 18.521  -2.690  -0.406  1.00 59.42 ? 68  GLN A CG  1 
ATOM   424  C  CD  . GLN A 1 71  ? 18.316  -3.643  0.773   1.00 59.38 ? 68  GLN A CD  1 
ATOM   425  O  OE1 . GLN A 1 71  ? 18.159  -3.227  1.924   1.00 58.07 ? 68  GLN A OE1 1 
ATOM   426  N  NE2 . GLN A 1 71  ? 18.361  -4.935  0.485   1.00 60.03 ? 68  GLN A NE2 1 
ATOM   427  N  N   . VAL A 1 72  ? 16.062  1.010   -1.008  1.00 59.38 ? 69  VAL A N   1 
ATOM   428  C  CA  . VAL A 1 72  ? 14.946  1.951   -1.164  1.00 59.68 ? 69  VAL A CA  1 
ATOM   429  C  C   . VAL A 1 72  ? 15.113  2.870   -2.396  1.00 59.84 ? 69  VAL A C   1 
ATOM   430  O  O   . VAL A 1 72  ? 14.187  3.019   -3.211  1.00 59.81 ? 69  VAL A O   1 
ATOM   431  C  CB  . VAL A 1 72  ? 14.628  2.747   0.127   1.00 59.25 ? 69  VAL A CB  1 
ATOM   432  C  CG1 . VAL A 1 72  ? 13.379  3.587   -0.067  1.00 58.81 ? 69  VAL A CG1 1 
ATOM   433  C  CG2 . VAL A 1 72  ? 14.409  1.811   1.316   1.00 58.70 ? 69  VAL A CG2 1 
ATOM   434  N  N   . GLY A 1 73  ? 16.304  3.447   -2.540  1.00 60.53 ? 70  GLY A N   1 
ATOM   435  C  CA  . GLY A 1 73  ? 16.636  4.277   -3.690  1.00 60.95 ? 70  GLY A CA  1 
ATOM   436  C  C   . GLY A 1 73  ? 16.390  3.640   -5.055  1.00 61.46 ? 70  GLY A C   1 
ATOM   437  O  O   . GLY A 1 73  ? 15.854  4.297   -5.953  1.00 61.10 ? 70  GLY A O   1 
ATOM   438  N  N   . GLN A 1 74  ? 16.782  2.374   -5.228  1.00 62.22 ? 71  GLN A N   1 
ATOM   439  C  CA  . GLN A 1 74  ? 16.644  1.720   -6.541  1.00 63.61 ? 71  GLN A CA  1 
ATOM   440  C  C   . GLN A 1 74  ? 15.200  1.282   -6.826  1.00 62.93 ? 71  GLN A C   1 
ATOM   441  O  O   . GLN A 1 74  ? 14.712  1.406   -7.953  1.00 62.68 ? 71  GLN A O   1 
ATOM   442  C  CB  . GLN A 1 74  ? 17.632  0.562   -6.711  1.00 65.64 ? 71  GLN A CB  1 
ATOM   443  C  CG  . GLN A 1 74  ? 17.329  -0.671  -5.865  1.00 68.83 ? 71  GLN A CG  1 
ATOM   444  C  CD  . GLN A 1 74  ? 18.038  -1.919  -6.366  1.00 70.18 ? 71  GLN A CD  1 
ATOM   445  O  OE1 . GLN A 1 74  ? 18.529  -2.723  -5.570  1.00 71.32 ? 71  GLN A OE1 1 
ATOM   446  N  NE2 . GLN A 1 74  ? 18.103  -2.083  -7.685  1.00 70.32 ? 71  GLN A NE2 1 
ATOM   447  N  N   . SER A 1 75  ? 14.522  0.781   -5.795  1.00 61.05 ? 72  SER A N   1 
ATOM   448  C  CA  . SER A 1 75  ? 13.107  0.467   -5.921  1.00 60.06 ? 72  SER A CA  1 
ATOM   449  C  C   . SER A 1 75  ? 12.284  1.727   -6.192  1.00 59.48 ? 72  SER A C   1 
ATOM   450  O  O   . SER A 1 75  ? 11.285  1.682   -6.888  1.00 59.47 ? 72  SER A O   1 
ATOM   451  C  CB  . SER A 1 75  ? 12.628  -0.263  -4.676  1.00 58.53 ? 72  SER A CB  1 
ATOM   452  O  OG  . SER A 1 75  ? 13.283  -1.511  -4.586  1.00 57.20 ? 72  SER A OG  1 
ATOM   453  N  N   . LEU A 1 76  ? 12.719  2.854   -5.637  1.00 59.90 ? 73  LEU A N   1 
ATOM   454  C  CA  . LEU A 1 76  ? 12.106  4.141   -5.944  1.00 58.27 ? 73  LEU A CA  1 
ATOM   455  C  C   . LEU A 1 76  ? 12.292  4.556   -7.393  1.00 58.14 ? 73  LEU A C   1 
ATOM   456  O  O   . LEU A 1 76  ? 11.357  5.089   -7.981  1.00 56.76 ? 73  LEU A O   1 
ATOM   457  C  CB  . LEU A 1 76  ? 12.698  5.220   -5.073  1.00 57.36 ? 73  LEU A CB  1 
ATOM   458  C  CG  . LEU A 1 76  ? 11.865  5.515   -3.851  1.00 56.89 ? 73  LEU A CG  1 
ATOM   459  C  CD1 . LEU A 1 76  ? 12.690  6.462   -3.008  1.00 56.41 ? 73  LEU A CD1 1 
ATOM   460  C  CD2 . LEU A 1 76  ? 10.531  6.109   -4.257  1.00 55.91 ? 73  LEU A CD2 1 
ATOM   461  N  N   . ARG A 1 77  ? 13.509  4.358   -7.934  1.00 58.58 ? 74  ARG A N   1 
ATOM   462  C  CA  . ARG A 1 77  ? 13.801  4.636   -9.346  1.00 59.31 ? 74  ARG A CA  1 
ATOM   463  C  C   . ARG A 1 77  ? 13.090  3.619   -10.241 1.00 58.52 ? 74  ARG A C   1 
ATOM   464  O  O   . ARG A 1 77  ? 12.623  3.955   -11.336 1.00 56.90 ? 74  ARG A O   1 
ATOM   465  C  CB  . ARG A 1 77  ? 15.307  4.585   -9.630  1.00 60.01 ? 74  ARG A CB  1 
ATOM   466  C  CG  . ARG A 1 77  ? 16.156  5.801   -9.200  1.00 61.30 ? 74  ARG A CG  1 
ATOM   467  C  CD  . ARG A 1 77  ? 17.596  5.623   -9.765  1.00 61.93 ? 74  ARG A CD  1 
ATOM   468  N  NE  . ARG A 1 77  ? 18.573  6.662   -9.406  1.00 63.71 ? 74  ARG A NE  1 
ATOM   469  C  CZ  . ARG A 1 77  ? 19.620  7.012   -10.177 1.00 65.21 ? 74  ARG A CZ  1 
ATOM   470  N  NH1 . ARG A 1 77  ? 19.821  6.424   -11.358 1.00 65.13 ? 74  ARG A NH1 1 
ATOM   471  N  NH2 . ARG A 1 77  ? 20.484  7.957   -9.788  1.00 65.34 ? 74  ARG A NH2 1 
ATOM   472  N  N   . ALA A 1 78  ? 13.007  2.372   -9.761  1.00 58.29 ? 75  ALA A N   1 
ATOM   473  C  CA  . ALA A 1 78  ? 12.378  1.293   -10.521 1.00 57.76 ? 75  ALA A CA  1 
ATOM   474  C  C   . ALA A 1 78  ? 10.907  1.625   -10.643 1.00 57.68 ? 75  ALA A C   1 
ATOM   475  O  O   . ALA A 1 78  ? 10.370  1.608   -11.741 1.00 56.15 ? 75  ALA A O   1 
ATOM   476  C  CB  . ALA A 1 78  ? 12.578  -0.057  -9.836  1.00 57.47 ? 75  ALA A CB  1 
ATOM   477  N  N   . LEU A 1 79  ? 10.284  1.983   -9.515  1.00 56.55 ? 76  LEU A N   1 
ATOM   478  C  CA  . LEU A 1 79  ? 8.869   2.405   -9.500  1.00 58.13 ? 76  LEU A CA  1 
ATOM   479  C  C   . LEU A 1 79  ? 8.631   3.632   -10.382 1.00 58.93 ? 76  LEU A C   1 
ATOM   480  O  O   . LEU A 1 79  ? 7.599   3.711   -11.082 1.00 58.61 ? 76  LEU A O   1 
ATOM   481  C  CB  . LEU A 1 79  ? 8.397   2.690   -8.082  1.00 56.75 ? 76  LEU A CB  1 
ATOM   482  C  CG  . LEU A 1 79  ? 8.226   1.469   -7.205  1.00 58.07 ? 76  LEU A CG  1 
ATOM   483  C  CD1 . LEU A 1 79  ? 8.091   1.828   -5.690  1.00 58.20 ? 76  LEU A CD1 1 
ATOM   484  C  CD2 . LEU A 1 79  ? 7.011   0.672   -7.676  1.00 58.74 ? 76  LEU A CD2 1 
ATOM   485  N  N   . GLU A 1 80  ? 9.583   4.575   -10.351 1.00 58.73 ? 77  GLU A N   1 
ATOM   486  C  CA  . GLU A 1 80  ? 9.381   5.823   -11.033 1.00 60.33 ? 77  GLU A CA  1 
ATOM   487  C  C   . GLU A 1 80  ? 9.243   5.502   -12.501 1.00 61.16 ? 77  GLU A C   1 
ATOM   488  O  O   . GLU A 1 80  ? 8.369   6.051   -13.184 1.00 61.23 ? 77  GLU A O   1 
ATOM   489  C  CB  . GLU A 1 80  ? 10.506  6.837   -10.802 1.00 60.77 ? 77  GLU A CB  1 
ATOM   490  C  CG  . GLU A 1 80  ? 10.289  8.120   -11.697 1.00 62.52 ? 77  GLU A CG  1 
ATOM   491  C  CD  . GLU A 1 80  ? 11.401  9.184   -11.643 1.00 62.32 ? 77  GLU A CD  1 
ATOM   492  O  OE1 . GLU A 1 80  ? 11.046  10.376  -11.428 1.00 63.17 ? 77  GLU A OE1 1 
ATOM   493  O  OE2 . GLU A 1 80  ? 12.599  8.843   -11.834 1.00 61.92 ? 77  GLU A OE2 1 
ATOM   494  N  N   . GLY A 1 81  ? 10.100  4.590   -12.962 1.00 61.56 ? 78  GLY A N   1 
ATOM   495  C  CA  . GLY A 1 81  ? 10.089  4.099   -14.340 1.00 61.78 ? 78  GLY A CA  1 
ATOM   496  C  C   . GLY A 1 81  ? 8.771   3.483   -14.780 1.00 61.73 ? 78  GLY A C   1 
ATOM   497  O  O   . GLY A 1 81  ? 8.413   3.581   -15.970 1.00 61.05 ? 78  GLY A O   1 
ATOM   498  N  N   . ARG A 1 82  ? 8.070   2.859   -13.825 1.00 60.69 ? 79  ARG A N   1 
ATOM   499  C  CA  . ARG A 1 82  ? 6.734   2.287   -14.016 1.00 61.42 ? 79  ARG A CA  1 
ATOM   500  C  C   . ARG A 1 82  ? 5.588   3.317   -13.928 1.00 59.22 ? 79  ARG A C   1 
ATOM   501  O  O   . ARG A 1 82  ? 4.408   2.960   -14.001 1.00 56.63 ? 79  ARG A O   1 
ATOM   502  C  CB  . ARG A 1 82  ? 6.476   1.216   -12.958 1.00 63.27 ? 79  ARG A CB  1 
ATOM   503  C  CG  . ARG A 1 82  ? 7.318   -0.065  -13.062 1.00 65.21 ? 79  ARG A CG  1 
ATOM   504  C  CD  . ARG A 1 82  ? 7.096   -0.939  -11.764 1.00 65.56 ? 79  ARG A CD  1 
ATOM   505  N  NE  . ARG A 1 82  ? 7.248   -2.385  -12.001 1.00 67.54 ? 79  ARG A NE  1 
ATOM   506  C  CZ  . ARG A 1 82  ? 6.379   -3.144  -12.682 1.00 67.15 ? 79  ARG A CZ  1 
ATOM   507  N  NH1 . ARG A 1 82  ? 5.274   -2.632  -13.230 1.00 67.13 ? 79  ARG A NH1 1 
ATOM   508  N  NH2 . ARG A 1 82  ? 6.617   -4.438  -12.819 1.00 67.58 ? 79  ARG A NH2 1 
ATOM   509  N  N   . GLY A 1 83  ? 5.934   4.586   -13.753 1.00 59.06 ? 80  GLY A N   1 
ATOM   510  C  CA  . GLY A 1 83  ? 4.947   5.637   -13.495 1.00 58.66 ? 80  GLY A CA  1 
ATOM   511  C  C   . GLY A 1 83  ? 4.253   5.609   -12.131 1.00 58.63 ? 80  GLY A C   1 
ATOM   512  O  O   . GLY A 1 83  ? 3.184   6.202   -11.989 1.00 60.04 ? 80  GLY A O   1 
ATOM   513  N  N   . LEU A 1 84  ? 4.819   4.939   -11.128 1.00 56.47 ? 81  LEU A N   1 
ATOM   514  C  CA  . LEU A 1 84  ? 4.103   4.823   -9.833  1.00 56.37 ? 81  LEU A CA  1 
ATOM   515  C  C   . LEU A 1 84  ? 4.712   5.630   -8.701  1.00 56.32 ? 81  LEU A C   1 
ATOM   516  O  O   . LEU A 1 84  ? 4.146   5.693   -7.588  1.00 56.37 ? 81  LEU A O   1 
ATOM   517  C  CB  . LEU A 1 84  ? 3.976   3.364   -9.362  1.00 56.01 ? 81  LEU A CB  1 
ATOM   518  C  CG  . LEU A 1 84  ? 3.018   2.373   -10.047 1.00 56.27 ? 81  LEU A CG  1 
ATOM   519  C  CD1 . LEU A 1 84  ? 3.346   0.992   -9.498  1.00 57.10 ? 81  LEU A CD1 1 
ATOM   520  C  CD2 . LEU A 1 84  ? 1.547   2.696   -9.847  1.00 55.00 ? 81  LEU A CD2 1 
ATOM   521  N  N   . THR A 1 85  ? 5.893   6.183   -8.959  1.00 55.64 ? 82  THR A N   1 
ATOM   522  C  CA  . THR A 1 85  ? 6.469   7.190   -8.080  1.00 55.18 ? 82  THR A CA  1 
ATOM   523  C  C   . THR A 1 85  ? 6.864   8.369   -8.935  1.00 57.12 ? 82  THR A C   1 
ATOM   524  O  O   . THR A 1 85  ? 7.036   8.251   -10.177 1.00 57.86 ? 82  THR A O   1 
ATOM   525  C  CB  . THR A 1 85  ? 7.669   6.706   -7.215  1.00 52.94 ? 82  THR A CB  1 
ATOM   526  O  OG1 . THR A 1 85  ? 8.654   6.078   -8.035  1.00 51.55 ? 82  THR A OG1 1 
ATOM   527  C  CG2 . THR A 1 85  ? 7.226   5.731   -6.140  1.00 51.43 ? 82  THR A CG2 1 
ATOM   528  N  N   . ARG A 1 86  ? 6.983   9.515   -8.274  1.00 58.25 ? 83  ARG A N   1 
ATOM   529  C  CA  . ARG A 1 86  ? 7.391   10.738  -8.927  1.00 58.79 ? 83  ARG A CA  1 
ATOM   530  C  C   . ARG A 1 86  ? 8.378   11.426  -8.009  1.00 58.43 ? 83  ARG A C   1 
ATOM   531  O  O   . ARG A 1 86  ? 8.120   11.635  -6.809  1.00 57.81 ? 83  ARG A O   1 
ATOM   532  C  CB  . ARG A 1 86  ? 6.177   11.613  -9.199  1.00 60.99 ? 83  ARG A CB  1 
ATOM   533  C  CG  . ARG A 1 86  ? 6.435   12.806  -10.082 1.00 63.53 ? 83  ARG A CG  1 
ATOM   534  C  CD  . ARG A 1 86  ? 5.232   13.723  -10.088 1.00 65.68 ? 83  ARG A CD  1 
ATOM   535  N  NE  . ARG A 1 86  ? 5.643   15.110  -9.898  1.00 68.49 ? 83  ARG A NE  1 
ATOM   536  C  CZ  . ARG A 1 86  ? 4.849   16.083  -9.459  1.00 70.15 ? 83  ARG A CZ  1 
ATOM   537  N  NH1 . ARG A 1 86  ? 3.572   15.826  -9.157  1.00 71.18 ? 83  ARG A NH1 1 
ATOM   538  N  NH2 . ARG A 1 86  ? 5.337   17.319  -9.330  1.00 70.48 ? 83  ARG A NH2 1 
ATOM   539  N  N   . LEU A 1 87  ? 9.526   11.724  -8.586  1.00 57.60 ? 84  LEU A N   1 
ATOM   540  C  CA  . LEU A 1 87  ? 10.596  12.430  -7.920  1.00 58.56 ? 84  LEU A CA  1 
ATOM   541  C  C   . LEU A 1 87  ? 10.253  13.906  -7.844  1.00 60.63 ? 84  LEU A C   1 
ATOM   542  O  O   . LEU A 1 87  ? 10.000  14.544  -8.865  1.00 59.19 ? 84  LEU A O   1 
ATOM   543  C  CB  . LEU A 1 87  ? 11.879  12.254  -8.732  1.00 57.79 ? 84  LEU A CB  1 
ATOM   544  C  CG  . LEU A 1 87  ? 13.087  13.092  -8.380  1.00 56.63 ? 84  LEU A CG  1 
ATOM   545  C  CD1 . LEU A 1 87  ? 13.493  12.845  -6.930  1.00 54.84 ? 84  LEU A CD1 1 
ATOM   546  C  CD2 . LEU A 1 87  ? 14.195  12.750  -9.388  1.00 57.17 ? 84  LEU A CD2 1 
ATOM   547  N  N   . VAL A 1 88  ? 10.226  14.455  -6.631  1.00 62.98 ? 85  VAL A N   1 
ATOM   548  C  CA  . VAL A 1 88  ? 9.968   15.892  -6.493  1.00 64.81 ? 85  VAL A CA  1 
ATOM   549  C  C   . VAL A 1 88  ? 11.244  16.592  -6.049  1.00 66.37 ? 85  VAL A C   1 
ATOM   550  O  O   . VAL A 1 88  ? 11.647  16.499  -4.892  1.00 66.58 ? 85  VAL A O   1 
ATOM   551  C  CB  . VAL A 1 88  ? 8.724   16.204  -5.611  1.00 64.48 ? 85  VAL A CB  1 
ATOM   552  C  CG1 . VAL A 1 88  ? 8.618   17.700  -5.310  1.00 64.32 ? 85  VAL A CG1 1 
ATOM   553  C  CG2 . VAL A 1 88  ? 7.455   15.712  -6.301  1.00 64.40 ? 85  VAL A CG2 1 
HETATM 554  N  N   . MSE A 1 89  ? 11.882  17.266  -6.997  1.00 69.05 ? 86  MSE A N   1 
HETATM 555  C  CA  . MSE A 1 89  ? 13.154  17.929  -6.738  1.00 71.59 ? 86  MSE A CA  1 
HETATM 556  C  C   . MSE A 1 89  ? 12.942  19.275  -6.073  1.00 71.79 ? 86  MSE A C   1 
HETATM 557  O  O   . MSE A 1 89  ? 11.924  19.945  -6.272  1.00 71.32 ? 86  MSE A O   1 
HETATM 558  C  CB  . MSE A 1 89  ? 14.004  18.038  -8.006  1.00 71.83 ? 86  MSE A CB  1 
HETATM 559  C  CG  . MSE A 1 89  ? 14.783  16.761  -8.302  1.00 72.32 ? 86  MSE A CG  1 
HETATM 560  SE SE  . MSE A 1 89  ? 16.027  16.908  -9.814  0.65 74.18 ? 86  MSE A SE  1 
HETATM 561  C  CE  . MSE A 1 89  ? 17.372  15.547  -9.312  1.00 72.82 ? 86  MSE A CE  1 
ATOM   562  N  N   . GLY A 1 90  ? 13.911  19.638  -5.253  1.00 72.65 ? 87  GLY A N   1 
ATOM   563  C  CA  . GLY A 1 90  ? 13.839  20.854  -4.482  1.00 74.18 ? 87  GLY A CA  1 
ATOM   564  C  C   . GLY A 1 90  ? 15.206  21.195  -3.944  1.00 75.04 ? 87  GLY A C   1 
ATOM   565  O  O   . GLY A 1 90  ? 16.133  20.382  -3.998  1.00 75.13 ? 87  GLY A O   1 
ATOM   566  N  N   . SER A 1 91  ? 15.315  22.404  -3.417  1.00 75.51 ? 88  SER A N   1 
ATOM   567  C  CA  . SER A 1 91  ? 16.564  22.922  -2.883  1.00 76.02 ? 88  SER A CA  1 
ATOM   568  C  C   . SER A 1 91  ? 17.038  22.254  -1.575  1.00 76.13 ? 88  SER A C   1 
ATOM   569  O  O   . SER A 1 91  ? 18.242  22.208  -1.321  1.00 76.23 ? 88  SER A O   1 
ATOM   570  C  CB  . SER A 1 91  ? 16.416  24.426  -2.702  1.00 76.24 ? 88  SER A CB  1 
ATOM   571  O  OG  . SER A 1 91  ? 15.031  24.736  -2.588  1.00 76.33 ? 88  SER A OG  1 
ATOM   572  N  N   . ARG A 1 92  ? 16.108  21.741  -0.760  1.00 76.15 ? 89  ARG A N   1 
ATOM   573  C  CA  . ARG A 1 92  ? 16.460  21.137  0.548   1.00 76.31 ? 89  ARG A CA  1 
ATOM   574  C  C   . ARG A 1 92  ? 16.881  19.653  0.465   1.00 74.65 ? 89  ARG A C   1 
ATOM   575  O  O   . ARG A 1 92  ? 17.863  19.257  1.109   1.00 74.89 ? 89  ARG A O   1 
ATOM   576  C  CB  . ARG A 1 92  ? 15.354  21.351  1.601   1.00 76.81 ? 89  ARG A CB  1 
ATOM   577  C  CG  . ARG A 1 92  ? 15.749  20.934  3.032   1.00 77.81 ? 89  ARG A CG  1 
ATOM   578  C  CD  . ARG A 1 92  ? 14.536  20.931  3.979   1.00 78.79 ? 89  ARG A CD  1 
ATOM   579  N  NE  . ARG A 1 92  ? 14.537  19.807  4.931   1.00 80.45 ? 89  ARG A NE  1 
ATOM   580  C  CZ  . ARG A 1 92  ? 13.992  18.606  4.706   1.00 80.93 ? 89  ARG A CZ  1 
ATOM   581  N  NH1 . ARG A 1 92  ? 14.062  17.663  5.646   1.00 80.98 ? 89  ARG A NH1 1 
ATOM   582  N  NH2 . ARG A 1 92  ? 13.384  18.338  3.548   1.00 81.14 ? 89  ARG A NH2 1 
ATOM   583  N  N   . ALA A 1 93  ? 16.129  18.854  -0.303  1.00 71.90 ? 90  ALA A N   1 
ATOM   584  C  CA  . ALA A 1 93  ? 16.504  17.479  -0.708  1.00 69.23 ? 90  ALA A CA  1 
ATOM   585  C  C   . ALA A 1 93  ? 15.413  16.917  -1.584  1.00 67.29 ? 90  ALA A C   1 
ATOM   586  O  O   . ALA A 1 93  ? 14.320  17.482  -1.649  1.00 66.76 ? 90  ALA A O   1 
ATOM   587  C  CB  . ALA A 1 93  ? 16.716  16.559  0.482   1.00 69.10 ? 90  ALA A CB  1 
ATOM   588  N  N   . ASP A 1 94  ? 15.715  15.805  -2.256  1.00 65.43 ? 91  ASP A N   1 
ATOM   589  C  CA  . ASP A 1 94  ? 14.721  15.097  -3.066  1.00 63.07 ? 91  ASP A CA  1 
ATOM   590  C  C   . ASP A 1 94  ? 13.688  14.467  -2.161  1.00 61.25 ? 91  ASP A C   1 
ATOM   591  O  O   . ASP A 1 94  ? 14.017  13.830  -1.157  1.00 59.63 ? 91  ASP A O   1 
ATOM   592  C  CB  . ASP A 1 94  ? 15.363  14.002  -3.923  1.00 63.63 ? 91  ASP A CB  1 
ATOM   593  C  CG  . ASP A 1 94  ? 16.337  14.550  -4.976  1.00 64.46 ? 91  ASP A CG  1 
ATOM   594  O  OD1 . ASP A 1 94  ? 16.254  15.753  -5.340  1.00 64.40 ? 91  ASP A OD1 1 
ATOM   595  O  OD2 . ASP A 1 94  ? 17.187  13.752  -5.443  1.00 64.24 ? 91  ASP A OD2 1 
ATOM   596  N  N   . ARG A 1 95  ? 12.432  14.678  -2.520  1.00 60.86 ? 92  ARG A N   1 
ATOM   597  C  CA  . ARG A 1 95  ? 11.308  14.048  -1.851  1.00 60.49 ? 92  ARG A CA  1 
ATOM   598  C  C   . ARG A 1 95  ? 10.593  13.234  -2.907  1.00 59.57 ? 92  ARG A C   1 
ATOM   599  O  O   . ARG A 1 95  ? 10.756  13.474  -4.110  1.00 60.48 ? 92  ARG A O   1 
ATOM   600  C  CB  . ARG A 1 95  ? 10.369  15.101  -1.255  1.00 61.27 ? 92  ARG A CB  1 
ATOM   601  C  CG  . ARG A 1 95  ? 11.077  16.181  -0.440  1.00 62.16 ? 92  ARG A CG  1 
ATOM   602  C  CD  . ARG A 1 95  ? 10.133  17.253  0.055   1.00 62.87 ? 92  ARG A CD  1 
ATOM   603  N  NE  . ARG A 1 95  ? 10.276  17.382  1.507   1.00 65.69 ? 92  ARG A NE  1 
ATOM   604  C  CZ  . ARG A 1 95  ? 9.290   17.193  2.408   1.00 67.63 ? 92  ARG A CZ  1 
ATOM   605  N  NH1 . ARG A 1 95  ? 8.026   16.902  2.026   1.00 66.56 ? 92  ARG A NH1 1 
ATOM   606  N  NH2 . ARG A 1 95  ? 9.563   17.327  3.716   1.00 67.29 ? 92  ARG A NH2 1 
ATOM   607  N  N   . TRP A 1 96  ? 9.798   12.272  -2.468  1.00 57.40 ? 93  TRP A N   1 
ATOM   608  C  CA  . TRP A 1 96  ? 9.159   11.346  -3.369  1.00 54.85 ? 93  TRP A CA  1 
ATOM   609  C  C   . TRP A 1 96  ? 7.687   11.216  -3.050  1.00 56.49 ? 93  TRP A C   1 
ATOM   610  O  O   . TRP A 1 96  ? 7.279   11.158  -1.873  1.00 56.37 ? 93  TRP A O   1 
ATOM   611  C  CB  . TRP A 1 96  ? 9.795   9.990   -3.187  1.00 51.80 ? 93  TRP A CB  1 
ATOM   612  C  CG  . TRP A 1 96  ? 11.148  9.874   -3.783  1.00 51.42 ? 93  TRP A CG  1 
ATOM   613  C  CD1 . TRP A 1 96  ? 12.357  10.074  -3.153  1.00 50.64 ? 93  TRP A CD1 1 
ATOM   614  C  CD2 . TRP A 1 96  ? 11.447  9.512   -5.133  1.00 49.95 ? 93  TRP A CD2 1 
ATOM   615  N  NE1 . TRP A 1 96  ? 13.382  9.846   -4.033  1.00 50.63 ? 93  TRP A NE1 1 
ATOM   616  C  CE2 . TRP A 1 96  ? 12.863  9.495   -5.255  1.00 50.15 ? 93  TRP A CE2 1 
ATOM   617  C  CE3 . TRP A 1 96  ? 10.664  9.188   -6.242  1.00 49.18 ? 93  TRP A CE3 1 
ATOM   618  C  CZ2 . TRP A 1 96  ? 13.516  9.195   -6.464  1.00 50.76 ? 93  TRP A CZ2 1 
ATOM   619  C  CZ3 . TRP A 1 96  ? 11.311  8.874   -7.459  1.00 50.87 ? 93  TRP A CZ3 1 
ATOM   620  C  CH2 . TRP A 1 96  ? 12.726  8.881   -7.558  1.00 50.52 ? 93  TRP A CH2 1 
ATOM   621  N  N   . GLU A 1 97  ? 6.885   11.158  -4.098  1.00 56.82 ? 94  GLU A N   1 
ATOM   622  C  CA  . GLU A 1 97  ? 5.473   10.911  -3.913  1.00 58.26 ? 94  GLU A CA  1 
ATOM   623  C  C   . GLU A 1 97  ? 5.010   9.672   -4.707  1.00 57.98 ? 94  GLU A C   1 
ATOM   624  O  O   . GLU A 1 97  ? 5.635   9.285   -5.710  1.00 58.27 ? 94  GLU A O   1 
ATOM   625  C  CB  . GLU A 1 97  ? 4.664   12.168  -4.265  1.00 58.36 ? 94  GLU A CB  1 
ATOM   626  C  CG  . GLU A 1 97  ? 4.900   12.684  -5.649  1.00 58.75 ? 94  GLU A CG  1 
ATOM   627  C  CD  . GLU A 1 97  ? 4.274   14.059  -5.915  1.00 59.74 ? 94  GLU A CD  1 
ATOM   628  O  OE1 . GLU A 1 97  ? 4.008   14.339  -7.120  1.00 59.95 ? 94  GLU A OE1 1 
ATOM   629  O  OE2 . GLU A 1 97  ? 4.065   14.860  -4.955  1.00 59.08 ? 94  GLU A OE2 1 
ATOM   630  N  N   . HIS A 1 98  ? 3.931   9.047   -4.235  1.00 56.83 ? 95  HIS A N   1 
ATOM   631  C  CA  . HIS A 1 98  ? 3.321   7.932   -4.938  1.00 55.62 ? 95  HIS A CA  1 
ATOM   632  C  C   . HIS A 1 98  ? 2.387   8.456   -6.042  1.00 55.69 ? 95  HIS A C   1 
ATOM   633  O  O   . HIS A 1 98  ? 1.914   9.617   -6.001  1.00 53.94 ? 95  HIS A O   1 
ATOM   634  C  CB  . HIS A 1 98  ? 2.586   6.982   -3.946  1.00 54.68 ? 95  HIS A CB  1 
ATOM   635  C  CG  . HIS A 1 98  ? 1.257   7.495   -3.477  1.00 53.41 ? 95  HIS A CG  1 
ATOM   636  N  ND1 . HIS A 1 98  ? 0.139   7.500   -4.284  1.00 52.34 ? 95  HIS A ND1 1 
ATOM   637  C  CD2 . HIS A 1 98  ? 0.857   7.994   -2.279  1.00 53.93 ? 95  HIS A CD2 1 
ATOM   638  C  CE1 . HIS A 1 98  ? -0.882  8.020   -3.623  1.00 52.29 ? 95  HIS A CE1 1 
ATOM   639  N  NE2 . HIS A 1 98  ? -0.475  8.332   -2.405  1.00 53.51 ? 95  HIS A NE2 1 
ATOM   640  N  N   . LYS A 1 99  ? 2.138   7.606   -7.033  1.00 57.09 ? 96  LYS A N   1 
ATOM   641  C  CA  . LYS A 1 99  ? 1.122   7.915   -8.036  1.00 59.01 ? 96  LYS A CA  1 
ATOM   642  C  C   . LYS A 1 99  ? 0.155   6.759   -8.282  1.00 58.22 ? 96  LYS A C   1 
ATOM   643  O  O   . LYS A 1 99  ? -0.171  6.426   -9.435  1.00 57.36 ? 96  LYS A O   1 
ATOM   644  C  CB  . LYS A 1 99  ? 1.751   8.436   -9.322  1.00 60.18 ? 96  LYS A CB  1 
ATOM   645  C  CG  . LYS A 1 99  ? 2.279   9.862   -9.200  1.00 62.37 ? 96  LYS A CG  1 
ATOM   646  C  CD  . LYS A 1 99  ? 2.260   10.540  -10.539 1.00 64.32 ? 96  LYS A CD  1 
ATOM   647  C  CE  . LYS A 1 99  ? 2.950   9.690   -11.619 1.00 65.85 ? 96  LYS A CE  1 
ATOM   648  N  NZ  . LYS A 1 99  ? 2.262   9.822   -12.944 1.00 65.27 ? 96  LYS A NZ  1 
ATOM   649  N  N   . VAL A 1 100 ? -0.309  6.184   -7.170  1.00 56.89 ? 97  VAL A N   1 
ATOM   650  C  CA  . VAL A 1 100 ? -1.202  5.020   -7.161  1.00 56.59 ? 97  VAL A CA  1 
ATOM   651  C  C   . VAL A 1 100 ? -2.653  5.348   -7.583  1.00 57.32 ? 97  VAL A C   1 
ATOM   652  O  O   . VAL A 1 100 ? -3.330  4.556   -8.248  1.00 56.30 ? 97  VAL A O   1 
ATOM   653  C  CB  . VAL A 1 100 ? -1.206  4.411   -5.756  1.00 57.57 ? 97  VAL A CB  1 
ATOM   654  C  CG1 . VAL A 1 100 ? -2.314  3.352   -5.594  1.00 57.11 ? 97  VAL A CG1 1 
ATOM   655  C  CG2 . VAL A 1 100 ? 0.242   3.885   -5.351  1.00 56.55 ? 97  VAL A CG2 1 
ATOM   656  N  N   . ASP A 1 101 ? -3.125  6.519   -7.179  1.00 58.06 ? 98  ASP A N   1 
ATOM   657  C  CA  . ASP A 1 101 ? -4.447  6.997   -7.544  1.00 59.59 ? 98  ASP A CA  1 
ATOM   658  C  C   . ASP A 1 101 ? -4.535  7.227   -9.072  1.00 59.39 ? 98  ASP A C   1 
ATOM   659  O  O   . ASP A 1 101 ? -5.414  6.689   -9.746  1.00 58.23 ? 98  ASP A O   1 
ATOM   660  C  CB  . ASP A 1 101 ? -4.742  8.276   -6.751  1.00 62.31 ? 98  ASP A CB  1 
ATOM   661  C  CG  . ASP A 1 101 ? -3.648  9.351   -6.920  1.00 64.59 ? 98  ASP A CG  1 
ATOM   662  O  OD1 . ASP A 1 101 ? -2.476  9.037   -7.260  1.00 65.83 ? 98  ASP A OD1 1 
ATOM   663  O  OD2 . ASP A 1 101 ? -3.982  10.538  -6.742  1.00 66.05 ? 98  ASP A OD2 1 
ATOM   664  N  N   . LYS A 1 102 ? -3.594  7.999   -9.606  1.00 58.87 ? 99  LYS A N   1 
ATOM   665  C  CA  . LYS A 1 102 ? -3.555  8.294   -11.018 1.00 58.59 ? 99  LYS A CA  1 
ATOM   666  C  C   . LYS A 1 102 ? -3.183  7.002   -11.766 1.00 57.48 ? 99  LYS A C   1 
ATOM   667  O  O   . LYS A 1 102 ? -3.865  6.604   -12.719 1.00 55.21 ? 99  LYS A O   1 
ATOM   668  C  CB  . LYS A 1 102 ? -2.569  9.452   -11.290 1.00 59.29 ? 99  LYS A CB  1 
ATOM   669  C  CG  . LYS A 1 102 ? -2.832  10.205  -12.602 1.00 60.06 ? 99  LYS A CG  1 
ATOM   670  C  CD  . LYS A 1 102 ? -1.630  11.102  -13.000 1.00 60.27 ? 99  LYS A CD  1 
ATOM   671  C  CE  . LYS A 1 102 ? -1.862  11.866  -14.328 1.00 60.21 ? 99  LYS A CE  1 
ATOM   672  N  NZ  . LYS A 1 102 ? -1.704  11.009  -15.552 1.00 60.27 ? 99  LYS A NZ  1 
ATOM   673  N  N   . GLY A 1 103 ? -2.134  6.328   -11.289 1.00 56.10 ? 100 GLY A N   1 
ATOM   674  C  CA  . GLY A 1 103 ? -1.641  5.101   -11.916 1.00 56.85 ? 100 GLY A CA  1 
ATOM   675  C  C   . GLY A 1 103 ? -2.624  3.932   -12.009 1.00 57.88 ? 100 GLY A C   1 
ATOM   676  O  O   . GLY A 1 103 ? -2.751  3.315   -13.068 1.00 57.44 ? 100 GLY A O   1 
ATOM   677  N  N   . LEU A 1 104 ? -3.320  3.618   -10.910 1.00 58.23 ? 101 LEU A N   1 
ATOM   678  C  CA  . LEU A 1 104 ? -4.284  2.514   -10.915 1.00 57.54 ? 101 LEU A CA  1 
ATOM   679  C  C   . LEU A 1 104 ? -5.754  2.941   -11.010 1.00 58.96 ? 101 LEU A C   1 
ATOM   680  O  O   . LEU A 1 104 ? -6.671  2.106   -10.888 1.00 57.83 ? 101 LEU A O   1 
ATOM   681  C  CB  . LEU A 1 104 ? -4.079  1.667   -9.688  1.00 57.55 ? 101 LEU A CB  1 
ATOM   682  C  CG  . LEU A 1 104 ? -2.666  1.184   -9.394  1.00 57.17 ? 101 LEU A CG  1 
ATOM   683  C  CD1 . LEU A 1 104 ? -2.725  0.304   -8.147  1.00 56.63 ? 101 LEU A CD1 1 
ATOM   684  C  CD2 . LEU A 1 104 ? -2.114  0.405   -10.575 1.00 57.89 ? 101 LEU A CD2 1 
ATOM   685  N  N   . GLU A 1 105 ? -5.949  4.238   -11.260 1.00 59.66 ? 102 GLU A N   1 
ATOM   686  C  CA  . GLU A 1 105 ? -7.257  4.919   -11.299 1.00 59.75 ? 102 GLU A CA  1 
ATOM   687  C  C   . GLU A 1 105 ? -8.154  4.542   -10.120 1.00 57.73 ? 102 GLU A C   1 
ATOM   688  O  O   . GLU A 1 105 ? -9.150  3.853   -10.271 1.00 56.78 ? 102 GLU A O   1 
ATOM   689  C  CB  . GLU A 1 105 ? -7.957  4.709   -12.630 1.00 60.84 ? 102 GLU A CB  1 
ATOM   690  C  CG  . GLU A 1 105 ? -7.048  4.829   -13.838 1.00 63.63 ? 102 GLU A CG  1 
ATOM   691  C  CD  . GLU A 1 105 ? -7.789  4.640   -15.143 1.00 66.12 ? 102 GLU A CD  1 
ATOM   692  O  OE1 . GLU A 1 105 ? -9.000  4.999   -15.212 1.00 67.21 ? 102 GLU A OE1 1 
ATOM   693  O  OE2 . GLU A 1 105 ? -7.161  4.147   -16.115 1.00 67.32 ? 102 GLU A OE2 1 
ATOM   694  N  N   . LEU A 1 106 ? -7.792  5.018   -8.945  1.00 56.35 ? 103 LEU A N   1 
ATOM   695  C  CA  . LEU A 1 106 ? -8.474  4.619   -7.722  1.00 54.91 ? 103 LEU A CA  1 
ATOM   696  C  C   . LEU A 1 106 ? -8.966  5.813   -6.917  1.00 53.73 ? 103 LEU A C   1 
ATOM   697  O  O   . LEU A 1 106 ? -8.220  6.773   -6.753  1.00 54.54 ? 103 LEU A O   1 
ATOM   698  C  CB  . LEU A 1 106 ? -7.514  3.811   -6.855  1.00 54.47 ? 103 LEU A CB  1 
ATOM   699  C  CG  . LEU A 1 106 ? -7.043  2.445   -7.338  1.00 53.58 ? 103 LEU A CG  1 
ATOM   700  C  CD1 . LEU A 1 106 ? -6.152  1.856   -6.224  1.00 53.41 ? 103 LEU A CD1 1 
ATOM   701  C  CD2 . LEU A 1 106 ? -8.238  1.503   -7.711  1.00 53.90 ? 103 LEU A CD2 1 
ATOM   702  N  N   . VAL A 1 107 ? -10.197 5.743   -6.387  1.00 51.57 ? 104 VAL A N   1 
ATOM   703  C  CA  . VAL A 1 107 ? -10.703 6.822   -5.522  1.00 48.61 ? 104 VAL A CA  1 
ATOM   704  C  C   . VAL A 1 107 ? -9.831  6.772   -4.263  1.00 49.45 ? 104 VAL A C   1 
ATOM   705  O  O   . VAL A 1 107 ? -9.225  5.747   -4.035  1.00 49.19 ? 104 VAL A O   1 
ATOM   706  C  CB  . VAL A 1 107 ? -12.207 6.708   -5.168  1.00 46.01 ? 104 VAL A CB  1 
ATOM   707  C  CG1 . VAL A 1 107 ? -13.095 6.826   -6.445  1.00 44.92 ? 104 VAL A CG1 1 
ATOM   708  C  CG2 . VAL A 1 107 ? -12.499 5.453   -4.359  1.00 43.77 ? 104 VAL A CG2 1 
ATOM   709  N  N   . PRO A 1 108 ? -9.750  7.872   -3.472  1.00 50.33 ? 105 PRO A N   1 
ATOM   710  C  CA  . PRO A 1 108 ? -8.880  7.901   -2.286  1.00 51.53 ? 105 PRO A CA  1 
ATOM   711  C  C   . PRO A 1 108 ? -9.115  6.730   -1.296  1.00 53.30 ? 105 PRO A C   1 
ATOM   712  O  O   . PRO A 1 108 ? -8.146  6.150   -0.811  1.00 53.83 ? 105 PRO A O   1 
ATOM   713  C  CB  . PRO A 1 108 ? -9.199  9.260   -1.659  1.00 50.46 ? 105 PRO A CB  1 
ATOM   714  C  CG  . PRO A 1 108 ? -9.596  10.093  -2.814  1.00 50.74 ? 105 PRO A CG  1 
ATOM   715  C  CD  . PRO A 1 108 ? -10.439 9.165   -3.651  1.00 50.37 ? 105 PRO A CD  1 
ATOM   716  N  N   . ALA A 1 109 ? -10.388 6.364   -1.063  1.00 53.87 ? 106 ALA A N   1 
ATOM   717  C  CA  . ALA A 1 109 ? -10.772 5.200   -0.220  1.00 52.96 ? 106 ALA A CA  1 
ATOM   718  C  C   . ALA A 1 109 ? -10.062 3.898   -0.639  1.00 53.15 ? 106 ALA A C   1 
ATOM   719  O  O   . ALA A 1 109 ? -9.497  3.195   0.213   1.00 52.45 ? 106 ALA A O   1 
ATOM   720  C  CB  . ALA A 1 109 ? -12.285 5.011   -0.220  1.00 51.75 ? 106 ALA A CB  1 
ATOM   721  N  N   . GLN A 1 110 ? -10.093 3.609   -1.944  1.00 51.14 ? 107 GLN A N   1 
ATOM   722  C  CA  . GLN A 1 110 ? -9.382  2.503   -2.535  1.00 50.95 ? 107 GLN A CA  1 
ATOM   723  C  C   . GLN A 1 110 ? -7.882  2.607   -2.393  1.00 51.17 ? 107 GLN A C   1 
ATOM   724  O  O   . GLN A 1 110 ? -7.222  1.589   -2.182  1.00 52.13 ? 107 GLN A O   1 
ATOM   725  C  CB  . GLN A 1 110 ? -9.717  2.382   -4.010  1.00 50.68 ? 107 GLN A CB  1 
ATOM   726  C  CG  . GLN A 1 110 ? -11.003 1.689   -4.260  1.00 51.24 ? 107 GLN A CG  1 
ATOM   727  C  CD  . GLN A 1 110 ? -11.458 1.877   -5.680  1.00 53.20 ? 107 GLN A CD  1 
ATOM   728  O  OE1 . GLN A 1 110 ? -11.159 2.906   -6.293  1.00 55.24 ? 107 GLN A OE1 1 
ATOM   729  N  NE2 . GLN A 1 110 ? -12.202 0.909   -6.216  1.00 51.95 ? 107 GLN A NE2 1 
ATOM   730  N  N   . VAL A 1 111 ? -7.336  3.814   -2.526  1.00 52.54 ? 108 VAL A N   1 
ATOM   731  C  CA  . VAL A 1 111 ? -5.876  4.036   -2.319  1.00 52.09 ? 108 VAL A CA  1 
ATOM   732  C  C   . VAL A 1 111 ? -5.510  3.736   -0.835  1.00 52.82 ? 108 VAL A C   1 
ATOM   733  O  O   . VAL A 1 111 ? -4.467  3.119   -0.541  1.00 51.86 ? 108 VAL A O   1 
ATOM   734  C  CB  . VAL A 1 111 ? -5.451  5.473   -2.746  1.00 52.39 ? 108 VAL A CB  1 
ATOM   735  C  CG1 . VAL A 1 111 ? -3.991  5.717   -2.507  1.00 51.57 ? 108 VAL A CG1 1 
ATOM   736  C  CG2 . VAL A 1 111 ? -5.758  5.727   -4.252  1.00 51.90 ? 108 VAL A CG2 1 
ATOM   737  N  N   . ILE A 1 112 ? -6.365  4.150   0.097   1.00 51.77 ? 109 ILE A N   1 
ATOM   738  C  CA  . ILE A 1 112 ? -6.105  3.887   1.525   1.00 52.12 ? 109 ILE A CA  1 
ATOM   739  C  C   . ILE A 1 112 ? -6.104  2.383   1.797   1.00 53.26 ? 109 ILE A C   1 
ATOM   740  O  O   . ILE A 1 112 ? -5.112  1.812   2.296   1.00 52.65 ? 109 ILE A O   1 
ATOM   741  C  CB  . ILE A 1 112 ? -7.169  4.584   2.436   1.00 52.81 ? 109 ILE A CB  1 
ATOM   742  C  CG1 . ILE A 1 112 ? -6.976  6.104   2.399   1.00 52.67 ? 109 ILE A CG1 1 
ATOM   743  C  CG2 . ILE A 1 112 ? -7.095  4.046   3.872   1.00 53.33 ? 109 ILE A CG2 1 
ATOM   744  C  CD1 . ILE A 1 112 ? -5.495  6.569   2.576   1.00 51.86 ? 109 ILE A CD1 1 
ATOM   745  N  N   . LEU A 1 113 ? -7.222  1.735   1.467   1.00 51.99 ? 110 LEU A N   1 
ATOM   746  C  CA  . LEU A 1 113 ? -7.326  0.285   1.578   1.00 51.78 ? 110 LEU A CA  1 
ATOM   747  C  C   . LEU A 1 113 ? -6.134  -0.430  0.928   1.00 53.32 ? 110 LEU A C   1 
ATOM   748  O  O   . LEU A 1 113 ? -5.442  -1.200  1.593   1.00 56.89 ? 110 LEU A O   1 
ATOM   749  C  CB  . LEU A 1 113 ? -8.675  -0.198  1.043   1.00 49.42 ? 110 LEU A CB  1 
ATOM   750  C  CG  . LEU A 1 113 ? -9.896  0.206   1.939   1.00 50.04 ? 110 LEU A CG  1 
ATOM   751  C  CD1 . LEU A 1 113 ? -11.257 -0.204  1.318   1.00 48.17 ? 110 LEU A CD1 1 
ATOM   752  C  CD2 . LEU A 1 113 ? -9.798  -0.267  3.390   1.00 47.93 ? 110 LEU A CD2 1 
ATOM   753  N  N   . THR A 1 114 ? -5.850  -0.150  -0.341  1.00 52.60 ? 111 THR A N   1 
ATOM   754  C  CA  . THR A 1 114 ? -4.682  -0.757  -1.000  1.00 52.98 ? 111 THR A CA  1 
ATOM   755  C  C   . THR A 1 114 ? -3.440  -0.563  -0.110  1.00 54.08 ? 111 THR A C   1 
ATOM   756  O  O   . THR A 1 114 ? -2.738  -1.511  0.163   1.00 57.45 ? 111 THR A O   1 
ATOM   757  C  CB  . THR A 1 114 ? -4.474  -0.107  -2.372  1.00 52.96 ? 111 THR A CB  1 
ATOM   758  O  OG1 . THR A 1 114 ? -5.674  -0.225  -3.127  1.00 53.00 ? 111 THR A OG1 1 
ATOM   759  C  CG2 . THR A 1 114 ? -3.327  -0.734  -3.146  1.00 54.46 ? 111 THR A CG2 1 
ATOM   760  N  N   . GLY A 1 115 ? -3.205  0.667   0.366   1.00 53.68 ? 112 GLY A N   1 
ATOM   761  C  CA  . GLY A 1 115 ? -2.100  1.010   1.273   1.00 53.31 ? 112 GLY A CA  1 
ATOM   762  C  C   . GLY A 1 115 ? -2.093  0.105   2.465   1.00 53.05 ? 112 GLY A C   1 
ATOM   763  O  O   . GLY A 1 115 ? -1.089  -0.494  2.739   1.00 54.60 ? 112 GLY A O   1 
ATOM   764  N  N   . LEU A 1 116 ? -3.233  -0.037  3.152   1.00 54.40 ? 113 LEU A N   1 
ATOM   765  C  CA  . LEU A 1 116 ? -3.325  -0.918  4.319   1.00 53.09 ? 113 LEU A CA  1 
ATOM   766  C  C   . LEU A 1 116 ? -2.928  -2.398  4.003   1.00 54.35 ? 113 LEU A C   1 
ATOM   767  O  O   . LEU A 1 116 ? -2.126  -3.033  4.740   1.00 53.70 ? 113 LEU A O   1 
ATOM   768  C  CB  . LEU A 1 116 ? -4.719  -0.806  4.950   1.00 55.03 ? 113 LEU A CB  1 
ATOM   769  C  CG  . LEU A 1 116 ? -5.128  0.451   5.750   1.00 53.61 ? 113 LEU A CG  1 
ATOM   770  C  CD1 . LEU A 1 116 ? -6.612  0.439   6.084   1.00 54.37 ? 113 LEU A CD1 1 
ATOM   771  C  CD2 . LEU A 1 116 ? -4.326  0.547   7.015   1.00 54.71 ? 113 LEU A CD2 1 
ATOM   772  N  N   . LEU A 1 117 ? -3.444  -2.911  2.880   1.00 52.68 ? 114 LEU A N   1 
ATOM   773  C  CA  . LEU A 1 117 ? -3.175  -4.274  2.404   1.00 51.43 ? 114 LEU A CA  1 
ATOM   774  C  C   . LEU A 1 117 ? -1.693  -4.434  2.001   1.00 51.85 ? 114 LEU A C   1 
ATOM   775  O  O   . LEU A 1 117 ? -1.076  -5.465  2.274   1.00 52.08 ? 114 LEU A O   1 
ATOM   776  C  CB  . LEU A 1 117 ? -4.139  -4.659  1.236   1.00 50.45 ? 114 LEU A CB  1 
ATOM   777  C  CG  . LEU A 1 117 ? -5.657  -4.750  1.577   1.00 49.02 ? 114 LEU A CG  1 
ATOM   778  C  CD1 . LEU A 1 117 ? -6.615  -4.846  0.351   1.00 47.69 ? 114 LEU A CD1 1 
ATOM   779  C  CD2 . LEU A 1 117 ? -5.928  -5.872  2.492   1.00 46.94 ? 114 LEU A CD2 1 
ATOM   780  N  N   . LEU A 1 118 ? -1.104  -3.425  1.378   1.00 52.13 ? 115 LEU A N   1 
ATOM   781  C  CA  . LEU A 1 118 ? 0.327   -3.495  1.065   1.00 51.32 ? 115 LEU A CA  1 
ATOM   782  C  C   . LEU A 1 118 ? 1.139   -3.600  2.364   1.00 52.76 ? 115 LEU A C   1 
ATOM   783  O  O   . LEU A 1 118 ? 2.065   -4.404  2.478   1.00 51.78 ? 115 LEU A O   1 
ATOM   784  C  CB  . LEU A 1 118 ? 0.773   -2.260  0.332   1.00 50.82 ? 115 LEU A CB  1 
ATOM   785  C  CG  . LEU A 1 118 ? 0.180   -1.980  -1.051  1.00 51.04 ? 115 LEU A CG  1 
ATOM   786  C  CD1 . LEU A 1 118 ? 0.826   -0.738  -1.665  1.00 49.89 ? 115 LEU A CD1 1 
ATOM   787  C  CD2 . LEU A 1 118 ? 0.333   -3.139  -1.971  1.00 49.22 ? 115 LEU A CD2 1 
ATOM   788  N  N   . LEU A 1 119 ? 0.793   -2.777  3.342   1.00 54.40 ? 116 LEU A N   1 
ATOM   789  C  CA  . LEU A 1 119 ? 1.627   -2.678  4.550   1.00 56.79 ? 116 LEU A CA  1 
ATOM   790  C  C   . LEU A 1 119 ? 1.592   -3.911  5.421   1.00 56.02 ? 116 LEU A C   1 
ATOM   791  O  O   . LEU A 1 119 ? 2.578   -4.244  6.081   1.00 57.43 ? 116 LEU A O   1 
ATOM   792  C  CB  . LEU A 1 119 ? 1.282   -1.416  5.366   1.00 57.37 ? 116 LEU A CB  1 
ATOM   793  C  CG  . LEU A 1 119 ? 1.737   -0.134  4.650   1.00 56.27 ? 116 LEU A CG  1 
ATOM   794  C  CD1 . LEU A 1 119 ? 1.413   1.067   5.525   1.00 56.74 ? 116 LEU A CD1 1 
ATOM   795  C  CD2 . LEU A 1 119 ? 3.222   -0.204  4.271   1.00 57.90 ? 116 LEU A CD2 1 
ATOM   796  N  N   . ARG A 1 120 ? 0.470   -4.606  5.384   1.00 57.39 ? 117 ARG A N   1 
ATOM   797  C  CA  . ARG A 1 120 ? 0.181   -5.626  6.372   1.00 59.41 ? 117 ARG A CA  1 
ATOM   798  C  C   . ARG A 1 120 ? -0.376  -6.939  5.843   1.00 59.90 ? 117 ARG A C   1 
ATOM   799  O  O   . ARG A 1 120 ? -0.532  -7.879  6.597   1.00 61.68 ? 117 ARG A O   1 
ATOM   800  C  CB  . ARG A 1 120 ? -0.752  -5.053  7.419   1.00 59.13 ? 117 ARG A CB  1 
ATOM   801  C  CG  . ARG A 1 120 ? 0.004   -4.095  8.255   1.00 61.07 ? 117 ARG A CG  1 
ATOM   802  C  CD  . ARG A 1 120 ? -0.213  -4.351  9.705   1.00 60.69 ? 117 ARG A CD  1 
ATOM   803  N  NE  . ARG A 1 120 ? -0.972  -3.237  10.214  1.00 61.00 ? 117 ARG A NE  1 
ATOM   804  C  CZ  . ARG A 1 120 ? -1.344  -3.129  11.479  1.00 60.51 ? 117 ARG A CZ  1 
ATOM   805  N  NH1 . ARG A 1 120 ? -1.010  -4.087  12.339  1.00 59.79 ? 117 ARG A NH1 1 
ATOM   806  N  NH2 . ARG A 1 120 ? -2.039  -2.064  11.860  1.00 59.64 ? 117 ARG A NH2 1 
ATOM   807  N  N   . GLY A 1 121 ? -0.665  -7.012  4.556   1.00 59.59 ? 118 GLY A N   1 
ATOM   808  C  CA  . GLY A 1 121 ? -1.233  -8.234  4.011   1.00 58.89 ? 118 GLY A CA  1 
ATOM   809  C  C   . GLY A 1 121 ? -2.722  -8.467  4.280   1.00 57.52 ? 118 GLY A C   1 
ATOM   810  O  O   . GLY A 1 121 ? -3.490  -7.509  4.418   1.00 57.41 ? 118 GLY A O   1 
ATOM   811  N  N   . PRO A 1 122 ? -3.130  -9.762  4.338   1.00 56.60 ? 119 PRO A N   1 
ATOM   812  C  CA  . PRO A 1 122 ? -4.496  -10.228 4.414   1.00 55.75 ? 119 PRO A CA  1 
ATOM   813  C  C   . PRO A 1 122 ? -5.114  -9.673  5.641   1.00 54.00 ? 119 PRO A C   1 
ATOM   814  O  O   . PRO A 1 122 ? -4.654  -9.971  6.730   1.00 52.47 ? 119 PRO A O   1 
ATOM   815  C  CB  . PRO A 1 122 ? -4.337  -11.738 4.612   1.00 56.31 ? 119 PRO A CB  1 
ATOM   816  C  CG  . PRO A 1 122 ? -3.063  -12.035 3.986   1.00 56.34 ? 119 PRO A CG  1 
ATOM   817  C  CD  . PRO A 1 122 ? -2.196  -10.901 4.364   1.00 56.43 ? 119 PRO A CD  1 
ATOM   818  N  N   . GLN A 1 123 ? -6.143  -8.859  5.464   1.00 52.61 ? 120 GLN A N   1 
ATOM   819  C  CA  . GLN A 1 123 ? -6.803  -8.272  6.609   1.00 51.83 ? 120 GLN A CA  1 
ATOM   820  C  C   . GLN A 1 123 ? -8.296  -8.419  6.528   1.00 51.24 ? 120 GLN A C   1 
ATOM   821  O  O   . GLN A 1 123 ? -8.891  -8.532  5.437   1.00 50.13 ? 120 GLN A O   1 
ATOM   822  C  CB  . GLN A 1 123 ? -6.393  -6.810  6.791   1.00 51.93 ? 120 GLN A CB  1 
ATOM   823  C  CG  . GLN A 1 123 ? -4.976  -6.661  7.295   1.00 50.71 ? 120 GLN A CG  1 
ATOM   824  C  CD  . GLN A 1 123 ? -4.430  -5.284  7.078   1.00 51.19 ? 120 GLN A CD  1 
ATOM   825  O  OE1 . GLN A 1 123 ? -4.724  -4.344  7.831   1.00 51.46 ? 120 GLN A OE1 1 
ATOM   826  N  NE2 . GLN A 1 123 ? -3.607  -5.152  6.065   1.00 50.74 ? 120 GLN A NE2 1 
ATOM   827  N  N   . THR A 1 124 ? -8.893  -8.452  7.700   1.00 49.93 ? 121 THR A N   1 
ATOM   828  C  CA  . THR A 1 124 ? -10.320 -8.565  7.790   1.00 50.68 ? 121 THR A CA  1 
ATOM   829  C  C   . THR A 1 124 ? -10.937 -7.177  7.622   1.00 50.71 ? 121 THR A C   1 
ATOM   830  O  O   . THR A 1 124 ? -10.247 -6.172  7.779   1.00 50.92 ? 121 THR A O   1 
ATOM   831  C  CB  . THR A 1 124 ? -10.721 -9.211  9.120   1.00 50.83 ? 121 THR A CB  1 
ATOM   832  O  OG1 . THR A 1 124 ? -12.119 -9.461  9.100   1.00 54.16 ? 121 THR A OG1 1 
ATOM   833  C  CG2 . THR A 1 124 ? -10.460 -8.305  10.245  1.00 50.30 ? 121 THR A CG2 1 
ATOM   834  N  N   . VAL A 1 125 ? -12.219 -7.115  7.281   1.00 51.06 ? 122 VAL A N   1 
ATOM   835  C  CA  . VAL A 1 125 ? -12.921 -5.828  7.157   1.00 51.61 ? 122 VAL A CA  1 
ATOM   836  C  C   . VAL A 1 125 ? -12.800 -4.981  8.442   1.00 52.74 ? 122 VAL A C   1 
ATOM   837  O  O   . VAL A 1 125 ? -12.537 -3.770  8.367   1.00 54.34 ? 122 VAL A O   1 
ATOM   838  C  CB  . VAL A 1 125 ? -14.427 -5.997  6.803   1.00 50.76 ? 122 VAL A CB  1 
ATOM   839  C  CG1 . VAL A 1 125 ? -15.127 -4.663  6.810   1.00 49.83 ? 122 VAL A CG1 1 
ATOM   840  C  CG2 . VAL A 1 125 ? -14.603 -6.664  5.444   1.00 50.40 ? 122 VAL A CG2 1 
ATOM   841  N  N   . SER A 1 126 ? -12.985 -5.597  9.613   1.00 53.04 ? 123 SER A N   1 
ATOM   842  C  CA  . SER A 1 126 ? -12.959 -4.803  10.846  1.00 53.33 ? 123 SER A CA  1 
ATOM   843  C  C   . SER A 1 126 ? -11.574 -4.243  11.131  1.00 53.16 ? 123 SER A C   1 
ATOM   844  O  O   . SER A 1 126 ? -11.465 -3.115  11.579  1.00 54.67 ? 123 SER A O   1 
ATOM   845  C  CB  . SER A 1 126 ? -13.668 -5.469  12.062  1.00 53.13 ? 123 SER A CB  1 
ATOM   846  O  OG  . SER A 1 126 ? -12.928 -6.502  12.679  1.00 52.53 ? 123 SER A OG  1 
ATOM   847  N  N   . GLU A 1 127 ? -10.529 -4.991  10.790  1.00 53.67 ? 124 GLU A N   1 
ATOM   848  C  CA  . GLU A 1 127 ? -9.142  -4.513  10.884  1.00 52.75 ? 124 GLU A CA  1 
ATOM   849  C  C   . GLU A 1 127 ? -8.892  -3.333  9.954   1.00 52.28 ? 124 GLU A C   1 
ATOM   850  O  O   . GLU A 1 127 ? -8.196  -2.357  10.301  1.00 51.17 ? 124 GLU A O   1 
ATOM   851  C  CB  . GLU A 1 127 ? -8.173  -5.616  10.474  1.00 53.49 ? 124 GLU A CB  1 
ATOM   852  C  CG  . GLU A 1 127 ? -7.962  -6.728  11.493  1.00 53.18 ? 124 GLU A CG  1 
ATOM   853  C  CD  . GLU A 1 127 ? -7.277  -7.955  10.884  1.00 53.80 ? 124 GLU A CD  1 
ATOM   854  O  OE1 . GLU A 1 127 ? -7.283  -8.147  9.642   1.00 55.77 ? 124 GLU A OE1 1 
ATOM   855  O  OE2 . GLU A 1 127 ? -6.720  -8.734  11.657  1.00 54.59 ? 124 GLU A OE2 1 
ATOM   856  N  N   . LEU A 1 128 ? -9.452  -3.440  8.757   1.00 50.62 ? 125 LEU A N   1 
ATOM   857  C  CA  . LEU A 1 128 ? -9.279  -2.419  7.733   1.00 48.53 ? 125 LEU A CA  1 
ATOM   858  C  C   . LEU A 1 128 ? -10.001 -1.149  8.142   1.00 47.38 ? 125 LEU A C   1 
ATOM   859  O  O   . LEU A 1 128 ? -9.493  -0.058  7.938   1.00 45.80 ? 125 LEU A O   1 
ATOM   860  C  CB  . LEU A 1 128 ? -9.775  -2.938  6.384   1.00 47.69 ? 125 LEU A CB  1 
ATOM   861  C  CG  . LEU A 1 128 ? -8.807  -3.894  5.640   1.00 47.89 ? 125 LEU A CG  1 
ATOM   862  C  CD1 . LEU A 1 128 ? -9.502  -4.648  4.506   1.00 47.53 ? 125 LEU A CD1 1 
ATOM   863  C  CD2 . LEU A 1 128 ? -7.598  -3.179  5.100   1.00 46.48 ? 125 LEU A CD2 1 
ATOM   864  N  N   . LEU A 1 129 ? -11.186 -1.303  8.736   1.00 46.77 ? 126 LEU A N   1 
ATOM   865  C  CA  . LEU A 1 129 ? -11.932 -0.183  9.260   1.00 46.09 ? 126 LEU A CA  1 
ATOM   866  C  C   . LEU A 1 129 ? -11.152 0.501   10.381  1.00 47.49 ? 126 LEU A C   1 
ATOM   867  O  O   . LEU A 1 129 ? -10.999 1.714   10.374  1.00 48.31 ? 126 LEU A O   1 
ATOM   868  C  CB  . LEU A 1 129 ? -13.275 -0.670  9.810   1.00 45.53 ? 126 LEU A CB  1 
ATOM   869  C  CG  . LEU A 1 129 ? -14.534 0.051   9.353   1.00 45.13 ? 126 LEU A CG  1 
ATOM   870  C  CD1 . LEU A 1 129 ? -15.720 -0.293  10.307  1.00 44.27 ? 126 LEU A CD1 1 
ATOM   871  C  CD2 . LEU A 1 129 ? -14.362 1.572   9.219   1.00 44.44 ? 126 LEU A CD2 1 
ATOM   872  N  N   . THR A 1 130 ? -10.687 -0.272  11.360  1.00 49.27 ? 127 THR A N   1 
ATOM   873  C  CA  . THR A 1 130 ? -9.907  0.265   12.472  1.00 50.27 ? 127 THR A CA  1 
ATOM   874  C  C   . THR A 1 130 ? -8.593  0.877   11.979  1.00 52.14 ? 127 THR A C   1 
ATOM   875  O  O   . THR A 1 130 ? -8.209  1.958   12.401  1.00 53.81 ? 127 THR A O   1 
ATOM   876  C  CB  . THR A 1 130 ? -9.618  -0.821  13.535  1.00 50.08 ? 127 THR A CB  1 
ATOM   877  O  OG1 . THR A 1 130 ? -10.833 -1.159  14.204  1.00 48.29 ? 127 THR A OG1 1 
ATOM   878  C  CG2 . THR A 1 130 ? -8.627  -0.336  14.593  1.00 50.60 ? 127 THR A CG2 1 
ATOM   879  N  N   . ARG A 1 131 ? -7.906  0.226   11.072  1.00 51.98 ? 128 ARG A N   1 
ATOM   880  C  CA  . ARG A 1 131 ? -6.625  0.773   10.710  1.00 55.79 ? 128 ARG A CA  1 
ATOM   881  C  C   . ARG A 1 131 ? -6.714  2.016   9.811   1.00 56.68 ? 128 ARG A C   1 
ATOM   882  O  O   . ARG A 1 131 ? -5.822  2.848   9.826   1.00 57.15 ? 128 ARG A O   1 
ATOM   883  C  CB  . ARG A 1 131 ? -5.721  -0.331  10.170  1.00 56.87 ? 128 ARG A CB  1 
ATOM   884  C  CG  . ARG A 1 131 ? -5.481  -1.391  11.253  1.00 58.37 ? 128 ARG A CG  1 
ATOM   885  C  CD  . ARG A 1 131 ? -5.127  -2.755  10.669  1.00 59.85 ? 128 ARG A CD  1 
ATOM   886  N  NE  . ARG A 1 131 ? -4.944  -3.737  11.732  1.00 60.31 ? 128 ARG A NE  1 
ATOM   887  C  CZ  . ARG A 1 131 ? -4.353  -4.927  11.601  1.00 60.07 ? 128 ARG A CZ  1 
ATOM   888  N  NH1 . ARG A 1 131 ? -3.862  -5.336  10.429  1.00 58.99 ? 128 ARG A NH1 1 
ATOM   889  N  NH2 . ARG A 1 131 ? -4.258  -5.713  12.672  1.00 59.40 ? 128 ARG A NH2 1 
ATOM   890  N  N   . SER A 1 132 ? -7.819  2.178   9.091   1.00 57.91 ? 129 SER A N   1 
ATOM   891  C  CA  . SER A 1 132 ? -7.980  3.326   8.199   1.00 59.19 ? 129 SER A CA  1 
ATOM   892  C  C   . SER A 1 132 ? -8.532  4.551   8.924   1.00 61.07 ? 129 SER A C   1 
ATOM   893  O  O   . SER A 1 132 ? -8.624  5.627   8.343   1.00 61.48 ? 129 SER A O   1 
ATOM   894  C  CB  . SER A 1 132 ? -8.890  2.959   7.024   1.00 59.11 ? 129 SER A CB  1 
ATOM   895  O  OG  . SER A 1 132 ? -10.163 2.558   7.523   1.00 58.71 ? 129 SER A OG  1 
ATOM   896  N  N   . ASN A 1 133 ? -8.884  4.378   10.189  1.00 63.04 ? 130 ASN A N   1 
ATOM   897  C  CA  . ASN A 1 133 ? -9.491  5.420   11.000  1.00 66.84 ? 130 ASN A CA  1 
ATOM   898  C  C   . ASN A 1 133 ? -8.911  6.832   10.872  1.00 68.98 ? 130 ASN A C   1 
ATOM   899  O  O   . ASN A 1 133 ? -9.663  7.774   10.689  1.00 70.80 ? 130 ASN A O   1 
ATOM   900  C  CB  . ASN A 1 133 ? -9.553  4.982   12.465  1.00 67.60 ? 130 ASN A CB  1 
ATOM   901  C  CG  . ASN A 1 133 ? -9.879  6.114   13.392  1.00 68.68 ? 130 ASN A CG  1 
ATOM   902  O  OD1 . ASN A 1 133 ? -10.870 6.820   13.199  1.00 69.34 ? 130 ASN A OD1 1 
ATOM   903  N  ND2 . ASN A 1 133 ? -9.042  6.310   14.408  1.00 69.17 ? 130 ASN A ND2 1 
ATOM   904  N  N   . ARG A 1 134 ? -7.601  7.005   10.976  1.00 71.47 ? 131 ARG A N   1 
ATOM   905  C  CA  . ARG A 1 134 ? -7.054  8.357   10.861  1.00 73.40 ? 131 ARG A CA  1 
ATOM   906  C  C   . ARG A 1 134 ? -6.540  8.701   9.451   1.00 74.61 ? 131 ARG A C   1 
ATOM   907  O  O   . ARG A 1 134 ? -5.779  9.657   9.276   1.00 75.42 ? 131 ARG A O   1 
ATOM   908  C  CB  . ARG A 1 134 ? -5.992  8.627   11.947  1.00 74.49 ? 131 ARG A CB  1 
ATOM   909  C  CG  . ARG A 1 134 ? -6.574  8.936   13.363  1.00 75.08 ? 131 ARG A CG  1 
ATOM   910  C  CD  . ARG A 1 134 ? -5.714  9.939   14.149  1.00 75.75 ? 131 ARG A CD  1 
ATOM   911  N  NE  . ARG A 1 134 ? -5.288  9.419   15.466  1.00 76.49 ? 131 ARG A NE  1 
ATOM   912  C  CZ  . ARG A 1 134 ? -4.075  8.906   15.745  1.00 76.15 ? 131 ARG A CZ  1 
ATOM   913  N  NH1 . ARG A 1 134 ? -3.126  8.821   14.812  1.00 75.54 ? 131 ARG A NH1 1 
ATOM   914  N  NH2 . ARG A 1 134 ? -3.809  8.464   16.970  1.00 75.32 ? 131 ARG A NH2 1 
HETATM 915  N  N   . MSE A 1 135 ? -6.998  7.940   8.452   1.00 75.27 ? 132 MSE A N   1 
HETATM 916  C  CA  . MSE A 1 135 ? -6.548  8.057   7.059   1.00 75.78 ? 132 MSE A CA  1 
HETATM 917  C  C   . MSE A 1 135 ? -7.680  8.322   6.085   1.00 71.74 ? 132 MSE A C   1 
HETATM 918  O  O   . MSE A 1 135 ? -7.507  9.065   5.139   1.00 70.78 ? 132 MSE A O   1 
HETATM 919  C  CB  . MSE A 1 135 ? -5.873  6.775   6.631   1.00 77.17 ? 132 MSE A CB  1 
HETATM 920  C  CG  . MSE A 1 135 ? -4.645  6.440   7.420   1.00 80.80 ? 132 MSE A CG  1 
HETATM 921  SE SE  . MSE A 1 135 ? -3.858  4.796   6.753   1.00 84.53 ? 132 MSE A SE  1 
HETATM 922  C  CE  . MSE A 1 135 ? -3.355  5.337   4.948   1.00 83.94 ? 132 MSE A CE  1 
ATOM   923  N  N   . HIS A 1 136 ? -8.816  7.671   6.297   1.00 68.66 ? 133 HIS A N   1 
ATOM   924  C  CA  . HIS A 1 136 ? -10.013 7.881   5.497   1.00 66.70 ? 133 HIS A CA  1 
ATOM   925  C  C   . HIS A 1 136 ? -11.172 7.554   6.400   1.00 67.43 ? 133 HIS A C   1 
ATOM   926  O  O   . HIS A 1 136 ? -11.109 6.634   7.207   1.00 67.52 ? 133 HIS A O   1 
ATOM   927  C  CB  . HIS A 1 136 ? -10.052 6.968   4.273   1.00 64.45 ? 133 HIS A CB  1 
ATOM   928  C  CG  . HIS A 1 136 ? -11.229 7.204   3.372   1.00 63.01 ? 133 HIS A CG  1 
ATOM   929  N  ND1 . HIS A 1 136 ? -12.425 6.537   3.517   1.00 62.36 ? 133 HIS A ND1 1 
ATOM   930  C  CD2 . HIS A 1 136 ? -11.395 8.041   2.322   1.00 62.42 ? 133 HIS A CD2 1 
ATOM   931  C  CE1 . HIS A 1 136 ? -13.272 6.937   2.585   1.00 61.68 ? 133 HIS A CE1 1 
ATOM   932  N  NE2 . HIS A 1 136 ? -12.676 7.857   1.855   1.00 62.02 ? 133 HIS A NE2 1 
ATOM   933  N  N   . ASP A 1 137 ? -12.253 8.289   6.295   1.00 67.98 ? 134 ASP A N   1 
ATOM   934  C  CA  . ASP A 1 137 ? -13.286 7.969   7.237   1.00 68.98 ? 134 ASP A CA  1 
ATOM   935  C  C   . ASP A 1 137 ? -14.458 7.218   6.655   1.00 67.34 ? 134 ASP A C   1 
ATOM   936  O  O   . ASP A 1 137 ? -15.371 7.797   6.072   1.00 67.53 ? 134 ASP A O   1 
ATOM   937  C  CB  . ASP A 1 137 ? -13.621 9.143   8.178   1.00 72.14 ? 134 ASP A CB  1 
ATOM   938  C  CG  . ASP A 1 137 ? -12.497 9.362   9.241   1.00 74.48 ? 134 ASP A CG  1 
ATOM   939  O  OD1 . ASP A 1 137 ? -11.306 9.577   8.836   1.00 74.51 ? 134 ASP A OD1 1 
ATOM   940  O  OD2 . ASP A 1 137 ? -12.803 9.281   10.468  1.00 74.89 ? 134 ASP A OD2 1 
ATOM   941  N  N   . PHE A 1 138 ? -14.342 5.893   6.789   1.00 64.51 ? 135 PHE A N   1 
ATOM   942  C  CA  . PHE A 1 138 ? -15.391 4.941   6.503   1.00 60.93 ? 135 PHE A CA  1 
ATOM   943  C  C   . PHE A 1 138 ? -16.389 5.017   7.611   1.00 60.76 ? 135 PHE A C   1 
ATOM   944  O  O   . PHE A 1 138 ? -16.065 4.768   8.769   1.00 60.83 ? 135 PHE A O   1 
ATOM   945  C  CB  . PHE A 1 138 ? -14.816 3.537   6.426   1.00 58.25 ? 135 PHE A CB  1 
ATOM   946  C  CG  . PHE A 1 138 ? -13.917 3.341   5.263   1.00 56.65 ? 135 PHE A CG  1 
ATOM   947  C  CD1 . PHE A 1 138 ? -14.439 3.247   3.985   1.00 55.34 ? 135 PHE A CD1 1 
ATOM   948  C  CD2 . PHE A 1 138 ? -12.547 3.289   5.437   1.00 56.06 ? 135 PHE A CD2 1 
ATOM   949  C  CE1 . PHE A 1 138 ? -13.622 3.079   2.903   1.00 55.17 ? 135 PHE A CE1 1 
ATOM   950  C  CE2 . PHE A 1 138 ? -11.713 3.117   4.358   1.00 55.91 ? 135 PHE A CE2 1 
ATOM   951  C  CZ  . PHE A 1 138 ? -12.249 3.014   3.086   1.00 56.70 ? 135 PHE A CZ  1 
ATOM   952  N  N   . GLU A 1 139 ? -17.607 5.373   7.236   1.00 60.53 ? 136 GLU A N   1 
ATOM   953  C  CA  . GLU A 1 139 ? -18.661 5.599   8.176   1.00 60.87 ? 136 GLU A CA  1 
ATOM   954  C  C   . GLU A 1 139 ? -18.973 4.253   8.806   1.00 60.02 ? 136 GLU A C   1 
ATOM   955  O  O   . GLU A 1 139 ? -19.274 4.163   9.994   1.00 60.99 ? 136 GLU A O   1 
ATOM   956  C  CB  . GLU A 1 139 ? -19.875 6.156   7.436   1.00 61.26 ? 136 GLU A CB  1 
ATOM   957  C  CG  . GLU A 1 139 ? -20.409 7.508   7.923   1.00 62.52 ? 136 GLU A CG  1 
ATOM   958  C  CD  . GLU A 1 139 ? -21.758 7.857   7.270   1.00 63.23 ? 136 GLU A CD  1 
ATOM   959  O  OE1 . GLU A 1 139 ? -21.797 7.993   6.022   1.00 64.49 ? 136 GLU A OE1 1 
ATOM   960  O  OE2 . GLU A 1 139 ? -22.781 7.985   7.993   1.00 63.74 ? 136 GLU A OE2 1 
ATOM   961  N  N   . ASP A 1 140 ? -18.887 3.201   8.003   1.00 58.53 ? 137 ASP A N   1 
ATOM   962  C  CA  . ASP A 1 140 ? -19.144 1.849   8.476   1.00 57.55 ? 137 ASP A CA  1 
ATOM   963  C  C   . ASP A 1 140 ? -18.505 0.788   7.570   1.00 57.16 ? 137 ASP A C   1 
ATOM   964  O  O   . ASP A 1 140 ? -18.057 1.092   6.473   1.00 57.31 ? 137 ASP A O   1 
ATOM   965  C  CB  . ASP A 1 140 ? -20.657 1.596   8.685   1.00 56.47 ? 137 ASP A CB  1 
ATOM   966  C  CG  . ASP A 1 140 ? -21.496 1.850   7.431   1.00 56.23 ? 137 ASP A CG  1 
ATOM   967  O  OD1 . ASP A 1 140 ? -20.990 1.676   6.301   1.00 55.11 ? 137 ASP A OD1 1 
ATOM   968  O  OD2 . ASP A 1 140 ? -22.701 2.196   7.586   1.00 56.95 ? 137 ASP A OD2 1 
ATOM   969  N  N   . SER A 1 141 ? -18.481 -0.456  8.042   1.00 56.75 ? 138 SER A N   1 
ATOM   970  C  CA  . SER A 1 141 ? -17.904 -1.569  7.304   1.00 55.68 ? 138 SER A CA  1 
ATOM   971  C  C   . SER A 1 141 ? -18.602 -1.869  5.960   1.00 55.07 ? 138 SER A C   1 
ATOM   972  O  O   . SER A 1 141 ? -18.060 -2.579  5.132   1.00 55.19 ? 138 SER A O   1 
ATOM   973  C  CB  . SER A 1 141 ? -17.814 -2.809  8.206   1.00 55.57 ? 138 SER A CB  1 
ATOM   974  O  OG  . SER A 1 141 ? -19.086 -3.358  8.480   1.00 55.13 ? 138 SER A OG  1 
ATOM   975  N  N   . GLU A 1 142 ? -19.781 -1.311  5.726   1.00 54.67 ? 139 GLU A N   1 
ATOM   976  C  CA  . GLU A 1 142 ? -20.453 -1.463  4.443   1.00 54.38 ? 139 GLU A CA  1 
ATOM   977  C  C   . GLU A 1 142 ? -19.697 -0.702  3.344   1.00 52.62 ? 139 GLU A C   1 
ATOM   978  O  O   . GLU A 1 142 ? -19.599 -1.154  2.199   1.00 51.40 ? 139 GLU A O   1 
ATOM   979  C  CB  . GLU A 1 142 ? -21.895 -0.942  4.546   1.00 57.84 ? 139 GLU A CB  1 
ATOM   980  C  CG  . GLU A 1 142 ? -22.934 -1.819  3.828   1.00 61.82 ? 139 GLU A CG  1 
ATOM   981  C  CD  . GLU A 1 142 ? -22.537 -2.065  2.372   1.00 64.54 ? 139 GLU A CD  1 
ATOM   982  O  OE1 . GLU A 1 142 ? -22.468 -1.060  1.621   1.00 65.98 ? 139 GLU A OE1 1 
ATOM   983  O  OE2 . GLU A 1 142 ? -22.259 -3.236  1.990   1.00 65.71 ? 139 GLU A OE2 1 
ATOM   984  N  N   . GLN A 1 143 ? -19.181 0.470   3.707   1.00 51.22 ? 140 GLN A N   1 
ATOM   985  C  CA  . GLN A 1 143 ? -18.426 1.315   2.782   1.00 50.27 ? 140 GLN A CA  1 
ATOM   986  C  C   . GLN A 1 143 ? -17.076 0.700   2.452   1.00 50.08 ? 140 GLN A C   1 
ATOM   987  O  O   . GLN A 1 143 ? -16.499 0.955   1.370   1.00 50.53 ? 140 GLN A O   1 
ATOM   988  C  CB  . GLN A 1 143 ? -18.191 2.703   3.381   1.00 50.14 ? 140 GLN A CB  1 
ATOM   989  C  CG  . GLN A 1 143 ? -19.453 3.531   3.634   1.00 49.72 ? 140 GLN A CG  1 
ATOM   990  C  CD  . GLN A 1 143 ? -19.151 4.917   4.253   1.00 49.66 ? 140 GLN A CD  1 
ATOM   991  O  OE1 . GLN A 1 143 ? -17.987 5.283   4.553   1.00 45.68 ? 140 GLN A OE1 1 
ATOM   992  N  NE2 . GLN A 1 143 ? -20.226 5.688   4.469   1.00 50.08 ? 140 GLN A NE2 1 
ATOM   993  N  N   . VAL A 1 144 ? -16.544 -0.069  3.395   1.00 48.76 ? 141 VAL A N   1 
ATOM   994  C  CA  . VAL A 1 144 ? -15.247 -0.714  3.171   1.00 48.30 ? 141 VAL A CA  1 
ATOM   995  C  C   . VAL A 1 144 ? -15.452 -1.847  2.139   1.00 47.86 ? 141 VAL A C   1 
ATOM   996  O  O   . VAL A 1 144 ? -14.657 -1.985  1.201   1.00 46.07 ? 141 VAL A O   1 
ATOM   997  C  CB  . VAL A 1 144 ? -14.607 -1.221  4.506   1.00 46.76 ? 141 VAL A CB  1 
ATOM   998  C  CG1 . VAL A 1 144 ? -13.394 -2.126  4.257   1.00 45.92 ? 141 VAL A CG1 1 
ATOM   999  C  CG2 . VAL A 1 144 ? -14.208 -0.069  5.364   1.00 46.22 ? 141 VAL A CG2 1 
ATOM   1000 N  N   . VAL A 1 145 ? -16.549 -2.597  2.302   1.00 46.99 ? 142 VAL A N   1 
ATOM   1001 C  CA  . VAL A 1 145 ? -16.860 -3.725  1.423   1.00 47.80 ? 142 VAL A CA  1 
ATOM   1002 C  C   . VAL A 1 145 ? -17.154 -3.216  0.009   1.00 47.82 ? 142 VAL A C   1 
ATOM   1003 O  O   . VAL A 1 145 ? -16.597 -3.711  -0.969  1.00 48.89 ? 142 VAL A O   1 
ATOM   1004 C  CB  . VAL A 1 145 ? -17.992 -4.616  2.017   1.00 47.92 ? 142 VAL A CB  1 
ATOM   1005 C  CG1 . VAL A 1 145 ? -18.550 -5.633  1.009   1.00 47.31 ? 142 VAL A CG1 1 
ATOM   1006 C  CG2 . VAL A 1 145 ? -17.505 -5.335  3.263   1.00 48.40 ? 142 VAL A CG2 1 
ATOM   1007 N  N   . HIS A 1 146 ? -17.993 -2.189  -0.071  1.00 48.09 ? 143 HIS A N   1 
ATOM   1008 C  CA  . HIS A 1 146 ? -18.287 -1.485  -1.308  1.00 47.42 ? 143 HIS A CA  1 
ATOM   1009 C  C   . HIS A 1 146 ? -17.006 -1.256  -2.111  1.00 48.30 ? 143 HIS A C   1 
ATOM   1010 O  O   . HIS A 1 146 ? -16.925 -1.590  -3.301  1.00 46.01 ? 143 HIS A O   1 
ATOM   1011 C  CB  . HIS A 1 146 ? -18.934 -0.153  -0.957  1.00 47.31 ? 143 HIS A CB  1 
ATOM   1012 C  CG  . HIS A 1 146 ? -19.602 0.511   -2.119  1.00 47.64 ? 143 HIS A CG  1 
ATOM   1013 N  ND1 . HIS A 1 146 ? -20.890 0.214   -2.503  1.00 47.77 ? 143 HIS A ND1 1 
ATOM   1014 C  CD2 . HIS A 1 146 ? -19.155 1.445   -2.990  1.00 47.57 ? 143 HIS A CD2 1 
ATOM   1015 C  CE1 . HIS A 1 146 ? -21.211 0.946   -3.554  1.00 47.75 ? 143 HIS A CE1 1 
ATOM   1016 N  NE2 . HIS A 1 146 ? -20.175 1.701   -3.869  1.00 46.92 ? 143 HIS A NE2 1 
ATOM   1017 N  N   . GLN A 1 147 ? -15.992 -0.724  -1.427  1.00 48.68 ? 144 GLN A N   1 
ATOM   1018 C  CA  . GLN A 1 147 ? -14.753 -0.340  -2.062  1.00 49.43 ? 144 GLN A CA  1 
ATOM   1019 C  C   . GLN A 1 147 ? -13.900 -1.538  -2.404  1.00 50.94 ? 144 GLN A C   1 
ATOM   1020 O  O   . GLN A 1 147 ? -13.187 -1.524  -3.410  1.00 52.89 ? 144 GLN A O   1 
ATOM   1021 C  CB  . GLN A 1 147 ? -13.957 0.640   -1.184  1.00 49.74 ? 144 GLN A CB  1 
ATOM   1022 C  CG  . GLN A 1 147 ? -14.470 2.096   -1.242  1.00 48.82 ? 144 GLN A CG  1 
ATOM   1023 C  CD  . GLN A 1 147 ? -14.766 2.596   -2.666  1.00 48.10 ? 144 GLN A CD  1 
ATOM   1024 O  OE1 . GLN A 1 147 ? -14.069 2.261   -3.611  1.00 49.20 ? 144 GLN A OE1 1 
ATOM   1025 N  NE2 . GLN A 1 147 ? -15.783 3.405   -2.804  1.00 48.20 ? 144 GLN A NE2 1 
ATOM   1026 N  N   . LEU A 1 148 ? -13.967 -2.577  -1.576  1.00 50.42 ? 145 LEU A N   1 
ATOM   1027 C  CA  . LEU A 1 148 ? -13.117 -3.747  -1.787  1.00 48.97 ? 145 LEU A CA  1 
ATOM   1028 C  C   . LEU A 1 148 ? -13.641 -4.551  -2.947  1.00 48.61 ? 145 LEU A C   1 
ATOM   1029 O  O   . LEU A 1 148 ? -12.873 -5.055  -3.764  1.00 48.83 ? 145 LEU A O   1 
ATOM   1030 C  CB  . LEU A 1 148 ? -13.069 -4.613  -0.532  1.00 47.84 ? 145 LEU A CB  1 
ATOM   1031 C  CG  . LEU A 1 148 ? -12.102 -4.133  0.561   1.00 46.75 ? 145 LEU A CG  1 
ATOM   1032 C  CD1 . LEU A 1 148 ? -12.506 -4.733  1.940   1.00 45.50 ? 145 LEU A CD1 1 
ATOM   1033 C  CD2 . LEU A 1 148 ? -10.615 -4.397  0.180   1.00 44.08 ? 145 LEU A CD2 1 
ATOM   1034 N  N   . GLU A 1 149 ? -14.964 -4.648  -3.021  1.00 48.08 ? 146 GLU A N   1 
ATOM   1035 C  CA  . GLU A 1 149 ? -15.616 -5.342  -4.104  1.00 47.54 ? 146 GLU A CA  1 
ATOM   1036 C  C   . GLU A 1 149 ? -15.181 -4.761  -5.436  1.00 46.31 ? 146 GLU A C   1 
ATOM   1037 O  O   . GLU A 1 149 ? -14.873 -5.507  -6.354  1.00 48.96 ? 146 GLU A O   1 
ATOM   1038 C  CB  . GLU A 1 149 ? -17.148 -5.292  -3.966  1.00 47.98 ? 146 GLU A CB  1 
ATOM   1039 C  CG  . GLU A 1 149 ? -17.701 -6.203  -2.895  1.00 48.90 ? 146 GLU A CG  1 
ATOM   1040 C  CD  . GLU A 1 149 ? -17.667 -7.698  -3.252  1.00 49.81 ? 146 GLU A CD  1 
ATOM   1041 O  OE1 . GLU A 1 149 ? -17.235 -8.100  -4.366  1.00 49.90 ? 146 GLU A OE1 1 
ATOM   1042 O  OE2 . GLU A 1 149 ? -18.102 -8.485  -2.391  1.00 50.69 ? 146 GLU A OE2 1 
ATOM   1043 N  N   . ARG A 1 150 ? -15.168 -3.441  -5.546  1.00 44.49 ? 147 ARG A N   1 
ATOM   1044 C  CA  . ARG A 1 150 ? -14.581 -2.766  -6.702  1.00 44.31 ? 147 ARG A CA  1 
ATOM   1045 C  C   . ARG A 1 150 ? -13.086 -3.071  -6.961  1.00 47.21 ? 147 ARG A C   1 
ATOM   1046 O  O   . ARG A 1 150 ? -12.704 -3.273  -8.116  1.00 47.92 ? 147 ARG A O   1 
ATOM   1047 C  CB  . ARG A 1 150 ? -14.834 -1.275  -6.608  1.00 43.62 ? 147 ARG A CB  1 
ATOM   1048 C  CG  . ARG A 1 150 ? -16.273 -0.937  -6.999  1.00 39.74 ? 147 ARG A CG  1 
ATOM   1049 C  CD  . ARG A 1 150 ? -16.835 0.209   -6.216  1.00 40.30 ? 147 ARG A CD  1 
ATOM   1050 N  NE  . ARG A 1 150 ? -18.239 0.332   -6.619  1.00 39.85 ? 147 ARG A NE  1 
ATOM   1051 C  CZ  . ARG A 1 150 ? -19.215 -0.449  -6.133  1.00 40.25 ? 147 ARG A CZ  1 
ATOM   1052 N  NH1 . ARG A 1 150 ? -20.474 -0.328  -6.578  1.00 39.42 ? 147 ARG A NH1 1 
ATOM   1053 N  NH2 . ARG A 1 150 ? -18.938 -1.352  -5.183  1.00 38.63 ? 147 ARG A NH2 1 
ATOM   1054 N  N   . LEU A 1 151 ? -12.261 -3.151  -5.912  1.00 47.54 ? 148 LEU A N   1 
ATOM   1055 C  CA  . LEU A 1 151 ? -10.860 -3.520  -6.097  1.00 50.48 ? 148 LEU A CA  1 
ATOM   1056 C  C   . LEU A 1 151 ? -10.716 -4.915  -6.695  1.00 51.05 ? 148 LEU A C   1 
ATOM   1057 O  O   . LEU A 1 151 ? -9.808  -5.182  -7.477  1.00 52.52 ? 148 LEU A O   1 
ATOM   1058 C  CB  . LEU A 1 151 ? -10.108 -3.458  -4.767  1.00 50.96 ? 148 LEU A CB  1 
ATOM   1059 C  CG  . LEU A 1 151 ? -9.714  -2.065  -4.237  1.00 53.32 ? 148 LEU A CG  1 
ATOM   1060 C  CD1 . LEU A 1 151 ? -9.255  -2.109  -2.728  1.00 52.79 ? 148 LEU A CD1 1 
ATOM   1061 C  CD2 . LEU A 1 151 ? -8.626  -1.418  -5.111  1.00 53.03 ? 148 LEU A CD2 1 
ATOM   1062 N  N   . ILE A 1 152 ? -11.615 -5.805  -6.286  1.00 51.63 ? 149 ILE A N   1 
ATOM   1063 C  CA  . ILE A 1 152 ? -11.672 -7.185  -6.753  1.00 50.36 ? 149 ILE A CA  1 
ATOM   1064 C  C   . ILE A 1 152 ? -12.130 -7.201  -8.207  1.00 50.27 ? 149 ILE A C   1 
ATOM   1065 O  O   . ILE A 1 152 ? -11.571 -7.911  -9.049  1.00 49.89 ? 149 ILE A O   1 
ATOM   1066 C  CB  . ILE A 1 152 ? -12.664 -8.020  -5.876  1.00 49.78 ? 149 ILE A CB  1 
ATOM   1067 C  CG1 . ILE A 1 152 ? -11.995 -8.383  -4.535  1.00 49.35 ? 149 ILE A CG1 1 
ATOM   1068 C  CG2 . ILE A 1 152 ? -13.146 -9.269  -6.613  1.00 47.50 ? 149 ILE A CG2 1 
ATOM   1069 C  CD1 . ILE A 1 152 ? -12.949 -8.900  -3.434  1.00 49.28 ? 149 ILE A CD1 1 
ATOM   1070 N  N   . ALA A 1 153 ? -13.150 -6.417  -8.503  1.00 50.09 ? 150 ALA A N   1 
ATOM   1071 C  CA  . ALA A 1 153 ? -13.673 -6.366  -9.866  1.00 50.87 ? 150 ALA A CA  1 
ATOM   1072 C  C   . ALA A 1 153 ? -12.564 -5.831  -10.782 1.00 51.99 ? 150 ALA A C   1 
ATOM   1073 O  O   . ALA A 1 153 ? -12.510 -6.159  -11.957 1.00 51.09 ? 150 ALA A O   1 
ATOM   1074 C  CB  . ALA A 1 153 ? -14.895 -5.489  -9.926  1.00 48.69 ? 150 ALA A CB  1 
ATOM   1075 N  N   . ARG A 1 154 ? -11.676 -5.031  -10.197 1.00 53.91 ? 151 ARG A N   1 
ATOM   1076 C  CA  . ARG A 1 154 ? -10.537 -4.409  -10.894 1.00 56.32 ? 151 ARG A CA  1 
ATOM   1077 C  C   . ARG A 1 154 ? -9.335  -5.310  -11.086 1.00 55.59 ? 151 ARG A C   1 
ATOM   1078 O  O   . ARG A 1 154 ? -8.541  -5.080  -11.992 1.00 54.03 ? 151 ARG A O   1 
ATOM   1079 C  CB  . ARG A 1 154 ? -10.070 -3.150  -10.168 1.00 57.20 ? 151 ARG A CB  1 
ATOM   1080 C  CG  . ARG A 1 154 ? -11.026 -2.006  -10.381 1.00 60.74 ? 151 ARG A CG  1 
ATOM   1081 C  CD  . ARG A 1 154 ? -11.058 -1.531  -11.819 1.00 61.83 ? 151 ARG A CD  1 
ATOM   1082 N  NE  . ARG A 1 154 ? -10.712 -0.118  -11.785 1.00 64.60 ? 151 ARG A NE  1 
ATOM   1083 C  CZ  . ARG A 1 154 ? -9.465  0.348   -11.888 1.00 64.78 ? 151 ARG A CZ  1 
ATOM   1084 N  NH1 . ARG A 1 154 ? -8.430  -0.472  -12.095 1.00 63.49 ? 151 ARG A NH1 1 
ATOM   1085 N  NH2 . ARG A 1 154 ? -9.266  1.651   -11.813 1.00 65.53 ? 151 ARG A NH2 1 
ATOM   1086 N  N   . GLY A 1 155 ? -9.200  -6.307  -10.220 1.00 55.05 ? 152 GLY A N   1 
ATOM   1087 C  CA  . GLY A 1 155 ? -8.180  -7.300  -10.368 1.00 53.34 ? 152 GLY A CA  1 
ATOM   1088 C  C   . GLY A 1 155 ? -7.034  -6.905  -9.487  1.00 54.02 ? 152 GLY A C   1 
ATOM   1089 O  O   . GLY A 1 155 ? -5.913  -7.359  -9.694  1.00 53.27 ? 152 GLY A O   1 
ATOM   1090 N  N   . LEU A 1 156 ? -7.333  -6.082  -8.481  1.00 54.50 ? 153 LEU A N   1 
ATOM   1091 C  CA  . LEU A 1 156 ? -6.312  -5.498  -7.606  1.00 53.74 ? 153 LEU A CA  1 
ATOM   1092 C  C   . LEU A 1 156 ? -6.374  -6.013  -6.189  1.00 54.57 ? 153 LEU A C   1 
ATOM   1093 O  O   . LEU A 1 156 ? -5.444  -5.866  -5.419  1.00 54.30 ? 153 LEU A O   1 
ATOM   1094 C  CB  . LEU A 1 156 ? -6.489  -3.981  -7.598  1.00 53.87 ? 153 LEU A CB  1 
ATOM   1095 C  CG  . LEU A 1 156 ? -6.188  -3.366  -8.974  1.00 52.52 ? 153 LEU A CG  1 
ATOM   1096 C  CD1 . LEU A 1 156 ? -6.645  -1.910  -9.021  1.00 52.12 ? 153 LEU A CD1 1 
ATOM   1097 C  CD2 . LEU A 1 156 ? -4.679  -3.527  -9.277  1.00 48.12 ? 153 LEU A CD2 1 
ATOM   1098 N  N   . ALA A 1 157 ? -7.487  -6.607  -5.817  1.00 54.89 ? 154 ALA A N   1 
ATOM   1099 C  CA  . ALA A 1 157 ? -7.502  -7.297  -4.565  1.00 55.09 ? 154 ALA A CA  1 
ATOM   1100 C  C   . ALA A 1 157 ? -8.235  -8.595  -4.763  1.00 55.44 ? 154 ALA A C   1 
ATOM   1101 O  O   . ALA A 1 157 ? -8.684  -8.919  -5.856  1.00 54.07 ? 154 ALA A O   1 
ATOM   1102 C  CB  . ALA A 1 157 ? -8.185  -6.456  -3.498  1.00 56.53 ? 154 ALA A CB  1 
ATOM   1103 N  N   . THR A 1 158 ? -8.346  -9.345  -3.682  1.00 55.73 ? 155 THR A N   1 
ATOM   1104 C  CA  . THR A 1 158 ? -8.973  -10.642 -3.724  1.00 54.96 ? 155 THR A CA  1 
ATOM   1105 C  C   . THR A 1 158 ? -9.503  -10.984 -2.344  1.00 55.25 ? 155 THR A C   1 
ATOM   1106 O  O   . THR A 1 158 ? -8.960  -10.560 -1.314  1.00 54.30 ? 155 THR A O   1 
ATOM   1107 C  CB  . THR A 1 158 ? -7.958  -11.726 -4.204  1.00 53.87 ? 155 THR A CB  1 
ATOM   1108 O  OG1 . THR A 1 158 ? -8.663  -12.909 -4.548  1.00 51.97 ? 155 THR A OG1 1 
ATOM   1109 C  CG2 . THR A 1 158 ? -6.884  -12.065 -3.118  1.00 53.21 ? 155 THR A CG2 1 
ATOM   1110 N  N   . LEU A 1 159 ? -10.569 -11.757 -2.332  1.00 58.03 ? 156 LEU A N   1 
ATOM   1111 C  CA  . LEU A 1 159 ? -11.056 -12.331 -1.092  1.00 61.07 ? 156 LEU A CA  1 
ATOM   1112 C  C   . LEU A 1 159 ? -10.219 -13.572 -0.880  1.00 63.48 ? 156 LEU A C   1 
ATOM   1113 O  O   . LEU A 1 159 ? -10.051 -14.398 -1.780  1.00 63.85 ? 156 LEU A O   1 
ATOM   1114 C  CB  . LEU A 1 159 ? -12.530 -12.704 -1.193  1.00 60.25 ? 156 LEU A CB  1 
ATOM   1115 C  CG  . LEU A 1 159 ? -13.447 -12.499 0.006   1.00 60.03 ? 156 LEU A CG  1 
ATOM   1116 C  CD1 . LEU A 1 159 ? -14.650 -13.390 -0.194  1.00 60.22 ? 156 LEU A CD1 1 
ATOM   1117 C  CD2 . LEU A 1 159 ? -12.789 -12.805 1.326   1.00 60.17 ? 156 LEU A CD2 1 
ATOM   1118 N  N   . VAL A 1 160 ? -9.670  -13.690 0.310   1.00 66.65 ? 157 VAL A N   1 
ATOM   1119 C  CA  . VAL A 1 160 ? -8.877  -14.838 0.634   1.00 69.88 ? 157 VAL A CA  1 
ATOM   1120 C  C   . VAL A 1 160 ? -9.794  -15.885 1.280   1.00 73.02 ? 157 VAL A C   1 
ATOM   1121 O  O   . VAL A 1 160 ? -10.569 -15.568 2.202   1.00 72.74 ? 157 VAL A O   1 
ATOM   1122 C  CB  . VAL A 1 160 ? -7.617  -14.412 1.426   1.00 69.94 ? 157 VAL A CB  1 
ATOM   1123 C  CG1 . VAL A 1 160 ? -7.214  -15.443 2.464   1.00 70.56 ? 157 VAL A CG1 1 
ATOM   1124 C  CG2 . VAL A 1 160 ? -6.483  -14.133 0.439   1.00 69.71 ? 157 VAL A CG2 1 
ATOM   1125 N  N   . PRO A 1 161 ? -9.741  -17.136 0.766   1.00 76.32 ? 158 PRO A N   1 
ATOM   1126 C  CA  . PRO A 1 161 ? -10.671 -18.126 1.300   1.00 78.34 ? 158 PRO A CA  1 
ATOM   1127 C  C   . PRO A 1 161 ? -10.255 -18.378 2.745   1.00 80.01 ? 158 PRO A C   1 
ATOM   1128 O  O   . PRO A 1 161 ? -9.063  -18.512 3.036   1.00 79.59 ? 158 PRO A O   1 
ATOM   1129 C  CB  . PRO A 1 161 ? -10.438 -19.362 0.415   1.00 78.13 ? 158 PRO A CB  1 
ATOM   1130 C  CG  . PRO A 1 161 ? -9.008  -19.214 -0.084  1.00 77.64 ? 158 PRO A CG  1 
ATOM   1131 C  CD  . PRO A 1 161 ? -8.808  -17.715 -0.233  1.00 77.01 ? 158 PRO A CD  1 
ATOM   1132 N  N   . ARG A 1 162 ? -11.227 -18.358 3.643   1.00 82.26 ? 159 ARG A N   1 
ATOM   1133 C  CA  . ARG A 1 162 ? -10.987 -18.634 5.048   1.00 84.21 ? 159 ARG A CA  1 
ATOM   1134 C  C   . ARG A 1 162 ? -10.987 -20.152 5.235   1.00 85.27 ? 159 ARG A C   1 
ATOM   1135 O  O   . ARG A 1 162 ? -11.338 -20.899 4.308   1.00 85.46 ? 159 ARG A O   1 
ATOM   1136 C  CB  . ARG A 1 162 ? -12.098 -18.003 5.894   1.00 84.37 ? 159 ARG A CB  1 
ATOM   1137 C  CG  . ARG A 1 162 ? -13.477 -18.556 5.548   1.00 84.61 ? 159 ARG A CG  1 
ATOM   1138 C  CD  . ARG A 1 162 ? -14.520 -18.172 6.550   1.00 85.03 ? 159 ARG A CD  1 
ATOM   1139 N  NE  . ARG A 1 162 ? -14.966 -16.796 6.359   1.00 85.50 ? 159 ARG A NE  1 
ATOM   1140 C  CZ  . ARG A 1 162 ? -16.165 -16.342 6.714   1.00 85.71 ? 159 ARG A CZ  1 
ATOM   1141 N  NH1 . ARG A 1 162 ? -16.486 -15.070 6.507   1.00 85.88 ? 159 ARG A NH1 1 
ATOM   1142 N  NH2 . ARG A 1 162 ? -17.052 -17.159 7.272   1.00 85.91 ? 159 ARG A NH2 1 
ATOM   1143 N  N   . GLN A 1 163 ? -10.561 -20.590 6.415   1.00 86.42 ? 160 GLN A N   1 
ATOM   1144 C  CA  . GLN A 1 163 ? -10.880 -21.917 6.933   1.00 87.40 ? 160 GLN A CA  1 
ATOM   1145 C  C   . GLN A 1 163 ? -10.807 -21.932 8.451   1.00 87.83 ? 160 GLN A C   1 
ATOM   1146 O  O   . GLN A 1 163 ? -10.243 -21.031 9.054   1.00 87.65 ? 160 GLN A O   1 
ATOM   1147 C  CB  . GLN A 1 163 ? -9.916  -22.953 6.354   1.00 87.56 ? 160 GLN A CB  1 
ATOM   1148 C  CG  . GLN A 1 163 ? -10.320 -24.388 6.585   1.00 87.54 ? 160 GLN A CG  1 
ATOM   1149 C  CD  . GLN A 1 163 ? -10.799 -25.087 5.334   1.00 87.50 ? 160 GLN A CD  1 
ATOM   1150 O  OE1 . GLN A 1 163 ? -10.925 -24.484 4.271   1.00 87.47 ? 160 GLN A OE1 1 
ATOM   1151 N  NE2 . GLN A 1 163 ? -11.083 -26.373 5.460   1.00 87.32 ? 160 GLN A NE2 1 
ATOM   1152 N  N   . SER A 1 164 ? -11.381 -22.973 9.051   1.00 88.50 ? 161 SER A N   1 
ATOM   1153 C  CA  . SER A 1 164 ? -11.419 -23.161 10.509  1.00 89.13 ? 161 SER A CA  1 
ATOM   1154 C  C   . SER A 1 164 ? -10.143 -22.710 11.217  1.00 89.31 ? 161 SER A C   1 
ATOM   1155 O  O   . SER A 1 164 ? -9.038  -23.176 10.920  1.00 89.58 ? 161 SER A O   1 
ATOM   1156 C  CB  . SER A 1 164 ? -11.799 -24.602 10.888  1.00 89.55 ? 161 SER A CB  1 
ATOM   1157 O  OG  . SER A 1 164 ? -11.054 -25.555 10.148  1.00 90.08 ? 161 SER A OG  1 
ATOM   1158 N  N   . GLY A 1 165 ? -10.337 -21.796 12.165  1.00 89.25 ? 162 GLY A N   1 
ATOM   1159 C  CA  . GLY A 1 165 ? -9.273  -20.972 12.725  1.00 88.76 ? 162 GLY A CA  1 
ATOM   1160 C  C   . GLY A 1 165 ? -9.815  -19.556 12.820  1.00 88.24 ? 162 GLY A C   1 
ATOM   1161 O  O   . GLY A 1 165 ? -9.717  -18.921 13.875  1.00 88.56 ? 162 GLY A O   1 
ATOM   1162 N  N   . GLN A 1 166 ? -10.398 -19.072 11.719  1.00 87.16 ? 163 GLN A N   1 
ATOM   1163 C  CA  . GLN A 1 166 ? -11.115 -17.793 11.702  1.00 85.79 ? 163 GLN A CA  1 
ATOM   1164 C  C   . GLN A 1 166 ? -12.448 -17.843 10.929  1.00 83.71 ? 163 GLN A C   1 
ATOM   1165 O  O   . GLN A 1 166 ? -12.511 -18.364 9.811   1.00 83.66 ? 163 GLN A O   1 
ATOM   1166 C  CB  . GLN A 1 166 ? -10.212 -16.659 11.182  1.00 87.00 ? 163 GLN A CB  1 
ATOM   1167 C  CG  . GLN A 1 166 ? -9.031  -16.242 12.120  1.00 88.06 ? 163 GLN A CG  1 
ATOM   1168 C  CD  . GLN A 1 166 ? -9.454  -15.836 13.556  1.00 88.71 ? 163 GLN A CD  1 
ATOM   1169 O  OE1 . GLN A 1 166 ? -8.764  -16.157 14.531  1.00 88.78 ? 163 GLN A OE1 1 
ATOM   1170 N  NE2 . GLN A 1 166 ? -10.580 -15.131 13.679  1.00 89.07 ? 163 GLN A NE2 1 
ATOM   1171 N  N   . ARG A 1 167 ? -13.505 -17.310 11.549  1.00 81.01 ? 164 ARG A N   1 
ATOM   1172 C  CA  . ARG A 1 167 ? -14.808 -17.124 10.899  1.00 78.44 ? 164 ARG A CA  1 
ATOM   1173 C  C   . ARG A 1 167 ? -15.041 -15.646 10.491  1.00 76.76 ? 164 ARG A C   1 
ATOM   1174 O  O   . ARG A 1 167 ? -16.125 -15.091 10.706  1.00 76.59 ? 164 ARG A O   1 
ATOM   1175 C  CB  . ARG A 1 167 ? -15.964 -17.668 11.780  1.00 78.70 ? 164 ARG A CB  1 
ATOM   1176 C  CG  . ARG A 1 167 ? -16.193 -19.204 11.727  1.00 78.25 ? 164 ARG A CG  1 
ATOM   1177 C  CD  . ARG A 1 167 ? -17.580 -19.619 12.254  1.00 78.06 ? 164 ARG A CD  1 
ATOM   1178 N  NE  . ARG A 1 167 ? -17.614 -19.878 13.702  1.00 78.05 ? 164 ARG A NE  1 
ATOM   1179 C  CZ  . ARG A 1 167 ? -18.044 -21.007 14.283  1.00 78.09 ? 164 ARG A CZ  1 
ATOM   1180 N  NH1 . ARG A 1 167 ? -18.031 -21.123 15.606  1.00 77.89 ? 164 ARG A NH1 1 
ATOM   1181 N  NH2 . ARG A 1 167 ? -18.503 -22.023 13.559  1.00 78.08 ? 164 ARG A NH2 1 
ATOM   1182 N  N   . GLU A 1 168 ? -14.002 -15.022 9.922   1.00 74.45 ? 165 GLU A N   1 
ATOM   1183 C  CA  . GLU A 1 168 ? -14.085 -13.714 9.240   1.00 72.55 ? 165 GLU A CA  1 
ATOM   1184 C  C   . GLU A 1 168 ? -13.272 -13.712 7.937   1.00 70.18 ? 165 GLU A C   1 
ATOM   1185 O  O   . GLU A 1 168 ? -12.108 -14.147 7.913   1.00 70.32 ? 165 GLU A O   1 
ATOM   1186 C  CB  . GLU A 1 168 ? -13.622 -12.556 10.142  1.00 73.01 ? 165 GLU A CB  1 
ATOM   1187 C  CG  . GLU A 1 168 ? -14.718 -11.504 10.455  1.00 73.92 ? 165 GLU A CG  1 
ATOM   1188 C  CD  . GLU A 1 168 ? -14.172 -10.214 11.109  1.00 74.20 ? 165 GLU A CD  1 
ATOM   1189 O  OE1 . GLU A 1 168 ? -14.123 -9.142  10.439  1.00 74.17 ? 165 GLU A OE1 1 
ATOM   1190 O  OE2 . GLU A 1 168 ? -13.787 -10.275 12.297  1.00 74.83 ? 165 GLU A OE2 1 
ATOM   1191 N  N   . ASP A 1 169 ? -13.893 -13.232 6.860   1.00 66.90 ? 166 ASP A N   1 
ATOM   1192 C  CA  . ASP A 1 169 ? -13.230 -13.069 5.567   1.00 64.07 ? 166 ASP A CA  1 
ATOM   1193 C  C   . ASP A 1 169 ? -11.944 -12.252 5.668   1.00 62.17 ? 166 ASP A C   1 
ATOM   1194 O  O   . ASP A 1 169 ? -11.857 -11.310 6.458   1.00 61.40 ? 166 ASP A O   1 
ATOM   1195 C  CB  . ASP A 1 169 ? -14.170 -12.379 4.587   1.00 64.15 ? 166 ASP A CB  1 
ATOM   1196 C  CG  . ASP A 1 169 ? -15.339 -13.244 4.206   1.00 65.30 ? 166 ASP A CG  1 
ATOM   1197 O  OD1 . ASP A 1 169 ? -15.170 -14.492 4.160   1.00 65.11 ? 166 ASP A OD1 1 
ATOM   1198 O  OD2 . ASP A 1 169 ? -16.431 -12.677 3.953   1.00 65.80 ? 166 ASP A OD2 1 
ATOM   1199 N  N   . ARG A 1 170 ? -10.949 -12.623 4.870   1.00 59.37 ? 167 ARG A N   1 
ATOM   1200 C  CA  . ARG A 1 170 ? -9.738  -11.825 4.754   1.00 57.53 ? 167 ARG A CA  1 
ATOM   1201 C  C   . ARG A 1 170 ? -9.533  -11.387 3.325   1.00 55.79 ? 167 ARG A C   1 
ATOM   1202 O  O   . ARG A 1 170 ? -9.887  -12.114 2.412   1.00 55.89 ? 167 ARG A O   1 
ATOM   1203 C  CB  . ARG A 1 170 ? -8.535  -12.582 5.276   1.00 57.49 ? 167 ARG A CB  1 
ATOM   1204 C  CG  . ARG A 1 170 ? -8.454  -12.489 6.759   1.00 58.77 ? 167 ARG A CG  1 
ATOM   1205 C  CD  . ARG A 1 170 ? -7.337  -13.309 7.308   1.00 60.82 ? 167 ARG A CD  1 
ATOM   1206 N  NE  . ARG A 1 170 ? -7.542  -13.503 8.742   1.00 63.25 ? 167 ARG A NE  1 
ATOM   1207 C  CZ  . ARG A 1 170 ? -6.853  -12.866 9.688   1.00 63.84 ? 167 ARG A CZ  1 
ATOM   1208 N  NH1 . ARG A 1 170 ? -5.893  -12.005 9.331   1.00 62.88 ? 167 ARG A NH1 1 
ATOM   1209 N  NH2 . ARG A 1 170 ? -7.115  -13.113 10.984  1.00 63.40 ? 167 ARG A NH2 1 
ATOM   1210 N  N   . TYR A 1 171 ? -9.006  -10.177 3.147   1.00 54.16 ? 168 TYR A N   1 
ATOM   1211 C  CA  . TYR A 1 171 ? -8.755  -9.613  1.826   1.00 52.49 ? 168 TYR A CA  1 
ATOM   1212 C  C   . TYR A 1 171 ? -7.283  -9.370  1.654   1.00 53.28 ? 168 TYR A C   1 
ATOM   1213 O  O   . TYR A 1 171 ? -6.582  -9.079  2.620   1.00 53.73 ? 168 TYR A O   1 
ATOM   1214 C  CB  . TYR A 1 171 ? -9.509  -8.301  1.646   1.00 50.33 ? 168 TYR A CB  1 
ATOM   1215 C  CG  . TYR A 1 171 ? -11.031 -8.434  1.690   1.00 49.11 ? 168 TYR A CG  1 
ATOM   1216 C  CD1 . TYR A 1 171 ? -11.775 -8.458  0.515   1.00 47.64 ? 168 TYR A CD1 1 
ATOM   1217 C  CD2 . TYR A 1 171 ? -11.709 -8.525  2.920   1.00 47.96 ? 168 TYR A CD2 1 
ATOM   1218 C  CE1 . TYR A 1 171 ? -13.193 -8.558  0.552   1.00 48.88 ? 168 TYR A CE1 1 
ATOM   1219 C  CE2 . TYR A 1 171 ? -13.091 -8.636  2.972   1.00 49.12 ? 168 TYR A CE2 1 
ATOM   1220 C  CZ  . TYR A 1 171 ? -13.824 -8.652  1.787   1.00 49.04 ? 168 TYR A CZ  1 
ATOM   1221 O  OH  . TYR A 1 171 ? -15.180 -8.748  1.854   1.00 51.02 ? 168 TYR A OH  1 
HETATM 1222 N  N   . MSE A 1 172 ? -6.827  -9.490  0.415   1.00 54.51 ? 169 MSE A N   1 
HETATM 1223 C  CA  . MSE A 1 172 ? -5.430  -9.355  0.066   1.00 56.22 ? 169 MSE A CA  1 
HETATM 1224 C  C   . MSE A 1 172 ? -5.347  -8.634  -1.285  1.00 56.67 ? 169 MSE A C   1 
HETATM 1225 O  O   . MSE A 1 172 ? -6.266  -8.729  -2.099  1.00 57.92 ? 169 MSE A O   1 
HETATM 1226 C  CB  . MSE A 1 172 ? -4.771  -10.731 -0.016  1.00 58.40 ? 169 MSE A CB  1 
HETATM 1227 C  CG  . MSE A 1 172 ? -3.313  -10.697 -0.411  1.00 60.74 ? 169 MSE A CG  1 
HETATM 1228 SE SE  . MSE A 1 172 ? -2.183  -9.625  0.809   0.90 66.35 ? 169 MSE A SE  1 
HETATM 1229 C  CE  . MSE A 1 172 ? -0.472  -9.879  -0.115  1.00 60.71 ? 169 MSE A CE  1 
ATOM   1230 N  N   . HIS A 1 173 ? -4.263  -7.890  -1.488  1.00 55.69 ? 170 HIS A N   1 
ATOM   1231 C  CA  . HIS A 1 173 ? -4.025  -7.139  -2.715  1.00 54.32 ? 170 HIS A CA  1 
ATOM   1232 C  C   . HIS A 1 173 ? -3.381  -8.027  -3.784  1.00 54.57 ? 170 HIS A C   1 
ATOM   1233 O  O   . HIS A 1 173 ? -2.666  -8.995  -3.470  1.00 54.77 ? 170 HIS A O   1 
ATOM   1234 C  CB  . HIS A 1 173 ? -3.116  -5.943  -2.410  1.00 52.29 ? 170 HIS A CB  1 
ATOM   1235 C  CG  . HIS A 1 173 ? -1.721  -6.333  -1.996  1.00 51.71 ? 170 HIS A CG  1 
ATOM   1236 N  ND1 . HIS A 1 173 ? -0.712  -6.568  -2.916  1.00 50.28 ? 170 HIS A ND1 1 
ATOM   1237 C  CD2 . HIS A 1 173 ? -1.162  -6.519  -0.765  1.00 50.58 ? 170 HIS A CD2 1 
ATOM   1238 C  CE1 . HIS A 1 173 ? 0.404   -6.890  -2.273  1.00 48.01 ? 170 HIS A CE1 1 
ATOM   1239 N  NE2 . HIS A 1 173 ? 0.158   -6.869  -0.970  1.00 48.32 ? 170 HIS A NE2 1 
ATOM   1240 N  N   . LEU A 1 174 ? -3.603  -7.679  -5.043  1.00 53.45 ? 171 LEU A N   1 
ATOM   1241 C  CA  . LEU A 1 174 ? -3.054  -8.444  -6.138  1.00 53.43 ? 171 LEU A CA  1 
ATOM   1242 C  C   . LEU A 1 174 ? -1.956  -7.702  -6.904  1.00 53.80 ? 171 LEU A C   1 
ATOM   1243 O  O   . LEU A 1 174 ? -1.812  -7.844  -8.118  1.00 53.98 ? 171 LEU A O   1 
ATOM   1244 C  CB  . LEU A 1 174 ? -4.195  -8.844  -7.079  1.00 53.21 ? 171 LEU A CB  1 
ATOM   1245 C  CG  . LEU A 1 174 ? -5.094  -9.925  -6.487  1.00 52.86 ? 171 LEU A CG  1 
ATOM   1246 C  CD1 . LEU A 1 174 ? -6.156  -10.257 -7.476  1.00 50.43 ? 171 LEU A CD1 1 
ATOM   1247 C  CD2 . LEU A 1 174 ? -4.256  -11.174 -6.059  1.00 51.79 ? 171 LEU A CD2 1 
ATOM   1248 N  N   . ILE A 1 175 ? -1.151  -6.942  -6.179  1.00 56.38 ? 172 ILE A N   1 
ATOM   1249 C  CA  . ILE A 1 175 ? -0.200  -6.007  -6.786  1.00 57.08 ? 172 ILE A CA  1 
ATOM   1250 C  C   . ILE A 1 175 ? 1.221   -6.569  -6.679  1.00 57.39 ? 172 ILE A C   1 
ATOM   1251 O  O   . ILE A 1 175 ? 2.107   -6.190  -7.462  1.00 56.88 ? 172 ILE A O   1 
ATOM   1252 C  CB  . ILE A 1 175 ? -0.342  -4.590  -6.116  1.00 59.30 ? 172 ILE A CB  1 
ATOM   1253 C  CG1 . ILE A 1 175 ? -0.955  -3.599  -7.063  1.00 61.36 ? 172 ILE A CG1 1 
ATOM   1254 C  CG2 . ILE A 1 175 ? 0.981   -4.001  -5.656  1.00 59.39 ? 172 ILE A CG2 1 
ATOM   1255 C  CD1 . ILE A 1 175 ? -2.379  -4.018  -7.588  1.00 65.02 ? 172 ILE A CD1 1 
ATOM   1256 N  N   . GLY A 1 176 ? 1.404   -7.505  -5.739  1.00 56.49 ? 173 GLY A N   1 
ATOM   1257 C  CA  . GLY A 1 176 ? 2.707   -8.133  -5.472  1.00 53.56 ? 173 GLY A CA  1 
ATOM   1258 C  C   . GLY A 1 176 ? 2.986   -9.432  -6.218  1.00 53.78 ? 173 GLY A C   1 
ATOM   1259 O  O   . GLY A 1 176 ? 2.354   -9.740  -7.230  1.00 54.19 ? 173 GLY A O   1 
ATOM   1260 N  N   . ASP A 1 177 ? 3.985   -10.169 -5.736  1.00 52.87 ? 174 ASP A N   1 
ATOM   1261 C  CA  . ASP A 1 177 ? 4.403   -11.428 -6.328  1.00 54.01 ? 174 ASP A CA  1 
ATOM   1262 C  C   . ASP A 1 177 ? 3.277   -12.447 -6.154  1.00 54.67 ? 174 ASP A C   1 
ATOM   1263 O  O   . ASP A 1 177 ? 2.922   -12.790 -5.023  1.00 55.78 ? 174 ASP A O   1 
ATOM   1264 C  CB  . ASP A 1 177 ? 5.684   -11.926 -5.642  1.00 54.65 ? 174 ASP A CB  1 
ATOM   1265 C  CG  . ASP A 1 177 ? 6.273   -13.130 -6.319  1.00 55.13 ? 174 ASP A CG  1 
ATOM   1266 O  OD1 . ASP A 1 177 ? 5.617   -13.728 -7.198  1.00 55.78 ? 174 ASP A OD1 1 
ATOM   1267 O  OD2 . ASP A 1 177 ? 7.408   -13.482 -5.971  1.00 56.04 ? 174 ASP A OD2 1 
ATOM   1268 N  N   . PRO A 1 178 ? 2.711   -12.934 -7.265  1.00 53.75 ? 175 PRO A N   1 
ATOM   1269 C  CA  . PRO A 1 178 ? 1.534   -13.790 -7.120  1.00 53.94 ? 175 PRO A CA  1 
ATOM   1270 C  C   . PRO A 1 178 ? 1.841   -15.148 -6.463  1.00 54.05 ? 175 PRO A C   1 
ATOM   1271 O  O   . PRO A 1 178 ? 0.917   -15.810 -5.981  1.00 53.80 ? 175 PRO A O   1 
ATOM   1272 C  CB  . PRO A 1 178 ? 1.040   -13.952 -8.574  1.00 53.14 ? 175 PRO A CB  1 
ATOM   1273 C  CG  . PRO A 1 178 ? 2.249   -13.757 -9.394  1.00 52.49 ? 175 PRO A CG  1 
ATOM   1274 C  CD  . PRO A 1 178 ? 3.098   -12.756 -8.676  1.00 53.02 ? 175 PRO A CD  1 
ATOM   1275 N  N   . GLU A 1 179 ? 3.123   -15.532 -6.449  1.00 54.05 ? 176 GLU A N   1 
ATOM   1276 C  CA  . GLU A 1 179 ? 3.593   -16.759 -5.812  1.00 53.66 ? 176 GLU A CA  1 
ATOM   1277 C  C   . GLU A 1 179 ? 3.561   -16.658 -4.288  1.00 54.94 ? 176 GLU A C   1 
ATOM   1278 O  O   . GLU A 1 179 ? 3.663   -17.672 -3.616  1.00 56.20 ? 176 GLU A O   1 
ATOM   1279 C  CB  . GLU A 1 179 ? 5.003   -17.158 -6.279  1.00 51.69 ? 176 GLU A CB  1 
ATOM   1280 C  CG  . GLU A 1 179 ? 5.121   -17.537 -7.751  1.00 52.19 ? 176 GLU A CG  1 
ATOM   1281 C  CD  . GLU A 1 179 ? 6.517   -18.025 -8.161  1.00 52.60 ? 176 GLU A CD  1 
ATOM   1282 O  OE1 . GLU A 1 179 ? 7.427   -18.175 -7.298  1.00 53.42 ? 176 GLU A OE1 1 
ATOM   1283 O  OE2 . GLU A 1 179 ? 6.714   -18.286 -9.365  1.00 51.00 ? 176 GLU A OE2 1 
ATOM   1284 N  N   . ASP A 1 180 ? 3.427   -15.453 -3.744  1.00 55.92 ? 177 ASP A N   1 
ATOM   1285 C  CA  . ASP A 1 180 ? 3.244   -15.291 -2.298  1.00 57.67 ? 177 ASP A CA  1 
ATOM   1286 C  C   . ASP A 1 180 ? 1.878   -15.795 -1.855  1.00 56.60 ? 177 ASP A C   1 
ATOM   1287 O  O   . ASP A 1 180 ? 1.705   -16.234 -0.707  1.00 56.08 ? 177 ASP A O   1 
ATOM   1288 C  CB  . ASP A 1 180 ? 3.315   -13.827 -1.892  1.00 59.96 ? 177 ASP A CB  1 
ATOM   1289 C  CG  . ASP A 1 180 ? 4.700   -13.241 -2.005  1.00 60.32 ? 177 ASP A CG  1 
ATOM   1290 O  OD1 . ASP A 1 180 ? 5.725   -13.962 -1.924  1.00 59.51 ? 177 ASP A OD1 1 
ATOM   1291 O  OD2 . ASP A 1 180 ? 4.720   -12.003 -2.180  1.00 62.05 ? 177 ASP A OD2 1 
ATOM   1292 N  N   . LEU A 1 181 ? 0.917   -15.709 -2.766  1.00 53.99 ? 178 LEU A N   1 
ATOM   1293 C  CA  . LEU A 1 181 ? -0.425  -16.221 -2.518  1.00 53.74 ? 178 LEU A CA  1 
ATOM   1294 C  C   . LEU A 1 181 ? -0.597  -17.708 -2.892  1.00 51.66 ? 178 LEU A C   1 
ATOM   1295 O  O   . LEU A 1 181 ? -1.684  -18.257 -2.738  1.00 51.91 ? 178 LEU A O   1 
ATOM   1296 C  CB  . LEU A 1 181 ? -1.478  -15.359 -3.246  1.00 54.61 ? 178 LEU A CB  1 
ATOM   1297 C  CG  . LEU A 1 181 ? -1.758  -13.901 -2.816  1.00 55.46 ? 178 LEU A CG  1 
ATOM   1298 C  CD1 . LEU A 1 181 ? -0.580  -12.947 -2.932  1.00 55.40 ? 178 LEU A CD1 1 
ATOM   1299 C  CD2 . LEU A 1 181 ? -2.854  -13.378 -3.696  1.00 54.76 ? 178 LEU A CD2 1 
ATOM   1300 N  N   . GLN A 1 182 ? 0.468   -18.353 -3.374  1.00 49.55 ? 179 GLN A N   1 
ATOM   1301 C  CA  . GLN A 1 182 ? 0.390   -19.733 -3.845  1.00 46.48 ? 179 GLN A CA  1 
ATOM   1302 C  C   . GLN A 1 182 ? 1.035   -20.660 -2.808  1.00 46.71 ? 179 GLN A C   1 
ATOM   1303 O  O   . GLN A 1 182 ? 2.148   -20.412 -2.376  1.00 44.70 ? 179 GLN A O   1 
ATOM   1304 C  CB  . GLN A 1 182 ? 1.124   -19.860 -5.181  1.00 43.81 ? 179 GLN A CB  1 
ATOM   1305 C  CG  . GLN A 1 182 ? 0.958   -21.177 -5.896  1.00 42.44 ? 179 GLN A CG  1 
ATOM   1306 C  CD  . GLN A 1 182 ? 2.075   -21.475 -6.891  1.00 41.99 ? 179 GLN A CD  1 
ATOM   1307 O  OE1 . GLN A 1 182 ? 3.175   -20.946 -6.781  1.00 41.19 ? 179 GLN A OE1 1 
ATOM   1308 N  NE2 . GLN A 1 182 ? 1.787   -22.328 -7.868  1.00 41.39 ? 179 GLN A NE2 1 
ATOM   1309 N  N   . ASP A 1 183 ? 0.329   -21.735 -2.448  1.00 47.94 ? 180 ASP A N   1 
ATOM   1310 C  CA  . ASP A 1 183 ? 0.852   -22.786 -1.564  1.00 48.54 ? 180 ASP A CA  1 
ATOM   1311 C  C   . ASP A 1 183 ? 1.738   -23.740 -2.323  1.00 48.39 ? 180 ASP A C   1 
ATOM   1312 O  O   . ASP A 1 183 ? 2.576   -24.396 -1.706  1.00 49.17 ? 180 ASP A O   1 
ATOM   1313 C  CB  . ASP A 1 183 ? -0.273  -23.600 -0.889  1.00 49.54 ? 180 ASP A CB  1 
ATOM   1314 C  CG  . ASP A 1 183 ? -1.127  -22.769 0.100   1.00 51.12 ? 180 ASP A CG  1 
ATOM   1315 O  OD1 . ASP A 1 183 ? -2.378  -22.762 -0.094  1.00 50.40 ? 180 ASP A OD1 1 
ATOM   1316 O  OD2 . ASP A 1 183 ? -0.555  -22.153 1.060   1.00 51.24 ? 180 ASP A OD2 1 
HETATM 1317 O  O   . HOH B 2 .   ? 4.708   -4.480  2.972   1.00 41.37 ? 181 HOH A O   1 
HETATM 1318 O  O   . HOH B 2 .   ? 2.847   -8.103  3.691   1.00 48.16 ? 182 HOH A O   1 
HETATM 1319 O  O   . HOH B 2 .   ? -0.244  -9.728  -4.491  1.00 39.56 ? 183 HOH A O   1 
HETATM 1320 O  O   . HOH B 2 .   ? 4.122   -4.066  12.863  1.00 51.50 ? 184 HOH A O   1 
HETATM 1321 O  O   . HOH B 2 .   ? 4.639   -20.772 -4.504  1.00 54.61 ? 185 HOH A O   1 
HETATM 1322 O  O   . HOH B 2 .   ? 6.353   -5.891  1.315   1.00 39.98 ? 186 HOH A O   1 
HETATM 1323 O  O   . HOH B 2 .   ? 4.665   -19.685 -2.222  1.00 64.01 ? 187 HOH A O   1 
HETATM 1324 O  O   . HOH B 2 .   ? 13.418  -2.651  11.614  1.00 56.10 ? 188 HOH A O   1 
HETATM 1325 O  O   . HOH B 2 .   ? 1.696   -7.455  1.439   1.00 46.99 ? 189 HOH A O   1 
HETATM 1326 O  O   . HOH B 2 .   ? 8.933   -2.732  8.847   1.00 41.72 ? 190 HOH A O   1 
HETATM 1327 O  O   . HOH B 2 .   ? 1.571   6.769   10.303  1.00 56.72 ? 191 HOH A O   1 
HETATM 1328 O  O   . HOH B 2 .   ? 13.768  0.230   13.416  1.00 52.81 ? 192 HOH A O   1 
HETATM 1329 O  O   . HOH B 2 .   ? 11.839  2.066   13.641  1.00 48.04 ? 193 HOH A O   1 
HETATM 1330 O  O   . HOH B 2 .   ? -18.142 -15.388 2.302   1.00 65.38 ? 194 HOH A O   1 
HETATM 1331 O  O   . HOH B 2 .   ? -10.504 1.751   -15.146 1.00 61.45 ? 195 HOH A O   1 
HETATM 1332 O  O   . HOH B 2 .   ? 9.581   20.891  -5.442  1.00 66.37 ? 196 HOH A O   1 
HETATM 1333 O  O   . HOH B 2 .   ? 7.190   -14.247 -9.232  1.00 62.32 ? 197 HOH A O   1 
HETATM 1334 O  O   . HOH B 2 .   ? -7.474  8.573   -10.456 1.00 57.80 ? 198 HOH A O   1 
HETATM 1335 O  O   . HOH B 2 .   ? -13.571 1.444   -8.576  1.00 57.65 ? 199 HOH A O   1 
HETATM 1336 O  O   . HOH B 2 .   ? -12.717 7.998   -1.741  1.00 47.47 ? 200 HOH A O   1 
HETATM 1337 O  O   . HOH B 2 .   ? -4.351  -9.581  -11.033 1.00 63.06 ? 201 HOH A O   1 
HETATM 1338 O  O   . HOH B 2 .   ? -3.015  10.839  -18.362 1.00 70.03 ? 202 HOH A O   1 
HETATM 1339 O  O   . HOH B 2 .   ? -2.559  -7.784  10.248  1.00 63.07 ? 203 HOH A O   1 
HETATM 1340 O  O   . HOH B 2 .   ? 0.792   -8.632  -8.966  1.00 59.64 ? 204 HOH A O   1 
HETATM 1341 O  O   . HOH B 2 .   ? -10.153 -13.735 10.399  1.00 73.43 ? 205 HOH A O   1 
HETATM 1342 O  O   . HOH B 2 .   ? -2.842  8.585   0.880   1.00 46.75 ? 206 HOH A O   1 
# 
